data_1C3Z
# 
_entry.id   1C3Z 
# 
_audit_conform.dict_name       mmcif_pdbx.dic 
_audit_conform.dict_version    5.399 
_audit_conform.dict_location   http://mmcif.pdb.org/dictionaries/ascii/mmcif_pdbx.dic 
# 
loop_
_database_2.database_id 
_database_2.database_code 
_database_2.pdbx_database_accession 
_database_2.pdbx_DOI 
PDB   1C3Z         pdb_00001c3z 10.2210/pdb1c3z/pdb 
RCSB  RCSB001275   ?            ?                   
WWPDB D_1000001275 ?            ?                   
# 
loop_
_pdbx_audit_revision_history.ordinal 
_pdbx_audit_revision_history.data_content_type 
_pdbx_audit_revision_history.major_revision 
_pdbx_audit_revision_history.minor_revision 
_pdbx_audit_revision_history.revision_date 
1 'Structure model' 1 0 1999-11-10 
2 'Structure model' 1 1 2008-04-26 
3 'Structure model' 1 2 2011-07-13 
4 'Structure model' 1 3 2022-02-16 
5 'Structure model' 1 4 2023-12-27 
6 'Structure model' 1 5 2024-11-20 
# 
_pdbx_audit_revision_details.ordinal             1 
_pdbx_audit_revision_details.revision_ordinal    1 
_pdbx_audit_revision_details.data_content_type   'Structure model' 
_pdbx_audit_revision_details.provider            repository 
_pdbx_audit_revision_details.type                'Initial release' 
_pdbx_audit_revision_details.description         ? 
_pdbx_audit_revision_details.details             ? 
# 
loop_
_pdbx_audit_revision_group.ordinal 
_pdbx_audit_revision_group.revision_ordinal 
_pdbx_audit_revision_group.data_content_type 
_pdbx_audit_revision_group.group 
1 2 'Structure model' 'Version format compliance' 
2 3 'Structure model' 'Version format compliance' 
3 4 'Structure model' 'Data collection'           
4 4 'Structure model' 'Database references'       
5 4 'Structure model' 'Derived calculations'      
6 5 'Structure model' 'Data collection'           
7 6 'Structure model' 'Structure summary'         
# 
loop_
_pdbx_audit_revision_category.ordinal 
_pdbx_audit_revision_category.revision_ordinal 
_pdbx_audit_revision_category.data_content_type 
_pdbx_audit_revision_category.category 
1 4 'Structure model' database_2                
2 4 'Structure model' pdbx_nmr_software         
3 4 'Structure model' pdbx_struct_assembly      
4 4 'Structure model' pdbx_struct_oper_list     
5 5 'Structure model' chem_comp_atom            
6 5 'Structure model' chem_comp_bond            
7 6 'Structure model' pdbx_entry_details        
8 6 'Structure model' pdbx_modification_feature 
# 
loop_
_pdbx_audit_revision_item.ordinal 
_pdbx_audit_revision_item.revision_ordinal 
_pdbx_audit_revision_item.data_content_type 
_pdbx_audit_revision_item.item 
1 4 'Structure model' '_database_2.pdbx_DOI'                
2 4 'Structure model' '_database_2.pdbx_database_accession' 
3 4 'Structure model' '_pdbx_nmr_software.name'             
# 
_pdbx_database_status.status_code                     REL 
_pdbx_database_status.entry_id                        1C3Z 
_pdbx_database_status.recvd_initial_deposition_date   1999-07-10 
_pdbx_database_status.deposit_site                    RCSB 
_pdbx_database_status.process_site                    NDB 
_pdbx_database_status.SG_entry                        . 
_pdbx_database_status.pdb_format_compatible           Y 
_pdbx_database_status.status_code_mr                  ? 
_pdbx_database_status.status_code_sf                  ? 
_pdbx_database_status.status_code_cs                  ? 
_pdbx_database_status.status_code_nmr_data            ? 
_pdbx_database_status.methods_development_category    ? 
# 
_audit_author.name           'Soennichsen, F.D.' 
_audit_author.pdbx_ordinal   1 
# 
loop_
_citation.id 
_citation.title 
_citation.journal_abbrev 
_citation.journal_volume 
_citation.page_first 
_citation.page_last 
_citation.year 
_citation.journal_id_ASTM 
_citation.country 
_citation.journal_id_ISSN 
_citation.journal_id_CSD 
_citation.book_publisher 
_citation.pdbx_database_id_PubMed 
_citation.pdbx_database_id_DOI 
primary 'A new class of hexahelical insect proteins revealed as putative carriers of small hydrophobic ligands.' 
'Structure Fold.Des.' 7  1325  1332  1999 FODEFH UK 0969-2126 1263 ? 10574794 '10.1016/S0969-2126(00)80022-2' 
1       'Backbone Structure and Dynamics of a Hemolymph Protein from the Mealworm Beetle Tenebrio molitor'       Biochemistry 11 
13791 13801 1997 BICHAW US 0006-2960 0033 ? ?        10.1021/bi971529k               
# 
loop_
_citation_author.citation_id 
_citation_author.name 
_citation_author.ordinal 
_citation_author.identifier_ORCID 
primary 'Rothemund, S.'     1 ? 
primary 'Liou, Y.C.'        2 ? 
primary 'Davies, P.L.'      3 ? 
primary 'Krause, E.'        4 ? 
primary 'Sonnichsen, F.D.'  5 ? 
1       'Rothemund, S'      6 ? 
1       'Liou, Y.-C.'       7 ? 
1       'Davies, P.L.'      8 ? 
1       'Soennichsen, F.D.' 9 ? 
# 
_entity.id                         1 
_entity.type                       polymer 
_entity.src_method                 man 
_entity.pdbx_description           'THP12 CARRIER PROTEIN' 
_entity.formula_weight             12334.801 
_entity.pdbx_number_of_molecules   1 
_entity.pdbx_ec                    ? 
_entity.pdbx_mutation              ? 
_entity.pdbx_fragment              ? 
_entity.details                    ? 
# 
_entity_poly.entity_id                      1 
_entity_poly.type                           'polypeptide(L)' 
_entity_poly.nstd_linkage                   no 
_entity_poly.nstd_monomer                   no 
_entity_poly.pdbx_seq_one_letter_code       
;ETPREKLKQHSDACKAESGVSEESLNKVRNREEVDDPKLKEHAFCILKRAGFIDASGEFQLDHIKTKFKENSEHPEKVDD
LVAKCAVKKDTPQHSSADFFKCVHDNRS
;
_entity_poly.pdbx_seq_one_letter_code_can   
;ETPREKLKQHSDACKAESGVSEESLNKVRNREEVDDPKLKEHAFCILKRAGFIDASGEFQLDHIKTKFKENSEHPEKVDD
LVAKCAVKKDTPQHSSADFFKCVHDNRS
;
_entity_poly.pdbx_strand_id                 A 
_entity_poly.pdbx_target_identifier         ? 
# 
loop_
_entity_poly_seq.entity_id 
_entity_poly_seq.num 
_entity_poly_seq.mon_id 
_entity_poly_seq.hetero 
1 1   GLU n 
1 2   THR n 
1 3   PRO n 
1 4   ARG n 
1 5   GLU n 
1 6   LYS n 
1 7   LEU n 
1 8   LYS n 
1 9   GLN n 
1 10  HIS n 
1 11  SER n 
1 12  ASP n 
1 13  ALA n 
1 14  CYS n 
1 15  LYS n 
1 16  ALA n 
1 17  GLU n 
1 18  SER n 
1 19  GLY n 
1 20  VAL n 
1 21  SER n 
1 22  GLU n 
1 23  GLU n 
1 24  SER n 
1 25  LEU n 
1 26  ASN n 
1 27  LYS n 
1 28  VAL n 
1 29  ARG n 
1 30  ASN n 
1 31  ARG n 
1 32  GLU n 
1 33  GLU n 
1 34  VAL n 
1 35  ASP n 
1 36  ASP n 
1 37  PRO n 
1 38  LYS n 
1 39  LEU n 
1 40  LYS n 
1 41  GLU n 
1 42  HIS n 
1 43  ALA n 
1 44  PHE n 
1 45  CYS n 
1 46  ILE n 
1 47  LEU n 
1 48  LYS n 
1 49  ARG n 
1 50  ALA n 
1 51  GLY n 
1 52  PHE n 
1 53  ILE n 
1 54  ASP n 
1 55  ALA n 
1 56  SER n 
1 57  GLY n 
1 58  GLU n 
1 59  PHE n 
1 60  GLN n 
1 61  LEU n 
1 62  ASP n 
1 63  HIS n 
1 64  ILE n 
1 65  LYS n 
1 66  THR n 
1 67  LYS n 
1 68  PHE n 
1 69  LYS n 
1 70  GLU n 
1 71  ASN n 
1 72  SER n 
1 73  GLU n 
1 74  HIS n 
1 75  PRO n 
1 76  GLU n 
1 77  LYS n 
1 78  VAL n 
1 79  ASP n 
1 80  ASP n 
1 81  LEU n 
1 82  VAL n 
1 83  ALA n 
1 84  LYS n 
1 85  CYS n 
1 86  ALA n 
1 87  VAL n 
1 88  LYS n 
1 89  LYS n 
1 90  ASP n 
1 91  THR n 
1 92  PRO n 
1 93  GLN n 
1 94  HIS n 
1 95  SER n 
1 96  SER n 
1 97  ALA n 
1 98  ASP n 
1 99  PHE n 
1 100 PHE n 
1 101 LYS n 
1 102 CYS n 
1 103 VAL n 
1 104 HIS n 
1 105 ASP n 
1 106 ASN n 
1 107 ARG n 
1 108 SER n 
# 
_entity_src_gen.entity_id                          1 
_entity_src_gen.pdbx_src_id                        1 
_entity_src_gen.pdbx_alt_source_flag               sample 
_entity_src_gen.pdbx_seq_type                      ? 
_entity_src_gen.pdbx_beg_seq_num                   ? 
_entity_src_gen.pdbx_end_seq_num                   ? 
_entity_src_gen.gene_src_common_name               'yellow mealworm' 
_entity_src_gen.gene_src_genus                     Tenebrio 
_entity_src_gen.pdbx_gene_src_gene                 ? 
_entity_src_gen.gene_src_species                   ? 
_entity_src_gen.gene_src_strain                    ? 
_entity_src_gen.gene_src_tissue                    ? 
_entity_src_gen.gene_src_tissue_fraction           ? 
_entity_src_gen.gene_src_details                   ? 
_entity_src_gen.pdbx_gene_src_fragment             ? 
_entity_src_gen.pdbx_gene_src_scientific_name      'Tenebrio molitor' 
_entity_src_gen.pdbx_gene_src_ncbi_taxonomy_id     7067 
_entity_src_gen.pdbx_gene_src_variant              ? 
_entity_src_gen.pdbx_gene_src_cell_line            ? 
_entity_src_gen.pdbx_gene_src_atcc                 ? 
_entity_src_gen.pdbx_gene_src_organ                ? 
_entity_src_gen.pdbx_gene_src_organelle            ? 
_entity_src_gen.pdbx_gene_src_cell                 ? 
_entity_src_gen.pdbx_gene_src_cellular_location    ? 
_entity_src_gen.host_org_common_name               ? 
_entity_src_gen.pdbx_host_org_scientific_name      'Escherichia coli BL21(DE3)' 
_entity_src_gen.pdbx_host_org_ncbi_taxonomy_id     469008 
_entity_src_gen.host_org_genus                     Escherichia 
_entity_src_gen.pdbx_host_org_gene                 ? 
_entity_src_gen.pdbx_host_org_organ                ? 
_entity_src_gen.host_org_species                   'Escherichia coli' 
_entity_src_gen.pdbx_host_org_tissue               ? 
_entity_src_gen.pdbx_host_org_tissue_fraction      ? 
_entity_src_gen.pdbx_host_org_strain               'BL21(DE3)' 
_entity_src_gen.pdbx_host_org_variant              ? 
_entity_src_gen.pdbx_host_org_cell_line            ? 
_entity_src_gen.pdbx_host_org_atcc                 ? 
_entity_src_gen.pdbx_host_org_culture_collection   ? 
_entity_src_gen.pdbx_host_org_cell                 ? 
_entity_src_gen.pdbx_host_org_organelle            ? 
_entity_src_gen.pdbx_host_org_cellular_location    ? 
_entity_src_gen.pdbx_host_org_vector_type          ? 
_entity_src_gen.pdbx_host_org_vector               ? 
_entity_src_gen.host_org_details                   ? 
_entity_src_gen.expression_system_id               ? 
_entity_src_gen.plasmid_name                       PET20B 
_entity_src_gen.plasmid_details                    ? 
_entity_src_gen.pdbx_description                   'THIS SEQUENCE OCCURS NATURALLY IN YELLOW MEAL WORM' 
# 
loop_
_chem_comp.id 
_chem_comp.type 
_chem_comp.mon_nstd_flag 
_chem_comp.name 
_chem_comp.pdbx_synonyms 
_chem_comp.formula 
_chem_comp.formula_weight 
ALA 'L-peptide linking' y ALANINE         ? 'C3 H7 N O2'     89.093  
ARG 'L-peptide linking' y ARGININE        ? 'C6 H15 N4 O2 1' 175.209 
ASN 'L-peptide linking' y ASPARAGINE      ? 'C4 H8 N2 O3'    132.118 
ASP 'L-peptide linking' y 'ASPARTIC ACID' ? 'C4 H7 N O4'     133.103 
CYS 'L-peptide linking' y CYSTEINE        ? 'C3 H7 N O2 S'   121.158 
GLN 'L-peptide linking' y GLUTAMINE       ? 'C5 H10 N2 O3'   146.144 
GLU 'L-peptide linking' y 'GLUTAMIC ACID' ? 'C5 H9 N O4'     147.129 
GLY 'peptide linking'   y GLYCINE         ? 'C2 H5 N O2'     75.067  
HIS 'L-peptide linking' y HISTIDINE       ? 'C6 H10 N3 O2 1' 156.162 
ILE 'L-peptide linking' y ISOLEUCINE      ? 'C6 H13 N O2'    131.173 
LEU 'L-peptide linking' y LEUCINE         ? 'C6 H13 N O2'    131.173 
LYS 'L-peptide linking' y LYSINE          ? 'C6 H15 N2 O2 1' 147.195 
PHE 'L-peptide linking' y PHENYLALANINE   ? 'C9 H11 N O2'    165.189 
PRO 'L-peptide linking' y PROLINE         ? 'C5 H9 N O2'     115.130 
SER 'L-peptide linking' y SERINE          ? 'C3 H7 N O3'     105.093 
THR 'L-peptide linking' y THREONINE       ? 'C4 H9 N O3'     119.119 
VAL 'L-peptide linking' y VALINE          ? 'C5 H11 N O2'    117.146 
# 
loop_
_pdbx_poly_seq_scheme.asym_id 
_pdbx_poly_seq_scheme.entity_id 
_pdbx_poly_seq_scheme.seq_id 
_pdbx_poly_seq_scheme.mon_id 
_pdbx_poly_seq_scheme.ndb_seq_num 
_pdbx_poly_seq_scheme.pdb_seq_num 
_pdbx_poly_seq_scheme.auth_seq_num 
_pdbx_poly_seq_scheme.pdb_mon_id 
_pdbx_poly_seq_scheme.auth_mon_id 
_pdbx_poly_seq_scheme.pdb_strand_id 
_pdbx_poly_seq_scheme.pdb_ins_code 
_pdbx_poly_seq_scheme.hetero 
A 1 1   GLU 1   1   1   GLU GLU A . n 
A 1 2   THR 2   2   2   THR THR A . n 
A 1 3   PRO 3   3   3   PRO PRO A . n 
A 1 4   ARG 4   4   4   ARG ARG A . n 
A 1 5   GLU 5   5   5   GLU GLU A . n 
A 1 6   LYS 6   6   6   LYS LYS A . n 
A 1 7   LEU 7   7   7   LEU LEU A . n 
A 1 8   LYS 8   8   8   LYS LYS A . n 
A 1 9   GLN 9   9   9   GLN GLN A . n 
A 1 10  HIS 10  10  10  HIS HIS A . n 
A 1 11  SER 11  11  11  SER SER A . n 
A 1 12  ASP 12  12  12  ASP ASP A . n 
A 1 13  ALA 13  13  13  ALA ALA A . n 
A 1 14  CYS 14  14  14  CYS CYS A . n 
A 1 15  LYS 15  15  15  LYS LYS A . n 
A 1 16  ALA 16  16  16  ALA ALA A . n 
A 1 17  GLU 17  17  17  GLU GLU A . n 
A 1 18  SER 18  18  18  SER SER A . n 
A 1 19  GLY 19  19  19  GLY GLY A . n 
A 1 20  VAL 20  20  20  VAL VAL A . n 
A 1 21  SER 21  21  21  SER SER A . n 
A 1 22  GLU 22  22  22  GLU GLU A . n 
A 1 23  GLU 23  23  23  GLU GLU A . n 
A 1 24  SER 24  24  24  SER SER A . n 
A 1 25  LEU 25  25  25  LEU LEU A . n 
A 1 26  ASN 26  26  26  ASN ASN A . n 
A 1 27  LYS 27  27  27  LYS LYS A . n 
A 1 28  VAL 28  28  28  VAL VAL A . n 
A 1 29  ARG 29  29  29  ARG ARG A . n 
A 1 30  ASN 30  30  30  ASN ASN A . n 
A 1 31  ARG 31  31  31  ARG ARG A . n 
A 1 32  GLU 32  32  32  GLU GLU A . n 
A 1 33  GLU 33  33  33  GLU GLU A . n 
A 1 34  VAL 34  34  34  VAL VAL A . n 
A 1 35  ASP 35  35  35  ASP ASP A . n 
A 1 36  ASP 36  36  36  ASP ASP A . n 
A 1 37  PRO 37  37  37  PRO PRO A . n 
A 1 38  LYS 38  38  38  LYS LYS A . n 
A 1 39  LEU 39  39  39  LEU LEU A . n 
A 1 40  LYS 40  40  40  LYS LYS A . n 
A 1 41  GLU 41  41  41  GLU GLU A . n 
A 1 42  HIS 42  42  42  HIS HIS A . n 
A 1 43  ALA 43  43  43  ALA ALA A . n 
A 1 44  PHE 44  44  44  PHE PHE A . n 
A 1 45  CYS 45  45  45  CYS CYS A . n 
A 1 46  ILE 46  46  46  ILE ILE A . n 
A 1 47  LEU 47  47  47  LEU LEU A . n 
A 1 48  LYS 48  48  48  LYS LYS A . n 
A 1 49  ARG 49  49  49  ARG ARG A . n 
A 1 50  ALA 50  50  50  ALA ALA A . n 
A 1 51  GLY 51  51  51  GLY GLY A . n 
A 1 52  PHE 52  52  52  PHE PHE A . n 
A 1 53  ILE 53  53  53  ILE ILE A . n 
A 1 54  ASP 54  54  54  ASP ASP A . n 
A 1 55  ALA 55  55  55  ALA ALA A . n 
A 1 56  SER 56  56  56  SER SER A . n 
A 1 57  GLY 57  57  57  GLY GLY A . n 
A 1 58  GLU 58  58  58  GLU GLU A . n 
A 1 59  PHE 59  59  59  PHE PHE A . n 
A 1 60  GLN 60  60  60  GLN GLN A . n 
A 1 61  LEU 61  61  61  LEU LEU A . n 
A 1 62  ASP 62  62  62  ASP ASP A . n 
A 1 63  HIS 63  63  63  HIS HIS A . n 
A 1 64  ILE 64  64  64  ILE ILE A . n 
A 1 65  LYS 65  65  65  LYS LYS A . n 
A 1 66  THR 66  66  66  THR THR A . n 
A 1 67  LYS 67  67  67  LYS LYS A . n 
A 1 68  PHE 68  68  68  PHE PHE A . n 
A 1 69  LYS 69  69  69  LYS LYS A . n 
A 1 70  GLU 70  70  70  GLU GLU A . n 
A 1 71  ASN 71  71  71  ASN ASN A . n 
A 1 72  SER 72  72  72  SER SER A . n 
A 1 73  GLU 73  73  73  GLU GLU A . n 
A 1 74  HIS 74  74  74  HIS HIS A . n 
A 1 75  PRO 75  75  75  PRO PRO A . n 
A 1 76  GLU 76  76  76  GLU GLU A . n 
A 1 77  LYS 77  77  77  LYS LYS A . n 
A 1 78  VAL 78  78  78  VAL VAL A . n 
A 1 79  ASP 79  79  79  ASP ASP A . n 
A 1 80  ASP 80  80  80  ASP ASP A . n 
A 1 81  LEU 81  81  81  LEU LEU A . n 
A 1 82  VAL 82  82  82  VAL VAL A . n 
A 1 83  ALA 83  83  83  ALA ALA A . n 
A 1 84  LYS 84  84  84  LYS LYS A . n 
A 1 85  CYS 85  85  85  CYS CYS A . n 
A 1 86  ALA 86  86  86  ALA ALA A . n 
A 1 87  VAL 87  87  87  VAL VAL A . n 
A 1 88  LYS 88  88  88  LYS LYS A . n 
A 1 89  LYS 89  89  89  LYS LYS A . n 
A 1 90  ASP 90  90  90  ASP ASP A . n 
A 1 91  THR 91  91  91  THR THR A . n 
A 1 92  PRO 92  92  92  PRO PRO A . n 
A 1 93  GLN 93  93  93  GLN GLN A . n 
A 1 94  HIS 94  94  94  HIS HIS A . n 
A 1 95  SER 95  95  95  SER SER A . n 
A 1 96  SER 96  96  96  SER SER A . n 
A 1 97  ALA 97  97  97  ALA ALA A . n 
A 1 98  ASP 98  98  98  ASP ASP A . n 
A 1 99  PHE 99  99  99  PHE PHE A . n 
A 1 100 PHE 100 100 100 PHE PHE A . n 
A 1 101 LYS 101 101 101 LYS LYS A . n 
A 1 102 CYS 102 102 102 CYS CYS A . n 
A 1 103 VAL 103 103 103 VAL VAL A . n 
A 1 104 HIS 104 104 104 HIS HIS A . n 
A 1 105 ASP 105 105 105 ASP ASP A . n 
A 1 106 ASN 106 106 106 ASN ASN A . n 
A 1 107 ARG 107 107 107 ARG ARG A . n 
A 1 108 SER 108 108 108 SER SER A . n 
# 
_cell.entry_id           1C3Z 
_cell.length_a           1.000 
_cell.length_b           1.000 
_cell.length_c           1.000 
_cell.angle_alpha        90.00 
_cell.angle_beta         90.00 
_cell.angle_gamma        90.00 
_cell.Z_PDB              1 
_cell.pdbx_unique_axis   ? 
# 
_symmetry.entry_id                         1C3Z 
_symmetry.space_group_name_H-M             'P 1' 
_symmetry.pdbx_full_space_group_name_H-M   ? 
_symmetry.cell_setting                     ? 
_symmetry.Int_Tables_number                1 
# 
_exptl.entry_id          1C3Z 
_exptl.method            'SOLUTION NMR' 
_exptl.crystals_number   ? 
# 
_struct.entry_id                  1C3Z 
_struct.title                     'THP12-CARRIER PROTEIN FROM YELLOW MEAL WORM' 
_struct.pdbx_model_details        ? 
_struct.pdbx_CASP_flag            ? 
_struct.pdbx_model_type_details   ? 
# 
_struct_keywords.entry_id        1C3Z 
_struct_keywords.pdbx_keywords   'ANTIFREEZE PROTEIN' 
_struct_keywords.text            'EF-HAND, ALL-ALPHA, antifreeze PROTEIN' 
# 
_struct_asym.id                            A 
_struct_asym.pdbx_blank_PDB_chainid_flag   N 
_struct_asym.pdbx_modified                 N 
_struct_asym.entity_id                     1 
_struct_asym.details                       ? 
# 
_struct_ref.id                         1 
_struct_ref.db_name                    UNP 
_struct_ref.db_code                    Q27011_TENMO 
_struct_ref.entity_id                  1 
_struct_ref.pdbx_db_accession          Q27011 
_struct_ref.pdbx_db_isoform            ? 
_struct_ref.pdbx_seq_one_letter_code   ? 
_struct_ref.pdbx_align_begin           ? 
# 
_struct_ref_seq.align_id                      1 
_struct_ref_seq.ref_id                        1 
_struct_ref_seq.pdbx_PDB_id_code              1C3Z 
_struct_ref_seq.pdbx_strand_id                A 
_struct_ref_seq.seq_align_beg                 1 
_struct_ref_seq.pdbx_seq_align_beg_ins_code   ? 
_struct_ref_seq.seq_align_end                 108 
_struct_ref_seq.pdbx_seq_align_end_ins_code   ? 
_struct_ref_seq.pdbx_db_accession             Q27011 
_struct_ref_seq.db_align_beg                  19 
_struct_ref_seq.pdbx_db_align_beg_ins_code    ? 
_struct_ref_seq.db_align_end                  126 
_struct_ref_seq.pdbx_db_align_end_ins_code    ? 
_struct_ref_seq.pdbx_auth_seq_align_beg       1 
_struct_ref_seq.pdbx_auth_seq_align_end       108 
# 
_pdbx_struct_assembly.id                   1 
_pdbx_struct_assembly.details              author_defined_assembly 
_pdbx_struct_assembly.method_details       ? 
_pdbx_struct_assembly.oligomeric_details   monomeric 
_pdbx_struct_assembly.oligomeric_count     1 
# 
_pdbx_struct_assembly_gen.assembly_id       1 
_pdbx_struct_assembly_gen.oper_expression   1 
_pdbx_struct_assembly_gen.asym_id_list      A 
# 
_pdbx_struct_oper_list.id                   1 
_pdbx_struct_oper_list.type                 'identity operation' 
_pdbx_struct_oper_list.name                 1_555 
_pdbx_struct_oper_list.symmetry_operation   x,y,z 
_pdbx_struct_oper_list.matrix[1][1]         1.0000000000 
_pdbx_struct_oper_list.matrix[1][2]         0.0000000000 
_pdbx_struct_oper_list.matrix[1][3]         0.0000000000 
_pdbx_struct_oper_list.vector[1]            0.0000000000 
_pdbx_struct_oper_list.matrix[2][1]         0.0000000000 
_pdbx_struct_oper_list.matrix[2][2]         1.0000000000 
_pdbx_struct_oper_list.matrix[2][3]         0.0000000000 
_pdbx_struct_oper_list.vector[2]            0.0000000000 
_pdbx_struct_oper_list.matrix[3][1]         0.0000000000 
_pdbx_struct_oper_list.matrix[3][2]         0.0000000000 
_pdbx_struct_oper_list.matrix[3][3]         1.0000000000 
_pdbx_struct_oper_list.vector[3]            0.0000000000 
# 
_struct_biol.id   1 
# 
loop_
_struct_conf.conf_type_id 
_struct_conf.id 
_struct_conf.pdbx_PDB_helix_id 
_struct_conf.beg_label_comp_id 
_struct_conf.beg_label_asym_id 
_struct_conf.beg_label_seq_id 
_struct_conf.pdbx_beg_PDB_ins_code 
_struct_conf.end_label_comp_id 
_struct_conf.end_label_asym_id 
_struct_conf.end_label_seq_id 
_struct_conf.pdbx_end_PDB_ins_code 
_struct_conf.beg_auth_comp_id 
_struct_conf.beg_auth_asym_id 
_struct_conf.beg_auth_seq_id 
_struct_conf.end_auth_comp_id 
_struct_conf.end_auth_asym_id 
_struct_conf.end_auth_seq_id 
_struct_conf.pdbx_PDB_helix_class 
_struct_conf.details 
_struct_conf.pdbx_PDB_helix_length 
HELX_P HELX_P1 1 ALA A 13 ? GLU A 17  ? ALA A 13 GLU A 17  5 ? 5  
HELX_P HELX_P2 2 GLU A 23 ? VAL A 28  ? GLU A 23 VAL A 28  1 ? 6  
HELX_P HELX_P3 3 ASP A 36 ? GLY A 51  ? ASP A 36 GLY A 51  1 ? 16 
HELX_P HELX_P4 4 GLN A 60 ? GLU A 70  ? GLN A 60 GLU A 70  1 ? 11 
HELX_P HELX_P5 5 LYS A 77 ? ALA A 86  ? LYS A 77 ALA A 86  1 ? 10 
HELX_P HELX_P6 6 THR A 91 ? VAL A 103 ? THR A 91 VAL A 103 1 ? 13 
# 
_struct_conf_type.id          HELX_P 
_struct_conf_type.criteria    ? 
_struct_conf_type.reference   ? 
# 
loop_
_struct_conn.id 
_struct_conn.conn_type_id 
_struct_conn.pdbx_leaving_atom_flag 
_struct_conn.pdbx_PDB_id 
_struct_conn.ptnr1_label_asym_id 
_struct_conn.ptnr1_label_comp_id 
_struct_conn.ptnr1_label_seq_id 
_struct_conn.ptnr1_label_atom_id 
_struct_conn.pdbx_ptnr1_label_alt_id 
_struct_conn.pdbx_ptnr1_PDB_ins_code 
_struct_conn.pdbx_ptnr1_standard_comp_id 
_struct_conn.ptnr1_symmetry 
_struct_conn.ptnr2_label_asym_id 
_struct_conn.ptnr2_label_comp_id 
_struct_conn.ptnr2_label_seq_id 
_struct_conn.ptnr2_label_atom_id 
_struct_conn.pdbx_ptnr2_label_alt_id 
_struct_conn.pdbx_ptnr2_PDB_ins_code 
_struct_conn.ptnr1_auth_asym_id 
_struct_conn.ptnr1_auth_comp_id 
_struct_conn.ptnr1_auth_seq_id 
_struct_conn.ptnr2_auth_asym_id 
_struct_conn.ptnr2_auth_comp_id 
_struct_conn.ptnr2_auth_seq_id 
_struct_conn.ptnr2_symmetry 
_struct_conn.pdbx_ptnr3_label_atom_id 
_struct_conn.pdbx_ptnr3_label_seq_id 
_struct_conn.pdbx_ptnr3_label_comp_id 
_struct_conn.pdbx_ptnr3_label_asym_id 
_struct_conn.pdbx_ptnr3_label_alt_id 
_struct_conn.pdbx_ptnr3_PDB_ins_code 
_struct_conn.details 
_struct_conn.pdbx_dist_value 
_struct_conn.pdbx_value_order 
_struct_conn.pdbx_role 
disulf1 disulf ? ? A CYS 14 SG ? ? ? 1_555 A CYS 45  SG ? ? A CYS 14 A CYS 45  1_555 ? ? ? ? ? ? ? 2.017 ? ? 
disulf2 disulf ? ? A CYS 85 SG ? ? ? 1_555 A CYS 102 SG ? ? A CYS 85 A CYS 102 1_555 ? ? ? ? ? ? ? 2.018 ? ? 
# 
_struct_conn_type.id          disulf 
_struct_conn_type.criteria    ? 
_struct_conn_type.reference   ? 
# 
loop_
_pdbx_modification_feature.ordinal 
_pdbx_modification_feature.label_comp_id 
_pdbx_modification_feature.label_asym_id 
_pdbx_modification_feature.label_seq_id 
_pdbx_modification_feature.label_alt_id 
_pdbx_modification_feature.modified_residue_label_comp_id 
_pdbx_modification_feature.modified_residue_label_asym_id 
_pdbx_modification_feature.modified_residue_label_seq_id 
_pdbx_modification_feature.modified_residue_label_alt_id 
_pdbx_modification_feature.auth_comp_id 
_pdbx_modification_feature.auth_asym_id 
_pdbx_modification_feature.auth_seq_id 
_pdbx_modification_feature.PDB_ins_code 
_pdbx_modification_feature.symmetry 
_pdbx_modification_feature.modified_residue_auth_comp_id 
_pdbx_modification_feature.modified_residue_auth_asym_id 
_pdbx_modification_feature.modified_residue_auth_seq_id 
_pdbx_modification_feature.modified_residue_PDB_ins_code 
_pdbx_modification_feature.modified_residue_symmetry 
_pdbx_modification_feature.comp_id_linking_atom 
_pdbx_modification_feature.modified_residue_id_linking_atom 
_pdbx_modification_feature.modified_residue_id 
_pdbx_modification_feature.ref_pcm_id 
_pdbx_modification_feature.ref_comp_id 
_pdbx_modification_feature.type 
_pdbx_modification_feature.category 
1 CYS A 14 ? CYS A 45  ? CYS A 14 ? 1_555 CYS A 45  ? 1_555 SG SG . . . None 'Disulfide bridge' 
2 CYS A 85 ? CYS A 102 ? CYS A 85 ? 1_555 CYS A 102 ? 1_555 SG SG . . . None 'Disulfide bridge' 
# 
_pdbx_entry_details.entry_id                   1C3Z 
_pdbx_entry_details.compound_details           ? 
_pdbx_entry_details.source_details             ? 
_pdbx_entry_details.nonpolymer_details         ? 
_pdbx_entry_details.sequence_details           ? 
_pdbx_entry_details.has_ligand_of_interest     ? 
_pdbx_entry_details.has_protein_modification   Y 
# 
loop_
_pdbx_validate_torsion.id 
_pdbx_validate_torsion.PDB_model_num 
_pdbx_validate_torsion.auth_comp_id 
_pdbx_validate_torsion.auth_asym_id 
_pdbx_validate_torsion.auth_seq_id 
_pdbx_validate_torsion.PDB_ins_code 
_pdbx_validate_torsion.label_alt_id 
_pdbx_validate_torsion.phi 
_pdbx_validate_torsion.psi 
1  1 THR A 2   ? ? 48.35   95.27  
2  1 ARG A 4   ? ? 68.52   -68.30 
3  1 LYS A 6   ? ? 60.17   64.51  
4  1 GLN A 9   ? ? 60.96   104.23 
5  1 GLU A 17  ? ? -150.47 -53.93 
6  1 GLU A 23  ? ? -126.99 -67.07 
7  1 GLU A 33  ? ? 61.00   106.79 
8  1 PHE A 52  ? ? -101.95 -67.73 
9  1 ASN A 71  ? ? 60.88   91.56  
10 1 GLU A 76  ? ? -179.94 -37.98 
11 1 ALA A 86  ? ? -88.10  36.39  
12 1 PHE A 100 ? ? -96.29  42.66  
13 1 LYS A 101 ? ? -158.49 -55.59 
14 1 ASP A 105 ? ? -99.21  34.90  
# 
loop_
_pdbx_validate_planes.id 
_pdbx_validate_planes.PDB_model_num 
_pdbx_validate_planes.auth_comp_id 
_pdbx_validate_planes.auth_asym_id 
_pdbx_validate_planes.auth_seq_id 
_pdbx_validate_planes.PDB_ins_code 
_pdbx_validate_planes.label_alt_id 
_pdbx_validate_planes.rmsd 
_pdbx_validate_planes.type 
1 1 ARG A 4   ? ? 0.306 'SIDE CHAIN' 
2 1 ARG A 29  ? ? 0.226 'SIDE CHAIN' 
3 1 ARG A 31  ? ? 0.191 'SIDE CHAIN' 
4 1 ARG A 49  ? ? 0.237 'SIDE CHAIN' 
5 1 ARG A 107 ? ? 0.270 'SIDE CHAIN' 
# 
_pdbx_nmr_ensemble.entry_id                             1C3Z 
_pdbx_nmr_ensemble.conformers_calculated_total_number   ? 
_pdbx_nmr_ensemble.conformers_submitted_total_number    1 
_pdbx_nmr_ensemble.conformer_selection_criteria         ? 
# 
loop_
_pdbx_nmr_sample_details.solution_id 
_pdbx_nmr_sample_details.contents 
_pdbx_nmr_sample_details.solvent_system 
1 '1MM PROTEIN, N15- OR N15/C13-DOUBLE LABELED' ? 
2 '1MM PROTEIN, N15- OR N15/C13-DOUBLE LABELED' ? 
# 
loop_
_pdbx_nmr_exptl_sample_conditions.conditions_id 
_pdbx_nmr_exptl_sample_conditions.temperature 
_pdbx_nmr_exptl_sample_conditions.pressure 
_pdbx_nmr_exptl_sample_conditions.pH 
_pdbx_nmr_exptl_sample_conditions.ionic_strength 
_pdbx_nmr_exptl_sample_conditions.pressure_units 
_pdbx_nmr_exptl_sample_conditions.temperature_units 
1 25 AMBIENT 6.9 'NO SALT' ? K 
2 25 AMBIENT 6.9 'NO SALT' ? K 
# 
loop_
_pdbx_nmr_exptl.experiment_id 
_pdbx_nmr_exptl.conditions_id 
_pdbx_nmr_exptl.type 
_pdbx_nmr_exptl.solution_id 
1 1 3D_15N-SEPARATED_NOESY 1 
2 1 3D_13C-SEPARATED_NOESY 1 
3 1 4D_13C-SEPARATED_NOESY 1 
4 1 CBCACONNH              1 
5 1 HNCACB                 1 
6 1 HNHA                   1 
# 
_pdbx_nmr_refine.entry_id           1C3Z 
_pdbx_nmr_refine.method             'MINIMIZED AVERAGE STRUCTURE OF ENSEMBLE OF 23 STRUCTURES' 
_pdbx_nmr_refine.details            ? 
_pdbx_nmr_refine.software_ordinal   1 
# 
loop_
_pdbx_nmr_software.classification 
_pdbx_nmr_software.name 
_pdbx_nmr_software.version 
_pdbx_nmr_software.authors 
_pdbx_nmr_software.ordinal 
processing           NMRPipe SGI6X.M4 'DELAGLIO, F. ET AL.' 1 
'data analysis'      PIPP    3.6.8    'GARRET, D. ET AL.'   2 
'structure solution' X-PLOR  3.81     BRUENGER              3 
refinement           X-PLOR  3.81     BRUENGER              4 
# 
loop_
_chem_comp_atom.comp_id 
_chem_comp_atom.atom_id 
_chem_comp_atom.type_symbol 
_chem_comp_atom.pdbx_aromatic_flag 
_chem_comp_atom.pdbx_stereo_config 
_chem_comp_atom.pdbx_ordinal 
ALA N    N N N 1   
ALA CA   C N S 2   
ALA C    C N N 3   
ALA O    O N N 4   
ALA CB   C N N 5   
ALA OXT  O N N 6   
ALA H    H N N 7   
ALA H2   H N N 8   
ALA HA   H N N 9   
ALA HB1  H N N 10  
ALA HB2  H N N 11  
ALA HB3  H N N 12  
ALA HXT  H N N 13  
ARG N    N N N 14  
ARG CA   C N S 15  
ARG C    C N N 16  
ARG O    O N N 17  
ARG CB   C N N 18  
ARG CG   C N N 19  
ARG CD   C N N 20  
ARG NE   N N N 21  
ARG CZ   C N N 22  
ARG NH1  N N N 23  
ARG NH2  N N N 24  
ARG OXT  O N N 25  
ARG H    H N N 26  
ARG H2   H N N 27  
ARG HA   H N N 28  
ARG HB2  H N N 29  
ARG HB3  H N N 30  
ARG HG2  H N N 31  
ARG HG3  H N N 32  
ARG HD2  H N N 33  
ARG HD3  H N N 34  
ARG HE   H N N 35  
ARG HH11 H N N 36  
ARG HH12 H N N 37  
ARG HH21 H N N 38  
ARG HH22 H N N 39  
ARG HXT  H N N 40  
ASN N    N N N 41  
ASN CA   C N S 42  
ASN C    C N N 43  
ASN O    O N N 44  
ASN CB   C N N 45  
ASN CG   C N N 46  
ASN OD1  O N N 47  
ASN ND2  N N N 48  
ASN OXT  O N N 49  
ASN H    H N N 50  
ASN H2   H N N 51  
ASN HA   H N N 52  
ASN HB2  H N N 53  
ASN HB3  H N N 54  
ASN HD21 H N N 55  
ASN HD22 H N N 56  
ASN HXT  H N N 57  
ASP N    N N N 58  
ASP CA   C N S 59  
ASP C    C N N 60  
ASP O    O N N 61  
ASP CB   C N N 62  
ASP CG   C N N 63  
ASP OD1  O N N 64  
ASP OD2  O N N 65  
ASP OXT  O N N 66  
ASP H    H N N 67  
ASP H2   H N N 68  
ASP HA   H N N 69  
ASP HB2  H N N 70  
ASP HB3  H N N 71  
ASP HD2  H N N 72  
ASP HXT  H N N 73  
CYS N    N N N 74  
CYS CA   C N R 75  
CYS C    C N N 76  
CYS O    O N N 77  
CYS CB   C N N 78  
CYS SG   S N N 79  
CYS OXT  O N N 80  
CYS H    H N N 81  
CYS H2   H N N 82  
CYS HA   H N N 83  
CYS HB2  H N N 84  
CYS HB3  H N N 85  
CYS HG   H N N 86  
CYS HXT  H N N 87  
GLN N    N N N 88  
GLN CA   C N S 89  
GLN C    C N N 90  
GLN O    O N N 91  
GLN CB   C N N 92  
GLN CG   C N N 93  
GLN CD   C N N 94  
GLN OE1  O N N 95  
GLN NE2  N N N 96  
GLN OXT  O N N 97  
GLN H    H N N 98  
GLN H2   H N N 99  
GLN HA   H N N 100 
GLN HB2  H N N 101 
GLN HB3  H N N 102 
GLN HG2  H N N 103 
GLN HG3  H N N 104 
GLN HE21 H N N 105 
GLN HE22 H N N 106 
GLN HXT  H N N 107 
GLU N    N N N 108 
GLU CA   C N S 109 
GLU C    C N N 110 
GLU O    O N N 111 
GLU CB   C N N 112 
GLU CG   C N N 113 
GLU CD   C N N 114 
GLU OE1  O N N 115 
GLU OE2  O N N 116 
GLU OXT  O N N 117 
GLU H    H N N 118 
GLU H2   H N N 119 
GLU HA   H N N 120 
GLU HB2  H N N 121 
GLU HB3  H N N 122 
GLU HG2  H N N 123 
GLU HG3  H N N 124 
GLU HE2  H N N 125 
GLU HXT  H N N 126 
GLY N    N N N 127 
GLY CA   C N N 128 
GLY C    C N N 129 
GLY O    O N N 130 
GLY OXT  O N N 131 
GLY H    H N N 132 
GLY H2   H N N 133 
GLY HA2  H N N 134 
GLY HA3  H N N 135 
GLY HXT  H N N 136 
HIS N    N N N 137 
HIS CA   C N S 138 
HIS C    C N N 139 
HIS O    O N N 140 
HIS CB   C N N 141 
HIS CG   C Y N 142 
HIS ND1  N Y N 143 
HIS CD2  C Y N 144 
HIS CE1  C Y N 145 
HIS NE2  N Y N 146 
HIS OXT  O N N 147 
HIS H    H N N 148 
HIS H2   H N N 149 
HIS HA   H N N 150 
HIS HB2  H N N 151 
HIS HB3  H N N 152 
HIS HD1  H N N 153 
HIS HD2  H N N 154 
HIS HE1  H N N 155 
HIS HE2  H N N 156 
HIS HXT  H N N 157 
ILE N    N N N 158 
ILE CA   C N S 159 
ILE C    C N N 160 
ILE O    O N N 161 
ILE CB   C N S 162 
ILE CG1  C N N 163 
ILE CG2  C N N 164 
ILE CD1  C N N 165 
ILE OXT  O N N 166 
ILE H    H N N 167 
ILE H2   H N N 168 
ILE HA   H N N 169 
ILE HB   H N N 170 
ILE HG12 H N N 171 
ILE HG13 H N N 172 
ILE HG21 H N N 173 
ILE HG22 H N N 174 
ILE HG23 H N N 175 
ILE HD11 H N N 176 
ILE HD12 H N N 177 
ILE HD13 H N N 178 
ILE HXT  H N N 179 
LEU N    N N N 180 
LEU CA   C N S 181 
LEU C    C N N 182 
LEU O    O N N 183 
LEU CB   C N N 184 
LEU CG   C N N 185 
LEU CD1  C N N 186 
LEU CD2  C N N 187 
LEU OXT  O N N 188 
LEU H    H N N 189 
LEU H2   H N N 190 
LEU HA   H N N 191 
LEU HB2  H N N 192 
LEU HB3  H N N 193 
LEU HG   H N N 194 
LEU HD11 H N N 195 
LEU HD12 H N N 196 
LEU HD13 H N N 197 
LEU HD21 H N N 198 
LEU HD22 H N N 199 
LEU HD23 H N N 200 
LEU HXT  H N N 201 
LYS N    N N N 202 
LYS CA   C N S 203 
LYS C    C N N 204 
LYS O    O N N 205 
LYS CB   C N N 206 
LYS CG   C N N 207 
LYS CD   C N N 208 
LYS CE   C N N 209 
LYS NZ   N N N 210 
LYS OXT  O N N 211 
LYS H    H N N 212 
LYS H2   H N N 213 
LYS HA   H N N 214 
LYS HB2  H N N 215 
LYS HB3  H N N 216 
LYS HG2  H N N 217 
LYS HG3  H N N 218 
LYS HD2  H N N 219 
LYS HD3  H N N 220 
LYS HE2  H N N 221 
LYS HE3  H N N 222 
LYS HZ1  H N N 223 
LYS HZ2  H N N 224 
LYS HZ3  H N N 225 
LYS HXT  H N N 226 
PHE N    N N N 227 
PHE CA   C N S 228 
PHE C    C N N 229 
PHE O    O N N 230 
PHE CB   C N N 231 
PHE CG   C Y N 232 
PHE CD1  C Y N 233 
PHE CD2  C Y N 234 
PHE CE1  C Y N 235 
PHE CE2  C Y N 236 
PHE CZ   C Y N 237 
PHE OXT  O N N 238 
PHE H    H N N 239 
PHE H2   H N N 240 
PHE HA   H N N 241 
PHE HB2  H N N 242 
PHE HB3  H N N 243 
PHE HD1  H N N 244 
PHE HD2  H N N 245 
PHE HE1  H N N 246 
PHE HE2  H N N 247 
PHE HZ   H N N 248 
PHE HXT  H N N 249 
PRO N    N N N 250 
PRO CA   C N S 251 
PRO C    C N N 252 
PRO O    O N N 253 
PRO CB   C N N 254 
PRO CG   C N N 255 
PRO CD   C N N 256 
PRO OXT  O N N 257 
PRO H    H N N 258 
PRO HA   H N N 259 
PRO HB2  H N N 260 
PRO HB3  H N N 261 
PRO HG2  H N N 262 
PRO HG3  H N N 263 
PRO HD2  H N N 264 
PRO HD3  H N N 265 
PRO HXT  H N N 266 
SER N    N N N 267 
SER CA   C N S 268 
SER C    C N N 269 
SER O    O N N 270 
SER CB   C N N 271 
SER OG   O N N 272 
SER OXT  O N N 273 
SER H    H N N 274 
SER H2   H N N 275 
SER HA   H N N 276 
SER HB2  H N N 277 
SER HB3  H N N 278 
SER HG   H N N 279 
SER HXT  H N N 280 
THR N    N N N 281 
THR CA   C N S 282 
THR C    C N N 283 
THR O    O N N 284 
THR CB   C N R 285 
THR OG1  O N N 286 
THR CG2  C N N 287 
THR OXT  O N N 288 
THR H    H N N 289 
THR H2   H N N 290 
THR HA   H N N 291 
THR HB   H N N 292 
THR HG1  H N N 293 
THR HG21 H N N 294 
THR HG22 H N N 295 
THR HG23 H N N 296 
THR HXT  H N N 297 
VAL N    N N N 298 
VAL CA   C N S 299 
VAL C    C N N 300 
VAL O    O N N 301 
VAL CB   C N N 302 
VAL CG1  C N N 303 
VAL CG2  C N N 304 
VAL OXT  O N N 305 
VAL H    H N N 306 
VAL H2   H N N 307 
VAL HA   H N N 308 
VAL HB   H N N 309 
VAL HG11 H N N 310 
VAL HG12 H N N 311 
VAL HG13 H N N 312 
VAL HG21 H N N 313 
VAL HG22 H N N 314 
VAL HG23 H N N 315 
VAL HXT  H N N 316 
# 
loop_
_chem_comp_bond.comp_id 
_chem_comp_bond.atom_id_1 
_chem_comp_bond.atom_id_2 
_chem_comp_bond.value_order 
_chem_comp_bond.pdbx_aromatic_flag 
_chem_comp_bond.pdbx_stereo_config 
_chem_comp_bond.pdbx_ordinal 
ALA N   CA   sing N N 1   
ALA N   H    sing N N 2   
ALA N   H2   sing N N 3   
ALA CA  C    sing N N 4   
ALA CA  CB   sing N N 5   
ALA CA  HA   sing N N 6   
ALA C   O    doub N N 7   
ALA C   OXT  sing N N 8   
ALA CB  HB1  sing N N 9   
ALA CB  HB2  sing N N 10  
ALA CB  HB3  sing N N 11  
ALA OXT HXT  sing N N 12  
ARG N   CA   sing N N 13  
ARG N   H    sing N N 14  
ARG N   H2   sing N N 15  
ARG CA  C    sing N N 16  
ARG CA  CB   sing N N 17  
ARG CA  HA   sing N N 18  
ARG C   O    doub N N 19  
ARG C   OXT  sing N N 20  
ARG CB  CG   sing N N 21  
ARG CB  HB2  sing N N 22  
ARG CB  HB3  sing N N 23  
ARG CG  CD   sing N N 24  
ARG CG  HG2  sing N N 25  
ARG CG  HG3  sing N N 26  
ARG CD  NE   sing N N 27  
ARG CD  HD2  sing N N 28  
ARG CD  HD3  sing N N 29  
ARG NE  CZ   sing N N 30  
ARG NE  HE   sing N N 31  
ARG CZ  NH1  sing N N 32  
ARG CZ  NH2  doub N N 33  
ARG NH1 HH11 sing N N 34  
ARG NH1 HH12 sing N N 35  
ARG NH2 HH21 sing N N 36  
ARG NH2 HH22 sing N N 37  
ARG OXT HXT  sing N N 38  
ASN N   CA   sing N N 39  
ASN N   H    sing N N 40  
ASN N   H2   sing N N 41  
ASN CA  C    sing N N 42  
ASN CA  CB   sing N N 43  
ASN CA  HA   sing N N 44  
ASN C   O    doub N N 45  
ASN C   OXT  sing N N 46  
ASN CB  CG   sing N N 47  
ASN CB  HB2  sing N N 48  
ASN CB  HB3  sing N N 49  
ASN CG  OD1  doub N N 50  
ASN CG  ND2  sing N N 51  
ASN ND2 HD21 sing N N 52  
ASN ND2 HD22 sing N N 53  
ASN OXT HXT  sing N N 54  
ASP N   CA   sing N N 55  
ASP N   H    sing N N 56  
ASP N   H2   sing N N 57  
ASP CA  C    sing N N 58  
ASP CA  CB   sing N N 59  
ASP CA  HA   sing N N 60  
ASP C   O    doub N N 61  
ASP C   OXT  sing N N 62  
ASP CB  CG   sing N N 63  
ASP CB  HB2  sing N N 64  
ASP CB  HB3  sing N N 65  
ASP CG  OD1  doub N N 66  
ASP CG  OD2  sing N N 67  
ASP OD2 HD2  sing N N 68  
ASP OXT HXT  sing N N 69  
CYS N   CA   sing N N 70  
CYS N   H    sing N N 71  
CYS N   H2   sing N N 72  
CYS CA  C    sing N N 73  
CYS CA  CB   sing N N 74  
CYS CA  HA   sing N N 75  
CYS C   O    doub N N 76  
CYS C   OXT  sing N N 77  
CYS CB  SG   sing N N 78  
CYS CB  HB2  sing N N 79  
CYS CB  HB3  sing N N 80  
CYS SG  HG   sing N N 81  
CYS OXT HXT  sing N N 82  
GLN N   CA   sing N N 83  
GLN N   H    sing N N 84  
GLN N   H2   sing N N 85  
GLN CA  C    sing N N 86  
GLN CA  CB   sing N N 87  
GLN CA  HA   sing N N 88  
GLN C   O    doub N N 89  
GLN C   OXT  sing N N 90  
GLN CB  CG   sing N N 91  
GLN CB  HB2  sing N N 92  
GLN CB  HB3  sing N N 93  
GLN CG  CD   sing N N 94  
GLN CG  HG2  sing N N 95  
GLN CG  HG3  sing N N 96  
GLN CD  OE1  doub N N 97  
GLN CD  NE2  sing N N 98  
GLN NE2 HE21 sing N N 99  
GLN NE2 HE22 sing N N 100 
GLN OXT HXT  sing N N 101 
GLU N   CA   sing N N 102 
GLU N   H    sing N N 103 
GLU N   H2   sing N N 104 
GLU CA  C    sing N N 105 
GLU CA  CB   sing N N 106 
GLU CA  HA   sing N N 107 
GLU C   O    doub N N 108 
GLU C   OXT  sing N N 109 
GLU CB  CG   sing N N 110 
GLU CB  HB2  sing N N 111 
GLU CB  HB3  sing N N 112 
GLU CG  CD   sing N N 113 
GLU CG  HG2  sing N N 114 
GLU CG  HG3  sing N N 115 
GLU CD  OE1  doub N N 116 
GLU CD  OE2  sing N N 117 
GLU OE2 HE2  sing N N 118 
GLU OXT HXT  sing N N 119 
GLY N   CA   sing N N 120 
GLY N   H    sing N N 121 
GLY N   H2   sing N N 122 
GLY CA  C    sing N N 123 
GLY CA  HA2  sing N N 124 
GLY CA  HA3  sing N N 125 
GLY C   O    doub N N 126 
GLY C   OXT  sing N N 127 
GLY OXT HXT  sing N N 128 
HIS N   CA   sing N N 129 
HIS N   H    sing N N 130 
HIS N   H2   sing N N 131 
HIS CA  C    sing N N 132 
HIS CA  CB   sing N N 133 
HIS CA  HA   sing N N 134 
HIS C   O    doub N N 135 
HIS C   OXT  sing N N 136 
HIS CB  CG   sing N N 137 
HIS CB  HB2  sing N N 138 
HIS CB  HB3  sing N N 139 
HIS CG  ND1  sing Y N 140 
HIS CG  CD2  doub Y N 141 
HIS ND1 CE1  doub Y N 142 
HIS ND1 HD1  sing N N 143 
HIS CD2 NE2  sing Y N 144 
HIS CD2 HD2  sing N N 145 
HIS CE1 NE2  sing Y N 146 
HIS CE1 HE1  sing N N 147 
HIS NE2 HE2  sing N N 148 
HIS OXT HXT  sing N N 149 
ILE N   CA   sing N N 150 
ILE N   H    sing N N 151 
ILE N   H2   sing N N 152 
ILE CA  C    sing N N 153 
ILE CA  CB   sing N N 154 
ILE CA  HA   sing N N 155 
ILE C   O    doub N N 156 
ILE C   OXT  sing N N 157 
ILE CB  CG1  sing N N 158 
ILE CB  CG2  sing N N 159 
ILE CB  HB   sing N N 160 
ILE CG1 CD1  sing N N 161 
ILE CG1 HG12 sing N N 162 
ILE CG1 HG13 sing N N 163 
ILE CG2 HG21 sing N N 164 
ILE CG2 HG22 sing N N 165 
ILE CG2 HG23 sing N N 166 
ILE CD1 HD11 sing N N 167 
ILE CD1 HD12 sing N N 168 
ILE CD1 HD13 sing N N 169 
ILE OXT HXT  sing N N 170 
LEU N   CA   sing N N 171 
LEU N   H    sing N N 172 
LEU N   H2   sing N N 173 
LEU CA  C    sing N N 174 
LEU CA  CB   sing N N 175 
LEU CA  HA   sing N N 176 
LEU C   O    doub N N 177 
LEU C   OXT  sing N N 178 
LEU CB  CG   sing N N 179 
LEU CB  HB2  sing N N 180 
LEU CB  HB3  sing N N 181 
LEU CG  CD1  sing N N 182 
LEU CG  CD2  sing N N 183 
LEU CG  HG   sing N N 184 
LEU CD1 HD11 sing N N 185 
LEU CD1 HD12 sing N N 186 
LEU CD1 HD13 sing N N 187 
LEU CD2 HD21 sing N N 188 
LEU CD2 HD22 sing N N 189 
LEU CD2 HD23 sing N N 190 
LEU OXT HXT  sing N N 191 
LYS N   CA   sing N N 192 
LYS N   H    sing N N 193 
LYS N   H2   sing N N 194 
LYS CA  C    sing N N 195 
LYS CA  CB   sing N N 196 
LYS CA  HA   sing N N 197 
LYS C   O    doub N N 198 
LYS C   OXT  sing N N 199 
LYS CB  CG   sing N N 200 
LYS CB  HB2  sing N N 201 
LYS CB  HB3  sing N N 202 
LYS CG  CD   sing N N 203 
LYS CG  HG2  sing N N 204 
LYS CG  HG3  sing N N 205 
LYS CD  CE   sing N N 206 
LYS CD  HD2  sing N N 207 
LYS CD  HD3  sing N N 208 
LYS CE  NZ   sing N N 209 
LYS CE  HE2  sing N N 210 
LYS CE  HE3  sing N N 211 
LYS NZ  HZ1  sing N N 212 
LYS NZ  HZ2  sing N N 213 
LYS NZ  HZ3  sing N N 214 
LYS OXT HXT  sing N N 215 
PHE N   CA   sing N N 216 
PHE N   H    sing N N 217 
PHE N   H2   sing N N 218 
PHE CA  C    sing N N 219 
PHE CA  CB   sing N N 220 
PHE CA  HA   sing N N 221 
PHE C   O    doub N N 222 
PHE C   OXT  sing N N 223 
PHE CB  CG   sing N N 224 
PHE CB  HB2  sing N N 225 
PHE CB  HB3  sing N N 226 
PHE CG  CD1  doub Y N 227 
PHE CG  CD2  sing Y N 228 
PHE CD1 CE1  sing Y N 229 
PHE CD1 HD1  sing N N 230 
PHE CD2 CE2  doub Y N 231 
PHE CD2 HD2  sing N N 232 
PHE CE1 CZ   doub Y N 233 
PHE CE1 HE1  sing N N 234 
PHE CE2 CZ   sing Y N 235 
PHE CE2 HE2  sing N N 236 
PHE CZ  HZ   sing N N 237 
PHE OXT HXT  sing N N 238 
PRO N   CA   sing N N 239 
PRO N   CD   sing N N 240 
PRO N   H    sing N N 241 
PRO CA  C    sing N N 242 
PRO CA  CB   sing N N 243 
PRO CA  HA   sing N N 244 
PRO C   O    doub N N 245 
PRO C   OXT  sing N N 246 
PRO CB  CG   sing N N 247 
PRO CB  HB2  sing N N 248 
PRO CB  HB3  sing N N 249 
PRO CG  CD   sing N N 250 
PRO CG  HG2  sing N N 251 
PRO CG  HG3  sing N N 252 
PRO CD  HD2  sing N N 253 
PRO CD  HD3  sing N N 254 
PRO OXT HXT  sing N N 255 
SER N   CA   sing N N 256 
SER N   H    sing N N 257 
SER N   H2   sing N N 258 
SER CA  C    sing N N 259 
SER CA  CB   sing N N 260 
SER CA  HA   sing N N 261 
SER C   O    doub N N 262 
SER C   OXT  sing N N 263 
SER CB  OG   sing N N 264 
SER CB  HB2  sing N N 265 
SER CB  HB3  sing N N 266 
SER OG  HG   sing N N 267 
SER OXT HXT  sing N N 268 
THR N   CA   sing N N 269 
THR N   H    sing N N 270 
THR N   H2   sing N N 271 
THR CA  C    sing N N 272 
THR CA  CB   sing N N 273 
THR CA  HA   sing N N 274 
THR C   O    doub N N 275 
THR C   OXT  sing N N 276 
THR CB  OG1  sing N N 277 
THR CB  CG2  sing N N 278 
THR CB  HB   sing N N 279 
THR OG1 HG1  sing N N 280 
THR CG2 HG21 sing N N 281 
THR CG2 HG22 sing N N 282 
THR CG2 HG23 sing N N 283 
THR OXT HXT  sing N N 284 
VAL N   CA   sing N N 285 
VAL N   H    sing N N 286 
VAL N   H2   sing N N 287 
VAL CA  C    sing N N 288 
VAL CA  CB   sing N N 289 
VAL CA  HA   sing N N 290 
VAL C   O    doub N N 291 
VAL C   OXT  sing N N 292 
VAL CB  CG1  sing N N 293 
VAL CB  CG2  sing N N 294 
VAL CB  HB   sing N N 295 
VAL CG1 HG11 sing N N 296 
VAL CG1 HG12 sing N N 297 
VAL CG1 HG13 sing N N 298 
VAL CG2 HG21 sing N N 299 
VAL CG2 HG22 sing N N 300 
VAL CG2 HG23 sing N N 301 
VAL OXT HXT  sing N N 302 
# 
loop_
_pdbx_nmr_spectrometer.spectrometer_id 
_pdbx_nmr_spectrometer.model 
_pdbx_nmr_spectrometer.manufacturer 
_pdbx_nmr_spectrometer.field_strength 
_pdbx_nmr_spectrometer.type 
1 INOVA Varian 600 ? 
2 INOVA Varian 500 ? 
# 
_atom_sites.entry_id                    1C3Z 
_atom_sites.fract_transf_matrix[1][1]   1.000000 
_atom_sites.fract_transf_matrix[1][2]   0.000000 
_atom_sites.fract_transf_matrix[1][3]   0.000000 
_atom_sites.fract_transf_matrix[2][1]   0.000000 
_atom_sites.fract_transf_matrix[2][2]   1.000000 
_atom_sites.fract_transf_matrix[2][3]   0.000000 
_atom_sites.fract_transf_matrix[3][1]   0.000000 
_atom_sites.fract_transf_matrix[3][2]   0.000000 
_atom_sites.fract_transf_matrix[3][3]   1.000000 
_atom_sites.fract_transf_vector[1]      0.00000 
_atom_sites.fract_transf_vector[2]      0.00000 
_atom_sites.fract_transf_vector[3]      0.00000 
# 
loop_
_atom_type.symbol 
C 
H 
N 
O 
S 
# 
loop_
_atom_site.group_PDB 
_atom_site.id 
_atom_site.type_symbol 
_atom_site.label_atom_id 
_atom_site.label_alt_id 
_atom_site.label_comp_id 
_atom_site.label_asym_id 
_atom_site.label_entity_id 
_atom_site.label_seq_id 
_atom_site.pdbx_PDB_ins_code 
_atom_site.Cartn_x 
_atom_site.Cartn_y 
_atom_site.Cartn_z 
_atom_site.occupancy 
_atom_site.B_iso_or_equiv 
_atom_site.pdbx_formal_charge 
_atom_site.auth_seq_id 
_atom_site.auth_comp_id 
_atom_site.auth_asym_id 
_atom_site.auth_atom_id 
_atom_site.pdbx_PDB_model_num 
ATOM 1    N N    . GLU A 1 1   ? -5.188  -4.543  32.602  1.00 0.00 ? 1   GLU A N    1 
ATOM 2    C CA   . GLU A 1 1   ? -5.676  -5.861  33.095  1.00 0.00 ? 1   GLU A CA   1 
ATOM 3    C C    . GLU A 1 1   ? -6.732  -6.395  32.135  1.00 0.00 ? 1   GLU A C    1 
ATOM 4    O O    . GLU A 1 1   ? -7.846  -5.874  32.065  1.00 0.00 ? 1   GLU A O    1 
ATOM 5    C CB   . GLU A 1 1   ? -6.288  -5.741  34.494  1.00 0.00 ? 1   GLU A CB   1 
ATOM 6    C CG   . GLU A 1 1   ? -6.452  -7.136  35.101  1.00 0.00 ? 1   GLU A CG   1 
ATOM 7    C CD   . GLU A 1 1   ? -5.196  -7.500  35.883  1.00 0.00 ? 1   GLU A CD   1 
ATOM 8    O OE1  . GLU A 1 1   ? -4.156  -7.647  35.262  1.00 0.00 ? 1   GLU A OE1  1 
ATOM 9    O OE2  . GLU A 1 1   ? -5.291  -7.629  37.093  1.00 0.00 ? 1   GLU A OE2  1 
ATOM 10   H H1   . GLU A 1 1   ? -4.488  -4.693  31.848  1.00 0.00 ? 1   GLU A H1   1 
ATOM 11   H H2   . GLU A 1 1   ? -4.746  -4.021  33.387  1.00 0.00 ? 1   GLU A H2   1 
ATOM 12   H H3   . GLU A 1 1   ? -5.987  -3.995  32.226  1.00 0.00 ? 1   GLU A H3   1 
ATOM 13   H HA   . GLU A 1 1   ? -4.848  -6.554  33.130  1.00 0.00 ? 1   GLU A HA   1 
ATOM 14   H HB2  . GLU A 1 1   ? -5.639  -5.148  35.121  1.00 0.00 ? 1   GLU A HB2  1 
ATOM 15   H HB3  . GLU A 1 1   ? -7.255  -5.266  34.423  1.00 0.00 ? 1   GLU A HB3  1 
ATOM 16   H HG2  . GLU A 1 1   ? -7.305  -7.141  35.764  1.00 0.00 ? 1   GLU A HG2  1 
ATOM 17   H HG3  . GLU A 1 1   ? -6.605  -7.856  34.312  1.00 0.00 ? 1   GLU A HG3  1 
ATOM 18   N N    . THR A 1 2   ? -6.367  -7.442  31.392  1.00 0.00 ? 2   THR A N    1 
ATOM 19   C CA   . THR A 1 2   ? -7.281  -8.062  30.423  1.00 0.00 ? 2   THR A CA   1 
ATOM 20   C C    . THR A 1 2   ? -7.948  -7.008  29.528  1.00 0.00 ? 2   THR A C    1 
ATOM 21   O O    . THR A 1 2   ? -8.963  -6.422  29.903  1.00 0.00 ? 2   THR A O    1 
ATOM 22   C CB   . THR A 1 2   ? -8.370  -8.865  31.143  1.00 0.00 ? 2   THR A CB   1 
ATOM 23   O OG1  . THR A 1 2   ? -8.842  -8.134  32.265  1.00 0.00 ? 2   THR A OG1  1 
ATOM 24   C CG2  . THR A 1 2   ? -7.795  -10.203 31.610  1.00 0.00 ? 2   THR A CG2  1 
ATOM 25   H H    . THR A 1 2   ? -5.463  -7.807  31.496  1.00 0.00 ? 2   THR A H    1 
ATOM 26   H HA   . THR A 1 2   ? -6.714  -8.738  29.799  1.00 0.00 ? 2   THR A HA   1 
ATOM 27   H HB   . THR A 1 2   ? -9.188  -9.049  30.464  1.00 0.00 ? 2   THR A HB   1 
ATOM 28   H HG1  . THR A 1 2   ? -9.148  -7.278  31.954  1.00 0.00 ? 2   THR A HG1  1 
ATOM 29   H HG21 . THR A 1 2   ? -7.353  -10.718 30.770  1.00 0.00 ? 2   THR A HG21 1 
ATOM 30   H HG22 . THR A 1 2   ? -8.585  -10.808 32.028  1.00 0.00 ? 2   THR A HG22 1 
ATOM 31   H HG23 . THR A 1 2   ? -7.039  -10.026 32.362  1.00 0.00 ? 2   THR A HG23 1 
ATOM 32   N N    . PRO A 1 3   ? -7.387  -6.754  28.337  1.00 0.00 ? 3   PRO A N    1 
ATOM 33   C CA   . PRO A 1 3   ? -7.945  -5.764  27.402  1.00 0.00 ? 3   PRO A CA   1 
ATOM 34   C C    . PRO A 1 3   ? -9.252  -6.236  26.770  1.00 0.00 ? 3   PRO A C    1 
ATOM 35   O O    . PRO A 1 3   ? -10.168 -5.446  26.544  1.00 0.00 ? 3   PRO A O    1 
ATOM 36   C CB   . PRO A 1 3   ? -6.861  -5.609  26.338  1.00 0.00 ? 3   PRO A CB   1 
ATOM 37   C CG   . PRO A 1 3   ? -6.098  -6.887  26.376  1.00 0.00 ? 3   PRO A CG   1 
ATOM 38   C CD   . PRO A 1 3   ? -6.176  -7.393  27.787  1.00 0.00 ? 3   PRO A CD   1 
ATOM 39   H HA   . PRO A 1 3   ? -8.092  -4.821  27.902  1.00 0.00 ? 3   PRO A HA   1 
ATOM 40   H HB2  . PRO A 1 3   ? -7.311  -5.465  25.365  1.00 0.00 ? 3   PRO A HB2  1 
ATOM 41   H HB3  . PRO A 1 3   ? -6.212  -4.783  26.579  1.00 0.00 ? 3   PRO A HB3  1 
ATOM 42   H HG2  . PRO A 1 3   ? -6.543  -7.603  25.697  1.00 0.00 ? 3   PRO A HG2  1 
ATOM 43   H HG3  . PRO A 1 3   ? -5.067  -6.713  26.107  1.00 0.00 ? 3   PRO A HG3  1 
ATOM 44   H HD2  . PRO A 1 3   ? -6.275  -8.470  27.797  1.00 0.00 ? 3   PRO A HD2  1 
ATOM 45   H HD3  . PRO A 1 3   ? -5.307  -7.085  28.348  1.00 0.00 ? 3   PRO A HD3  1 
ATOM 46   N N    . ARG A 1 4   ? -9.324  -7.540  26.493  1.00 0.00 ? 4   ARG A N    1 
ATOM 47   C CA   . ARG A 1 4   ? -10.520 -8.134  25.886  1.00 0.00 ? 4   ARG A CA   1 
ATOM 48   C C    . ARG A 1 4   ? -10.692 -7.655  24.446  1.00 0.00 ? 4   ARG A C    1 
ATOM 49   O O    . ARG A 1 4   ? -10.549 -8.431  23.500  1.00 0.00 ? 4   ARG A O    1 
ATOM 50   C CB   . ARG A 1 4   ? -11.780 -7.785  26.687  1.00 0.00 ? 4   ARG A CB   1 
ATOM 51   C CG   . ARG A 1 4   ? -12.961 -8.603  26.163  1.00 0.00 ? 4   ARG A CG   1 
ATOM 52   C CD   . ARG A 1 4   ? -14.268 -7.874  26.481  1.00 0.00 ? 4   ARG A CD   1 
ATOM 53   N NE   . ARG A 1 4   ? -15.403 -8.566  25.877  1.00 0.00 ? 4   ARG A NE   1 
ATOM 54   C CZ   . ARG A 1 4   ? -16.579 -7.958  25.736  1.00 0.00 ? 4   ARG A CZ   1 
ATOM 55   N NH1  . ARG A 1 4   ? -17.397 -7.877  26.749  1.00 0.00 ? 4   ARG A NH1  1 
ATOM 56   N NH2  . ARG A 1 4   ? -16.912 -7.443  24.584  1.00 0.00 ? 4   ARG A NH2  1 
ATOM 57   H H    . ARG A 1 4   ? -8.559  -8.114  26.702  1.00 0.00 ? 4   ARG A H    1 
ATOM 58   H HA   . ARG A 1 4   ? -10.403 -9.208  25.879  1.00 0.00 ? 4   ARG A HA   1 
ATOM 59   H HB2  . ARG A 1 4   ? -11.617 -8.016  27.730  1.00 0.00 ? 4   ARG A HB2  1 
ATOM 60   H HB3  . ARG A 1 4   ? -11.997 -6.734  26.580  1.00 0.00 ? 4   ARG A HB3  1 
ATOM 61   H HG2  . ARG A 1 4   ? -12.867 -8.725  25.093  1.00 0.00 ? 4   ARG A HG2  1 
ATOM 62   H HG3  . ARG A 1 4   ? -12.968 -9.573  26.637  1.00 0.00 ? 4   ARG A HG3  1 
ATOM 63   H HD2  . ARG A 1 4   ? -14.404 -7.839  27.550  1.00 0.00 ? 4   ARG A HD2  1 
ATOM 64   H HD3  . ARG A 1 4   ? -14.214 -6.866  26.096  1.00 0.00 ? 4   ARG A HD3  1 
ATOM 65   H HE   . ARG A 1 4   ? -15.298 -9.491  25.572  1.00 0.00 ? 4   ARG A HE   1 
ATOM 66   H HH11 . ARG A 1 4   ? -17.141 -8.272  27.631  1.00 0.00 ? 4   ARG A HH11 1 
ATOM 67   H HH12 . ARG A 1 4   ? -18.281 -7.421  26.642  1.00 0.00 ? 4   ARG A HH12 1 
ATOM 68   H HH21 . ARG A 1 4   ? -16.285 -7.505  23.808  1.00 0.00 ? 4   ARG A HH21 1 
ATOM 69   H HH22 . ARG A 1 4   ? -17.796 -6.987  24.477  1.00 0.00 ? 4   ARG A HH22 1 
ATOM 70   N N    . GLU A 1 5   ? -11.000 -6.370  24.287  1.00 0.00 ? 5   GLU A N    1 
ATOM 71   C CA   . GLU A 1 5   ? -11.191 -5.798  22.955  1.00 0.00 ? 5   GLU A CA   1 
ATOM 72   C C    . GLU A 1 5   ? -9.926  -5.959  22.112  1.00 0.00 ? 5   GLU A C    1 
ATOM 73   O O    . GLU A 1 5   ? -9.986  -6.309  20.934  1.00 0.00 ? 5   GLU A O    1 
ATOM 74   C CB   . GLU A 1 5   ? -11.547 -4.309  23.051  1.00 0.00 ? 5   GLU A CB   1 
ATOM 75   C CG   . GLU A 1 5   ? -10.443 -3.553  23.796  1.00 0.00 ? 5   GLU A CG   1 
ATOM 76   C CD   . GLU A 1 5   ? -10.925 -2.147  24.130  1.00 0.00 ? 5   GLU A CD   1 
ATOM 77   O OE1  . GLU A 1 5   ? -10.814 -1.285  23.274  1.00 0.00 ? 5   GLU A OE1  1 
ATOM 78   O OE2  . GLU A 1 5   ? -11.400 -1.952  25.237  1.00 0.00 ? 5   GLU A OE2  1 
ATOM 79   H H    . GLU A 1 5   ? -11.102 -5.798  25.075  1.00 0.00 ? 5   GLU A H    1 
ATOM 80   H HA   . GLU A 1 5   ? -12.001 -6.318  22.466  1.00 0.00 ? 5   GLU A HA   1 
ATOM 81   H HB2  . GLU A 1 5   ? -11.654 -3.902  22.057  1.00 0.00 ? 5   GLU A HB2  1 
ATOM 82   H HB3  . GLU A 1 5   ? -12.479 -4.199  23.585  1.00 0.00 ? 5   GLU A HB3  1 
ATOM 83   H HG2  . GLU A 1 5   ? -10.198 -4.077  24.708  1.00 0.00 ? 5   GLU A HG2  1 
ATOM 84   H HG3  . GLU A 1 5   ? -9.565  -3.491  23.170  1.00 0.00 ? 5   GLU A HG3  1 
ATOM 85   N N    . LYS A 1 6   ? -8.779  -5.699  22.736  1.00 0.00 ? 6   LYS A N    1 
ATOM 86   C CA   . LYS A 1 6   ? -7.498  -5.818  22.042  1.00 0.00 ? 6   LYS A CA   1 
ATOM 87   C C    . LYS A 1 6   ? -7.446  -4.869  20.843  1.00 0.00 ? 6   LYS A C    1 
ATOM 88   O O    . LYS A 1 6   ? -7.369  -5.296  19.689  1.00 0.00 ? 6   LYS A O    1 
ATOM 89   C CB   . LYS A 1 6   ? -7.282  -7.257  21.563  1.00 0.00 ? 6   LYS A CB   1 
ATOM 90   C CG   . LYS A 1 6   ? -5.814  -7.454  21.181  1.00 0.00 ? 6   LYS A CG   1 
ATOM 91   C CD   . LYS A 1 6   ? -5.044  -8.017  22.377  1.00 0.00 ? 6   LYS A CD   1 
ATOM 92   C CE   . LYS A 1 6   ? -3.874  -8.866  21.878  1.00 0.00 ? 6   LYS A CE   1 
ATOM 93   N NZ   . LYS A 1 6   ? -2.910  -8.052  21.084  1.00 0.00 ? 6   LYS A NZ   1 
ATOM 94   H H    . LYS A 1 6   ? -8.793  -5.426  23.677  1.00 0.00 ? 6   LYS A H    1 
ATOM 95   H HA   . LYS A 1 6   ? -6.705  -5.558  22.727  1.00 0.00 ? 6   LYS A HA   1 
ATOM 96   H HB2  . LYS A 1 6   ? -7.543  -7.943  22.356  1.00 0.00 ? 6   LYS A HB2  1 
ATOM 97   H HB3  . LYS A 1 6   ? -7.905  -7.448  20.703  1.00 0.00 ? 6   LYS A HB3  1 
ATOM 98   H HG2  . LYS A 1 6   ? -5.747  -8.144  20.351  1.00 0.00 ? 6   LYS A HG2  1 
ATOM 99   H HG3  . LYS A 1 6   ? -5.386  -6.505  20.894  1.00 0.00 ? 6   LYS A HG3  1 
ATOM 100  H HD2  . LYS A 1 6   ? -4.668  -7.201  22.978  1.00 0.00 ? 6   LYS A HD2  1 
ATOM 101  H HD3  . LYS A 1 6   ? -5.703  -8.629  22.973  1.00 0.00 ? 6   LYS A HD3  1 
ATOM 102  H HE2  . LYS A 1 6   ? -3.360  -9.291  22.726  1.00 0.00 ? 6   LYS A HE2  1 
ATOM 103  H HE3  . LYS A 1 6   ? -4.258  -9.665  21.261  1.00 0.00 ? 6   LYS A HE3  1 
ATOM 104  H HZ1  . LYS A 1 6   ? -3.389  -7.667  20.246  1.00 0.00 ? 6   LYS A HZ1  1 
ATOM 105  H HZ2  . LYS A 1 6   ? -2.115  -8.652  20.785  1.00 0.00 ? 6   LYS A HZ2  1 
ATOM 106  H HZ3  . LYS A 1 6   ? -2.554  -7.269  21.669  1.00 0.00 ? 6   LYS A HZ3  1 
ATOM 107  N N    . LEU A 1 7   ? -7.489  -3.571  21.132  1.00 0.00 ? 7   LEU A N    1 
ATOM 108  C CA   . LEU A 1 7   ? -7.446  -2.566  20.075  1.00 0.00 ? 7   LEU A CA   1 
ATOM 109  C C    . LEU A 1 7   ? -6.090  -2.592  19.376  1.00 0.00 ? 7   LEU A C    1 
ATOM 110  O O    . LEU A 1 7   ? -5.076  -2.182  19.942  1.00 0.00 ? 7   LEU A O    1 
ATOM 111  C CB   . LEU A 1 7   ? -7.684  -1.170  20.651  1.00 0.00 ? 7   LEU A CB   1 
ATOM 112  C CG   . LEU A 1 7   ? -8.246  -0.140  19.668  1.00 0.00 ? 7   LEU A CG   1 
ATOM 113  C CD1  . LEU A 1 7   ? -9.715  -0.457  19.382  1.00 0.00 ? 7   LEU A CD1  1 
ATOM 114  C CD2  . LEU A 1 7   ? -8.136  1.259   20.277  1.00 0.00 ? 7   LEU A CD2  1 
ATOM 115  H H    . LEU A 1 7   ? -7.550  -3.287  22.068  1.00 0.00 ? 7   LEU A H    1 
ATOM 116  H HA   . LEU A 1 7   ? -8.217  -2.782  19.351  1.00 0.00 ? 7   LEU A HA   1 
ATOM 117  H HB2  . LEU A 1 7   ? -8.374  -1.257  21.475  1.00 0.00 ? 7   LEU A HB2  1 
ATOM 118  H HB3  . LEU A 1 7   ? -6.744  -0.799  21.036  1.00 0.00 ? 7   LEU A HB3  1 
ATOM 119  H HG   . LEU A 1 7   ? -7.683  -0.179  18.746  1.00 0.00 ? 7   LEU A HG   1 
ATOM 120  H HD11 . LEU A 1 7   ? -9.778  -1.159  18.564  1.00 0.00 ? 7   LEU A HD11 1 
ATOM 121  H HD12 . LEU A 1 7   ? -10.234 0.453   19.116  1.00 0.00 ? 7   LEU A HD12 1 
ATOM 122  H HD13 . LEU A 1 7   ? -10.169 -0.887  20.261  1.00 0.00 ? 7   LEU A HD13 1 
ATOM 123  H HD21 . LEU A 1 7   ? -8.722  1.953   19.693  1.00 0.00 ? 7   LEU A HD21 1 
ATOM 124  H HD22 . LEU A 1 7   ? -7.103  1.571   20.278  1.00 0.00 ? 7   LEU A HD22 1 
ATOM 125  H HD23 . LEU A 1 7   ? -8.507  1.240   21.291  1.00 0.00 ? 7   LEU A HD23 1 
ATOM 126  N N    . LYS A 1 8   ? -6.083  -3.082  18.141  1.00 0.00 ? 8   LYS A N    1 
ATOM 127  C CA   . LYS A 1 8   ? -4.847  -3.163  17.369  1.00 0.00 ? 8   LYS A CA   1 
ATOM 128  C C    . LYS A 1 8   ? -4.602  -1.862  16.610  1.00 0.00 ? 8   LYS A C    1 
ATOM 129  O O    . LYS A 1 8   ? -3.581  -1.200  16.795  1.00 0.00 ? 8   LYS A O    1 
ATOM 130  C CB   . LYS A 1 8   ? -4.913  -4.317  16.369  1.00 0.00 ? 8   LYS A CB   1 
ATOM 131  C CG   . LYS A 1 8   ? -4.399  -5.597  17.030  1.00 0.00 ? 8   LYS A CG   1 
ATOM 132  C CD   . LYS A 1 8   ? -4.130  -6.655  15.959  1.00 0.00 ? 8   LYS A CD   1 
ATOM 133  C CE   . LYS A 1 8   ? -4.052  -8.036  16.612  1.00 0.00 ? 8   LYS A CE   1 
ATOM 134  N NZ   . LYS A 1 8   ? -4.394  -9.115  15.643  1.00 0.00 ? 8   LYS A NZ   1 
ATOM 135  H H    . LYS A 1 8   ? -6.922  -3.395  17.742  1.00 0.00 ? 8   LYS A H    1 
ATOM 136  H HA   . LYS A 1 8   ? -4.023  -3.334  18.045  1.00 0.00 ? 8   LYS A HA   1 
ATOM 137  H HB2  . LYS A 1 8   ? -5.937  -4.460  16.053  1.00 0.00 ? 8   LYS A HB2  1 
ATOM 138  H HB3  . LYS A 1 8   ? -4.301  -4.087  15.510  1.00 0.00 ? 8   LYS A HB3  1 
ATOM 139  H HG2  . LYS A 1 8   ? -3.485  -5.383  17.565  1.00 0.00 ? 8   LYS A HG2  1 
ATOM 140  H HG3  . LYS A 1 8   ? -5.141  -5.969  17.721  1.00 0.00 ? 8   LYS A HG3  1 
ATOM 141  H HD2  . LYS A 1 8   ? -4.931  -6.643  15.233  1.00 0.00 ? 8   LYS A HD2  1 
ATOM 142  H HD3  . LYS A 1 8   ? -3.194  -6.438  15.466  1.00 0.00 ? 8   LYS A HD3  1 
ATOM 143  H HE2  . LYS A 1 8   ? -3.051  -8.197  16.979  1.00 0.00 ? 8   LYS A HE2  1 
ATOM 144  H HE3  . LYS A 1 8   ? -4.742  -8.071  17.443  1.00 0.00 ? 8   LYS A HE3  1 
ATOM 145  H HZ1  . LYS A 1 8   ? -3.526  -9.458  15.186  1.00 0.00 ? 8   LYS A HZ1  1 
ATOM 146  H HZ2  . LYS A 1 8   ? -5.044  -8.741  14.922  1.00 0.00 ? 8   LYS A HZ2  1 
ATOM 147  H HZ3  . LYS A 1 8   ? -4.851  -9.901  16.147  1.00 0.00 ? 8   LYS A HZ3  1 
ATOM 148  N N    . GLN A 1 9   ? -5.553  -1.505  15.750  1.00 0.00 ? 9   GLN A N    1 
ATOM 149  C CA   . GLN A 1 9   ? -5.436  -0.280  14.959  1.00 0.00 ? 9   GLN A CA   1 
ATOM 150  C C    . GLN A 1 9   ? -4.201  -0.341  14.064  1.00 0.00 ? 9   GLN A C    1 
ATOM 151  O O    . GLN A 1 9   ? -3.072  -0.178  14.527  1.00 0.00 ? 9   GLN A O    1 
ATOM 152  C CB   . GLN A 1 9   ? -5.331  0.945   15.872  1.00 0.00 ? 9   GLN A CB   1 
ATOM 153  C CG   . GLN A 1 9   ? -6.733  1.470   16.184  1.00 0.00 ? 9   GLN A CG   1 
ATOM 154  C CD   . GLN A 1 9   ? -6.646  2.931   16.613  1.00 0.00 ? 9   GLN A CD   1 
ATOM 155  O OE1  . GLN A 1 9   ? -7.025  3.828   15.861  1.00 0.00 ? 9   GLN A OE1  1 
ATOM 156  N NE2  . GLN A 1 9   ? -6.163  3.225   17.788  1.00 0.00 ? 9   GLN A NE2  1 
ATOM 157  H H    . GLN A 1 9   ? -6.345  -2.073  15.643  1.00 0.00 ? 9   GLN A H    1 
ATOM 158  H HA   . GLN A 1 9   ? -6.314  -0.179  14.339  1.00 0.00 ? 9   GLN A HA   1 
ATOM 159  H HB2  . GLN A 1 9   ? -4.836  0.666   16.792  1.00 0.00 ? 9   GLN A HB2  1 
ATOM 160  H HB3  . GLN A 1 9   ? -4.762  1.716   15.376  1.00 0.00 ? 9   GLN A HB3  1 
ATOM 161  H HG2  . GLN A 1 9   ? -7.352  1.390   15.302  1.00 0.00 ? 9   GLN A HG2  1 
ATOM 162  H HG3  . GLN A 1 9   ? -7.166  0.887   16.983  1.00 0.00 ? 9   GLN A HG3  1 
ATOM 163  H HE21 . GLN A 1 9   ? -5.860  2.510   18.387  1.00 0.00 ? 9   GLN A HE21 1 
ATOM 164  H HE22 . GLN A 1 9   ? -6.102  4.161   18.073  1.00 0.00 ? 9   GLN A HE22 1 
ATOM 165  N N    . HIS A 1 10  ? -4.430  -0.581  12.777  1.00 0.00 ? 10  HIS A N    1 
ATOM 166  C CA   . HIS A 1 10  ? -3.331  -0.666  11.818  1.00 0.00 ? 10  HIS A CA   1 
ATOM 167  C C    . HIS A 1 10  ? -2.557  0.649   11.766  1.00 0.00 ? 10  HIS A C    1 
ATOM 168  O O    . HIS A 1 10  ? -1.355  0.667   11.505  1.00 0.00 ? 10  HIS A O    1 
ATOM 169  C CB   . HIS A 1 10  ? -3.863  -0.986  10.420  1.00 0.00 ? 10  HIS A CB   1 
ATOM 170  C CG   . HIS A 1 10  ? -3.969  -2.478  10.254  1.00 0.00 ? 10  HIS A CG   1 
ATOM 171  N ND1  . HIS A 1 10  ? -3.909  -3.089  9.012   1.00 0.00 ? 10  HIS A ND1  1 
ATOM 172  C CD2  . HIS A 1 10  ? -4.131  -3.492  11.165  1.00 0.00 ? 10  HIS A CD2  1 
ATOM 173  C CE1  . HIS A 1 10  ? -4.032  -4.415  9.208   1.00 0.00 ? 10  HIS A CE1  1 
ATOM 174  N NE2  . HIS A 1 10  ? -4.170  -4.714  10.502  1.00 0.00 ? 10  HIS A NE2  1 
ATOM 175  H H    . HIS A 1 10  ? -5.352  -0.704  12.465  1.00 0.00 ? 10  HIS A H    1 
ATOM 176  H HA   . HIS A 1 10  ? -2.660  -1.454  12.124  1.00 0.00 ? 10  HIS A HA   1 
ATOM 177  H HB2  . HIS A 1 10  ? -4.839  -0.539  10.296  1.00 0.00 ? 10  HIS A HB2  1 
ATOM 178  H HB3  . HIS A 1 10  ? -3.188  -0.589  9.678   1.00 0.00 ? 10  HIS A HB3  1 
ATOM 179  H HD1  . HIS A 1 10  ? -3.797  -2.639  8.150   1.00 0.00 ? 10  HIS A HD1  1 
ATOM 180  H HD2  . HIS A 1 10  ? -4.214  -3.361  12.233  1.00 0.00 ? 10  HIS A HD2  1 
ATOM 181  H HE1  . HIS A 1 10  ? -4.021  -5.147  8.414   1.00 0.00 ? 10  HIS A HE1  1 
ATOM 182  N N    . SER A 1 11  ? -3.262  1.751   12.017  1.00 0.00 ? 11  SER A N    1 
ATOM 183  C CA   . SER A 1 11  ? -2.630  3.067   11.995  1.00 0.00 ? 11  SER A CA   1 
ATOM 184  C C    . SER A 1 11  ? -2.846  3.786   13.327  1.00 0.00 ? 11  SER A C    1 
ATOM 185  O O    . SER A 1 11  ? -3.297  4.932   13.371  1.00 0.00 ? 11  SER A O    1 
ATOM 186  C CB   . SER A 1 11  ? -3.204  3.914   10.858  1.00 0.00 ? 11  SER A CB   1 
ATOM 187  O OG   . SER A 1 11  ? -2.468  3.665   9.668   1.00 0.00 ? 11  SER A OG   1 
ATOM 188  H H    . SER A 1 11  ? -4.218  1.679   12.219  1.00 0.00 ? 11  SER A H    1 
ATOM 189  H HA   . SER A 1 11  ? -1.569  2.942   11.835  1.00 0.00 ? 11  SER A HA   1 
ATOM 190  H HB2  . SER A 1 11  ? -4.237  3.653   10.697  1.00 0.00 ? 11  SER A HB2  1 
ATOM 191  H HB3  . SER A 1 11  ? -3.139  4.962   11.122  1.00 0.00 ? 11  SER A HB3  1 
ATOM 192  H HG   . SER A 1 11  ? -3.026  3.159   9.074   1.00 0.00 ? 11  SER A HG   1 
ATOM 193  N N    . ASP A 1 12  ? -2.515  3.097   14.417  1.00 0.00 ? 12  ASP A N    1 
ATOM 194  C CA   . ASP A 1 12  ? -2.672  3.674   15.752  1.00 0.00 ? 12  ASP A CA   1 
ATOM 195  C C    . ASP A 1 12  ? -1.831  4.941   15.887  1.00 0.00 ? 12  ASP A C    1 
ATOM 196  O O    . ASP A 1 12  ? -2.278  5.948   16.435  1.00 0.00 ? 12  ASP A O    1 
ATOM 197  C CB   . ASP A 1 12  ? -2.240  2.672   16.825  1.00 0.00 ? 12  ASP A CB   1 
ATOM 198  C CG   . ASP A 1 12  ? -0.834  2.167   16.517  1.00 0.00 ? 12  ASP A CG   1 
ATOM 199  O OD1  . ASP A 1 12  ? -0.651  1.597   15.453  1.00 0.00 ? 12  ASP A OD1  1 
ATOM 200  O OD2  . ASP A 1 12  ? 0.039   2.359   17.347  1.00 0.00 ? 12  ASP A OD2  1 
ATOM 201  H H    . ASP A 1 12  ? -2.158  2.190   14.324  1.00 0.00 ? 12  ASP A H    1 
ATOM 202  H HA   . ASP A 1 12  ? -3.711  3.925   15.906  1.00 0.00 ? 12  ASP A HA   1 
ATOM 203  H HB2  . ASP A 1 12  ? -2.246  3.156   17.792  1.00 0.00 ? 12  ASP A HB2  1 
ATOM 204  H HB3  . ASP A 1 12  ? -2.925  1.838   16.835  1.00 0.00 ? 12  ASP A HB3  1 
ATOM 205  N N    . ALA A 1 13  ? -0.607  4.877   15.372  1.00 0.00 ? 13  ALA A N    1 
ATOM 206  C CA   . ALA A 1 13  ? 0.297   6.023   15.428  1.00 0.00 ? 13  ALA A CA   1 
ATOM 207  C C    . ALA A 1 13  ? 0.164   6.872   14.165  1.00 0.00 ? 13  ALA A C    1 
ATOM 208  O O    . ALA A 1 13  ? 0.396   8.080   14.187  1.00 0.00 ? 13  ALA A O    1 
ATOM 209  C CB   . ALA A 1 13  ? 1.747   5.555   15.564  1.00 0.00 ? 13  ALA A CB   1 
ATOM 210  H H    . ALA A 1 13  ? -0.308  4.048   14.942  1.00 0.00 ? 13  ALA A H    1 
ATOM 211  H HA   . ALA A 1 13  ? 0.043   6.629   16.285  1.00 0.00 ? 13  ALA A HA   1 
ATOM 212  H HB1  . ALA A 1 13  ? 2.406   6.408   15.522  1.00 0.00 ? 13  ALA A HB1  1 
ATOM 213  H HB2  . ALA A 1 13  ? 1.983   4.877   14.757  1.00 0.00 ? 13  ALA A HB2  1 
ATOM 214  H HB3  . ALA A 1 13  ? 1.874   5.047   16.509  1.00 0.00 ? 13  ALA A HB3  1 
ATOM 215  N N    . CYS A 1 14  ? -0.211  6.224   13.062  1.00 0.00 ? 14  CYS A N    1 
ATOM 216  C CA   . CYS A 1 14  ? -0.369  6.930   11.793  1.00 0.00 ? 14  CYS A CA   1 
ATOM 217  C C    . CYS A 1 14  ? -1.606  7.835   11.809  1.00 0.00 ? 14  CYS A C    1 
ATOM 218  O O    . CYS A 1 14  ? -1.738  8.729   10.973  1.00 0.00 ? 14  CYS A O    1 
ATOM 219  C CB   . CYS A 1 14  ? -0.489  5.931   10.642  1.00 0.00 ? 14  CYS A CB   1 
ATOM 220  S SG   . CYS A 1 14  ? 1.163   5.550   10.007  1.00 0.00 ? 14  CYS A SG   1 
ATOM 221  H H    . CYS A 1 14  ? -0.380  5.260   13.100  1.00 0.00 ? 14  CYS A H    1 
ATOM 222  H HA   . CYS A 1 14  ? 0.503   7.541   11.627  1.00 0.00 ? 14  CYS A HA   1 
ATOM 223  H HB2  . CYS A 1 14  ? -0.957  5.023   10.997  1.00 0.00 ? 14  CYS A HB2  1 
ATOM 224  H HB3  . CYS A 1 14  ? -1.089  6.360   9.852   1.00 0.00 ? 14  CYS A HB3  1 
ATOM 225  N N    . LYS A 1 15  ? -2.511  7.603   12.762  1.00 0.00 ? 15  LYS A N    1 
ATOM 226  C CA   . LYS A 1 15  ? -3.721  8.416   12.860  1.00 0.00 ? 15  LYS A CA   1 
ATOM 227  C C    . LYS A 1 15  ? -3.400  9.821   13.376  1.00 0.00 ? 15  LYS A C    1 
ATOM 228  O O    . LYS A 1 15  ? -4.168  10.760  13.164  1.00 0.00 ? 15  LYS A O    1 
ATOM 229  C CB   . LYS A 1 15  ? -4.733  7.763   13.803  1.00 0.00 ? 15  LYS A CB   1 
ATOM 230  C CG   . LYS A 1 15  ? -6.145  8.212   13.425  1.00 0.00 ? 15  LYS A CG   1 
ATOM 231  C CD   . LYS A 1 15  ? -7.163  7.551   14.358  1.00 0.00 ? 15  LYS A CD   1 
ATOM 232  C CE   . LYS A 1 15  ? -8.469  7.311   13.599  1.00 0.00 ? 15  LYS A CE   1 
ATOM 233  N NZ   . LYS A 1 15  ? -9.514  6.724   14.486  1.00 0.00 ? 15  LYS A NZ   1 
ATOM 234  H H    . LYS A 1 15  ? -2.365  6.881   13.407  1.00 0.00 ? 15  LYS A H    1 
ATOM 235  H HA   . LYS A 1 15  ? -4.165  8.497   11.880  1.00 0.00 ? 15  LYS A HA   1 
ATOM 236  H HB2  . LYS A 1 15  ? -4.661  6.687   13.720  1.00 0.00 ? 15  LYS A HB2  1 
ATOM 237  H HB3  . LYS A 1 15  ? -4.523  8.060   14.820  1.00 0.00 ? 15  LYS A HB3  1 
ATOM 238  H HG2  . LYS A 1 15  ? -6.217  9.287   13.517  1.00 0.00 ? 15  LYS A HG2  1 
ATOM 239  H HG3  . LYS A 1 15  ? -6.354  7.924   12.405  1.00 0.00 ? 15  LYS A HG3  1 
ATOM 240  H HD2  . LYS A 1 15  ? -6.769  6.608   14.708  1.00 0.00 ? 15  LYS A HD2  1 
ATOM 241  H HD3  . LYS A 1 15  ? -7.351  8.199   15.201  1.00 0.00 ? 15  LYS A HD3  1 
ATOM 242  H HE2  . LYS A 1 15  ? -8.828  8.251   13.208  1.00 0.00 ? 15  LYS A HE2  1 
ATOM 243  H HE3  . LYS A 1 15  ? -8.280  6.636   12.777  1.00 0.00 ? 15  LYS A HE3  1 
ATOM 244  H HZ1  . LYS A 1 15  ? -9.062  6.128   15.207  1.00 0.00 ? 15  LYS A HZ1  1 
ATOM 245  H HZ2  . LYS A 1 15  ? -10.166 6.147   13.917  1.00 0.00 ? 15  LYS A HZ2  1 
ATOM 246  H HZ3  . LYS A 1 15  ? -10.043 7.488   14.952  1.00 0.00 ? 15  LYS A HZ3  1 
ATOM 247  N N    . ALA A 1 16  ? -2.262  9.959   14.059  1.00 0.00 ? 16  ALA A N    1 
ATOM 248  C CA   . ALA A 1 16  ? -1.855  11.258  14.604  1.00 0.00 ? 16  ALA A CA   1 
ATOM 249  C C    . ALA A 1 16  ? -1.825  12.334  13.515  1.00 0.00 ? 16  ALA A C    1 
ATOM 250  O O    . ALA A 1 16  ? -1.964  13.524  13.800  1.00 0.00 ? 16  ALA A O    1 
ATOM 251  C CB   . ALA A 1 16  ? -0.467  11.155  15.239  1.00 0.00 ? 16  ALA A CB   1 
ATOM 252  H H    . ALA A 1 16  ? -1.687  9.181   14.205  1.00 0.00 ? 16  ALA A H    1 
ATOM 253  H HA   . ALA A 1 16  ? -2.562  11.552  15.365  1.00 0.00 ? 16  ALA A HA   1 
ATOM 254  H HB1  . ALA A 1 16  ? 0.283   11.442  14.515  1.00 0.00 ? 16  ALA A HB1  1 
ATOM 255  H HB2  . ALA A 1 16  ? -0.290  10.137  15.556  1.00 0.00 ? 16  ALA A HB2  1 
ATOM 256  H HB3  . ALA A 1 16  ? -0.412  11.813  16.093  1.00 0.00 ? 16  ALA A HB3  1 
ATOM 257  N N    . GLU A 1 17  ? -1.644  11.907  12.266  1.00 0.00 ? 17  GLU A N    1 
ATOM 258  C CA   . GLU A 1 17  ? -1.601  12.849  11.149  1.00 0.00 ? 17  GLU A CA   1 
ATOM 259  C C    . GLU A 1 17  ? -2.108  12.186  9.874   1.00 0.00 ? 17  GLU A C    1 
ATOM 260  O O    . GLU A 1 17  ? -3.014  12.692  9.211   1.00 0.00 ? 17  GLU A O    1 
ATOM 261  C CB   . GLU A 1 17  ? -0.172  13.346  10.917  1.00 0.00 ? 17  GLU A CB   1 
ATOM 262  C CG   . GLU A 1 17  ? -0.179  14.467  9.873   1.00 0.00 ? 17  GLU A CG   1 
ATOM 263  C CD   . GLU A 1 17  ? 1.059   15.339  10.051  1.00 0.00 ? 17  GLU A CD   1 
ATOM 264  O OE1  . GLU A 1 17  ? 2.143   14.859  9.770   1.00 0.00 ? 17  GLU A OE1  1 
ATOM 265  O OE2  . GLU A 1 17  ? 0.903   16.476  10.467  1.00 0.00 ? 17  GLU A OE2  1 
ATOM 266  H H    . GLU A 1 17  ? -1.538  10.950  12.092  1.00 0.00 ? 17  GLU A H    1 
ATOM 267  H HA   . GLU A 1 17  ? -2.231  13.695  11.379  1.00 0.00 ? 17  GLU A HA   1 
ATOM 268  H HB2  . GLU A 1 17  ? 0.234   13.723  11.846  1.00 0.00 ? 17  GLU A HB2  1 
ATOM 269  H HB3  . GLU A 1 17  ? 0.440   12.531  10.563  1.00 0.00 ? 17  GLU A HB3  1 
ATOM 270  H HG2  . GLU A 1 17  ? -0.177  14.035  8.881   1.00 0.00 ? 17  GLU A HG2  1 
ATOM 271  H HG3  . GLU A 1 17  ? -1.065  15.072  10.000  1.00 0.00 ? 17  GLU A HG3  1 
ATOM 272  N N    . SER A 1 18  ? -1.510  11.047  9.536   1.00 0.00 ? 18  SER A N    1 
ATOM 273  C CA   . SER A 1 18  ? -1.907  10.321  8.333   1.00 0.00 ? 18  SER A CA   1 
ATOM 274  C C    . SER A 1 18  ? -3.218  9.570   8.568   1.00 0.00 ? 18  SER A C    1 
ATOM 275  O O    . SER A 1 18  ? -3.270  8.339   8.533   1.00 0.00 ? 18  SER A O    1 
ATOM 276  C CB   . SER A 1 18  ? -0.815  9.327   7.927   1.00 0.00 ? 18  SER A CB   1 
ATOM 277  O OG   . SER A 1 18  ? 0.459   9.931   8.109   1.00 0.00 ? 18  SER A OG   1 
ATOM 278  H H    . SER A 1 18  ? -0.794  10.692  10.101  1.00 0.00 ? 18  SER A H    1 
ATOM 279  H HA   . SER A 1 18  ? -2.049  11.028  7.530   1.00 0.00 ? 18  SER A HA   1 
ATOM 280  H HB2  . SER A 1 18  ? -0.882  8.445   8.542   1.00 0.00 ? 18  SER A HB2  1 
ATOM 281  H HB3  . SER A 1 18  ? -0.949  9.052   6.889   1.00 0.00 ? 18  SER A HB3  1 
ATOM 282  H HG   . SER A 1 18  ? 0.887   9.500   8.853   1.00 0.00 ? 18  SER A HG   1 
ATOM 283  N N    . GLY A 1 19  ? -4.283  10.330  8.811   1.00 0.00 ? 19  GLY A N    1 
ATOM 284  C CA   . GLY A 1 19  ? -5.591  9.741   9.051   1.00 0.00 ? 19  GLY A CA   1 
ATOM 285  C C    . GLY A 1 19  ? -6.503  9.950   7.849   1.00 0.00 ? 19  GLY A C    1 
ATOM 286  O O    . GLY A 1 19  ? -7.656  10.360  7.989   1.00 0.00 ? 19  GLY A O    1 
ATOM 287  H H    . GLY A 1 19  ? -4.188  11.303  8.829   1.00 0.00 ? 19  GLY A H    1 
ATOM 288  H HA2  . GLY A 1 19  ? -5.477  8.682   9.237   1.00 0.00 ? 19  GLY A HA2  1 
ATOM 289  H HA3  . GLY A 1 19  ? -6.033  10.209  9.915   1.00 0.00 ? 19  GLY A HA3  1 
ATOM 290  N N    . VAL A 1 20  ? -5.970  9.666   6.662   1.00 0.00 ? 20  VAL A N    1 
ATOM 291  C CA   . VAL A 1 20  ? -6.740  9.828   5.429   1.00 0.00 ? 20  VAL A CA   1 
ATOM 292  C C    . VAL A 1 20  ? -8.001  8.961   5.469   1.00 0.00 ? 20  VAL A C    1 
ATOM 293  O O    . VAL A 1 20  ? -7.934  7.733   5.423   1.00 0.00 ? 20  VAL A O    1 
ATOM 294  C CB   . VAL A 1 20  ? -5.875  9.455   4.212   1.00 0.00 ? 20  VAL A CB   1 
ATOM 295  C CG1  . VAL A 1 20  ? -5.453  7.985   4.298   1.00 0.00 ? 20  VAL A CG1  1 
ATOM 296  C CG2  . VAL A 1 20  ? -6.663  9.693   2.915   1.00 0.00 ? 20  VAL A CG2  1 
ATOM 297  H H    . VAL A 1 20  ? -5.046  9.346   6.614   1.00 0.00 ? 20  VAL A H    1 
ATOM 298  H HA   . VAL A 1 20  ? -7.035  10.864  5.340   1.00 0.00 ? 20  VAL A HA   1 
ATOM 299  H HB   . VAL A 1 20  ? -4.989  10.074  4.209   1.00 0.00 ? 20  VAL A HB   1 
ATOM 300  H HG11 . VAL A 1 20  ? -4.589  7.820   3.671   1.00 0.00 ? 20  VAL A HG11 1 
ATOM 301  H HG12 . VAL A 1 20  ? -6.265  7.356   3.965   1.00 0.00 ? 20  VAL A HG12 1 
ATOM 302  H HG13 . VAL A 1 20  ? -5.206  7.741   5.322   1.00 0.00 ? 20  VAL A HG13 1 
ATOM 303  H HG21 . VAL A 1 20  ? -7.719  9.742   3.133   1.00 0.00 ? 20  VAL A HG21 1 
ATOM 304  H HG22 . VAL A 1 20  ? -6.477  8.882   2.224   1.00 0.00 ? 20  VAL A HG22 1 
ATOM 305  H HG23 . VAL A 1 20  ? -6.344  10.623  2.468   1.00 0.00 ? 20  VAL A HG23 1 
ATOM 306  N N    . SER A 1 21  ? -9.152  9.622   5.556   1.00 0.00 ? 21  SER A N    1 
ATOM 307  C CA   . SER A 1 21  ? -10.427 8.912   5.602   1.00 0.00 ? 21  SER A CA   1 
ATOM 308  C C    . SER A 1 21  ? -10.770 8.344   4.229   1.00 0.00 ? 21  SER A C    1 
ATOM 309  O O    . SER A 1 21  ? -9.999  8.475   3.278   1.00 0.00 ? 21  SER A O    1 
ATOM 310  C CB   . SER A 1 21  ? -11.547 9.853   6.046   1.00 0.00 ? 21  SER A CB   1 
ATOM 311  O OG   . SER A 1 21  ? -11.312 11.148  5.509   1.00 0.00 ? 21  SER A OG   1 
ATOM 312  H H    . SER A 1 21  ? -9.145  10.601  5.590   1.00 0.00 ? 21  SER A H    1 
ATOM 313  H HA   . SER A 1 21  ? -10.352 8.099   6.309   1.00 0.00 ? 21  SER A HA   1 
ATOM 314  H HB2  . SER A 1 21  ? -12.493 9.487   5.686   1.00 0.00 ? 21  SER A HB2  1 
ATOM 315  H HB3  . SER A 1 21  ? -11.570 9.900   7.128   1.00 0.00 ? 21  SER A HB3  1 
ATOM 316  H HG   . SER A 1 21  ? -12.065 11.701  5.727   1.00 0.00 ? 21  SER A HG   1 
ATOM 317  N N    . GLU A 1 22  ? -11.936 7.713   4.136   1.00 0.00 ? 22  GLU A N    1 
ATOM 318  C CA   . GLU A 1 22  ? -12.376 7.126   2.874   1.00 0.00 ? 22  GLU A CA   1 
ATOM 319  C C    . GLU A 1 22  ? -12.873 8.218   1.925   1.00 0.00 ? 22  GLU A C    1 
ATOM 320  O O    . GLU A 1 22  ? -14.050 8.268   1.563   1.00 0.00 ? 22  GLU A O    1 
ATOM 321  C CB   . GLU A 1 22  ? -13.498 6.113   3.119   1.00 0.00 ? 22  GLU A CB   1 
ATOM 322  C CG   . GLU A 1 22  ? -12.944 4.914   3.890   1.00 0.00 ? 22  GLU A CG   1 
ATOM 323  C CD   . GLU A 1 22  ? -14.097 4.045   4.378   1.00 0.00 ? 22  GLU A CD   1 
ATOM 324  O OE1  . GLU A 1 22  ? -14.739 4.432   5.340   1.00 0.00 ? 22  GLU A OE1  1 
ATOM 325  O OE2  . GLU A 1 22  ? -14.324 3.005   3.780   1.00 0.00 ? 22  GLU A OE2  1 
ATOM 326  H H    . GLU A 1 22  ? -12.510 7.640   4.928   1.00 0.00 ? 22  GLU A H    1 
ATOM 327  H HA   . GLU A 1 22  ? -11.541 6.618   2.413   1.00 0.00 ? 22  GLU A HA   1 
ATOM 328  H HB2  . GLU A 1 22  ? -14.284 6.580   3.693   1.00 0.00 ? 22  GLU A HB2  1 
ATOM 329  H HB3  . GLU A 1 22  ? -13.893 5.778   2.172   1.00 0.00 ? 22  GLU A HB3  1 
ATOM 330  H HG2  . GLU A 1 22  ? -12.305 4.334   3.241   1.00 0.00 ? 22  GLU A HG2  1 
ATOM 331  H HG3  . GLU A 1 22  ? -12.375 5.264   4.739   1.00 0.00 ? 22  GLU A HG3  1 
ATOM 332  N N    . GLU A 1 23  ? -11.956 9.094   1.522   1.00 0.00 ? 23  GLU A N    1 
ATOM 333  C CA   . GLU A 1 23  ? -12.301 10.182  0.612   1.00 0.00 ? 23  GLU A CA   1 
ATOM 334  C C    . GLU A 1 23  ? -11.361 10.177  -0.589  1.00 0.00 ? 23  GLU A C    1 
ATOM 335  O O    . GLU A 1 23  ? -11.770 9.904   -1.716  1.00 0.00 ? 23  GLU A O    1 
ATOM 336  C CB   . GLU A 1 23  ? -12.201 11.534  1.327   1.00 0.00 ? 23  GLU A CB   1 
ATOM 337  C CG   . GLU A 1 23  ? -13.296 12.470  0.812   1.00 0.00 ? 23  GLU A CG   1 
ATOM 338  C CD   . GLU A 1 23  ? -13.746 13.395  1.938   1.00 0.00 ? 23  GLU A CD   1 
ATOM 339  O OE1  . GLU A 1 23  ? -14.344 12.901  2.880   1.00 0.00 ? 23  GLU A OE1  1 
ATOM 340  O OE2  . GLU A 1 23  ? -13.487 14.583  1.841   1.00 0.00 ? 23  GLU A OE2  1 
ATOM 341  H H    . GLU A 1 23  ? -11.034 9.005   1.839   1.00 0.00 ? 23  GLU A H    1 
ATOM 342  H HA   . GLU A 1 23  ? -13.314 10.043  0.266   1.00 0.00 ? 23  GLU A HA   1 
ATOM 343  H HB2  . GLU A 1 23  ? -12.324 11.386  2.390   1.00 0.00 ? 23  GLU A HB2  1 
ATOM 344  H HB3  . GLU A 1 23  ? -11.234 11.974  1.134   1.00 0.00 ? 23  GLU A HB3  1 
ATOM 345  H HG2  . GLU A 1 23  ? -12.910 13.059  -0.008  1.00 0.00 ? 23  GLU A HG2  1 
ATOM 346  H HG3  . GLU A 1 23  ? -14.137 11.886  0.470   1.00 0.00 ? 23  GLU A HG3  1 
ATOM 347  N N    . SER A 1 24  ? -10.090 10.475  -0.330  1.00 0.00 ? 24  SER A N    1 
ATOM 348  C CA   . SER A 1 24  ? -9.092  10.492  -1.394  1.00 0.00 ? 24  SER A CA   1 
ATOM 349  C C    . SER A 1 24  ? -8.783  9.068   -1.843  1.00 0.00 ? 24  SER A C    1 
ATOM 350  O O    . SER A 1 24  ? -8.495  8.817   -3.014  1.00 0.00 ? 24  SER A O    1 
ATOM 351  C CB   . SER A 1 24  ? -7.802  11.154  -0.911  1.00 0.00 ? 24  SER A CB   1 
ATOM 352  O OG   . SER A 1 24  ? -8.124  12.225  -0.033  1.00 0.00 ? 24  SER A OG   1 
ATOM 353  H H    . SER A 1 24  ? -9.819  10.677  0.590   1.00 0.00 ? 24  SER A H    1 
ATOM 354  H HA   . SER A 1 24  ? -9.481  11.050  -2.233  1.00 0.00 ? 24  SER A HA   1 
ATOM 355  H HB2  . SER A 1 24  ? -7.200  10.433  -0.383  1.00 0.00 ? 24  SER A HB2  1 
ATOM 356  H HB3  . SER A 1 24  ? -7.249  11.527  -1.763  1.00 0.00 ? 24  SER A HB3  1 
ATOM 357  H HG   . SER A 1 24  ? -7.370  12.375  0.541   1.00 0.00 ? 24  SER A HG   1 
ATOM 358  N N    . LEU A 1 25  ? -8.850  8.137   -0.894  1.00 0.00 ? 25  LEU A N    1 
ATOM 359  C CA   . LEU A 1 25  ? -8.581  6.733   -1.192  1.00 0.00 ? 25  LEU A CA   1 
ATOM 360  C C    . LEU A 1 25  ? -9.587  6.205   -2.211  1.00 0.00 ? 25  LEU A C    1 
ATOM 361  O O    . LEU A 1 25  ? -9.226  5.497   -3.152  1.00 0.00 ? 25  LEU A O    1 
ATOM 362  C CB   . LEU A 1 25  ? -8.669  5.894   0.086   1.00 0.00 ? 25  LEU A CB   1 
ATOM 363  C CG   . LEU A 1 25  ? -7.369  5.780   0.885   1.00 0.00 ? 25  LEU A CG   1 
ATOM 364  C CD1  . LEU A 1 25  ? -7.654  5.121   2.236   1.00 0.00 ? 25  LEU A CD1  1 
ATOM 365  C CD2  . LEU A 1 25  ? -6.365  4.928   0.105   1.00 0.00 ? 25  LEU A CD2  1 
ATOM 366  H H    . LEU A 1 25  ? -9.086  8.397   0.021   1.00 0.00 ? 25  LEU A H    1 
ATOM 367  H HA   . LEU A 1 25  ? -7.586  6.645   -1.601  1.00 0.00 ? 25  LEU A HA   1 
ATOM 368  H HB2  . LEU A 1 25  ? -9.417  6.333   0.728   1.00 0.00 ? 25  LEU A HB2  1 
ATOM 369  H HB3  . LEU A 1 25  ? -8.997  4.899   -0.182  1.00 0.00 ? 25  LEU A HB3  1 
ATOM 370  H HG   . LEU A 1 25  ? -6.958  6.766   1.047   1.00 0.00 ? 25  LEU A HG   1 
ATOM 371  H HD11 . LEU A 1 25  ? -6.902  5.423   2.950   1.00 0.00 ? 25  LEU A HD11 1 
ATOM 372  H HD12 . LEU A 1 25  ? -7.633  4.047   2.124   1.00 0.00 ? 25  LEU A HD12 1 
ATOM 373  H HD13 . LEU A 1 25  ? -8.629  5.427   2.588   1.00 0.00 ? 25  LEU A HD13 1 
ATOM 374  H HD21 . LEU A 1 25  ? -6.735  3.916   0.028   1.00 0.00 ? 25  LEU A HD21 1 
ATOM 375  H HD22 . LEU A 1 25  ? -5.416  4.926   0.622   1.00 0.00 ? 25  LEU A HD22 1 
ATOM 376  H HD23 . LEU A 1 25  ? -6.234  5.341   -0.884  1.00 0.00 ? 25  LEU A HD23 1 
ATOM 377  N N    . ASN A 1 26  ? -10.854 6.561   -2.013  1.00 0.00 ? 26  ASN A N    1 
ATOM 378  C CA   . ASN A 1 26  ? -11.908 6.121   -2.923  1.00 0.00 ? 26  ASN A CA   1 
ATOM 379  C C    . ASN A 1 26  ? -11.665 6.675   -4.323  1.00 0.00 ? 26  ASN A C    1 
ATOM 380  O O    . ASN A 1 26  ? -11.941 6.015   -5.324  1.00 0.00 ? 26  ASN A O    1 
ATOM 381  C CB   . ASN A 1 26  ? -13.276 6.596   -2.427  1.00 0.00 ? 26  ASN A CB   1 
ATOM 382  C CG   . ASN A 1 26  ? -14.373 5.773   -3.094  1.00 0.00 ? 26  ASN A CG   1 
ATOM 383  O OD1  . ASN A 1 26  ? -14.226 5.341   -4.237  1.00 0.00 ? 26  ASN A OD1  1 
ATOM 384  N ND2  . ASN A 1 26  ? -15.475 5.528   -2.440  1.00 0.00 ? 26  ASN A ND2  1 
ATOM 385  H H    . ASN A 1 26  ? -11.081 7.128   -1.248  1.00 0.00 ? 26  ASN A H    1 
ATOM 386  H HA   . ASN A 1 26  ? -11.908 5.042   -2.966  1.00 0.00 ? 26  ASN A HA   1 
ATOM 387  H HB2  . ASN A 1 26  ? -13.333 6.473   -1.356  1.00 0.00 ? 26  ASN A HB2  1 
ATOM 388  H HB3  . ASN A 1 26  ? -13.407 7.638   -2.679  1.00 0.00 ? 26  ASN A HB3  1 
ATOM 389  H HD21 . ASN A 1 26  ? -15.593 5.872   -1.530  1.00 0.00 ? 26  ASN A HD21 1 
ATOM 390  H HD22 . ASN A 1 26  ? -16.186 5.000   -2.860  1.00 0.00 ? 26  ASN A HD22 1 
ATOM 391  N N    . LYS A 1 27  ? -11.143 7.897   -4.377  1.00 0.00 ? 27  LYS A N    1 
ATOM 392  C CA   . LYS A 1 27  ? -10.859 8.539   -5.659  1.00 0.00 ? 27  LYS A CA   1 
ATOM 393  C C    . LYS A 1 27  ? -9.840  7.727   -6.455  1.00 0.00 ? 27  LYS A C    1 
ATOM 394  O O    . LYS A 1 27  ? -9.831  7.753   -7.685  1.00 0.00 ? 27  LYS A O    1 
ATOM 395  C CB   . LYS A 1 27  ? -10.312 9.951   -5.441  1.00 0.00 ? 27  LYS A CB   1 
ATOM 396  C CG   . LYS A 1 27  ? -11.420 10.846  -4.882  1.00 0.00 ? 27  LYS A CG   1 
ATOM 397  C CD   . LYS A 1 27  ? -10.877 12.260  -4.668  1.00 0.00 ? 27  LYS A CD   1 
ATOM 398  C CE   . LYS A 1 27  ? -11.672 12.952  -3.559  1.00 0.00 ? 27  LYS A CE   1 
ATOM 399  N NZ   . LYS A 1 27  ? -11.513 14.432  -3.616  1.00 0.00 ? 27  LYS A NZ   1 
ATOM 400  H H    . LYS A 1 27  ? -10.942 8.373   -3.545  1.00 0.00 ? 27  LYS A H    1 
ATOM 401  H HA   . LYS A 1 27  ? -11.775 8.605   -6.227  1.00 0.00 ? 27  LYS A HA   1 
ATOM 402  H HB2  . LYS A 1 27  ? -9.491  9.914   -4.740  1.00 0.00 ? 27  LYS A HB2  1 
ATOM 403  H HB3  . LYS A 1 27  ? -9.967  10.353  -6.381  1.00 0.00 ? 27  LYS A HB3  1 
ATOM 404  H HG2  . LYS A 1 27  ? -12.243 10.878  -5.581  1.00 0.00 ? 27  LYS A HG2  1 
ATOM 405  H HG3  . LYS A 1 27  ? -11.764 10.449  -3.939  1.00 0.00 ? 27  LYS A HG3  1 
ATOM 406  H HD2  . LYS A 1 27  ? -9.835  12.207  -4.386  1.00 0.00 ? 27  LYS A HD2  1 
ATOM 407  H HD3  . LYS A 1 27  ? -10.974 12.825  -5.583  1.00 0.00 ? 27  LYS A HD3  1 
ATOM 408  H HE2  . LYS A 1 27  ? -12.717 12.706  -3.669  1.00 0.00 ? 27  LYS A HE2  1 
ATOM 409  H HE3  . LYS A 1 27  ? -11.325 12.593  -2.600  1.00 0.00 ? 27  LYS A HE3  1 
ATOM 410  H HZ1  . LYS A 1 27  ? -11.314 14.722  -4.594  1.00 0.00 ? 27  LYS A HZ1  1 
ATOM 411  H HZ2  . LYS A 1 27  ? -10.724 14.719  -3.001  1.00 0.00 ? 27  LYS A HZ2  1 
ATOM 412  H HZ3  . LYS A 1 27  ? -12.390 14.888  -3.292  1.00 0.00 ? 27  LYS A HZ3  1 
ATOM 413  N N    . VAL A 1 28  ? -8.980  7.002   -5.739  1.00 0.00 ? 28  VAL A N    1 
ATOM 414  C CA   . VAL A 1 28  ? -7.959  6.183   -6.391  1.00 0.00 ? 28  VAL A CA   1 
ATOM 415  C C    . VAL A 1 28  ? -8.611  5.129   -7.290  1.00 0.00 ? 28  VAL A C    1 
ATOM 416  O O    . VAL A 1 28  ? -8.025  4.695   -8.281  1.00 0.00 ? 28  VAL A O    1 
ATOM 417  C CB   . VAL A 1 28  ? -7.083  5.482   -5.346  1.00 0.00 ? 28  VAL A CB   1 
ATOM 418  C CG1  . VAL A 1 28  ? -5.936  4.742   -6.043  1.00 0.00 ? 28  VAL A CG1  1 
ATOM 419  C CG2  . VAL A 1 28  ? -6.501  6.522   -4.381  1.00 0.00 ? 28  VAL A CG2  1 
ATOM 420  H H    . VAL A 1 28  ? -9.031  7.017   -4.762  1.00 0.00 ? 28  VAL A H    1 
ATOM 421  H HA   . VAL A 1 28  ? -7.334  6.821   -6.998  1.00 0.00 ? 28  VAL A HA   1 
ATOM 422  H HB   . VAL A 1 28  ? -7.683  4.773   -4.793  1.00 0.00 ? 28  VAL A HB   1 
ATOM 423  H HG11 . VAL A 1 28  ? -5.470  4.062   -5.346  1.00 0.00 ? 28  VAL A HG11 1 
ATOM 424  H HG12 . VAL A 1 28  ? -5.207  5.457   -6.393  1.00 0.00 ? 28  VAL A HG12 1 
ATOM 425  H HG13 . VAL A 1 28  ? -6.326  4.185   -6.882  1.00 0.00 ? 28  VAL A HG13 1 
ATOM 426  H HG21 . VAL A 1 28  ? -7.119  7.406   -4.385  1.00 0.00 ? 28  VAL A HG21 1 
ATOM 427  H HG22 . VAL A 1 28  ? -5.500  6.782   -4.692  1.00 0.00 ? 28  VAL A HG22 1 
ATOM 428  H HG23 . VAL A 1 28  ? -6.472  6.109   -3.383  1.00 0.00 ? 28  VAL A HG23 1 
ATOM 429  N N    . ARG A 1 29  ? -9.830  4.722   -6.933  1.00 0.00 ? 29  ARG A N    1 
ATOM 430  C CA   . ARG A 1 29  ? -10.552 3.718   -7.715  1.00 0.00 ? 29  ARG A CA   1 
ATOM 431  C C    . ARG A 1 29  ? -10.707 4.171   -9.166  1.00 0.00 ? 29  ARG A C    1 
ATOM 432  O O    . ARG A 1 29  ? -10.735 3.354   -10.088 1.00 0.00 ? 29  ARG A O    1 
ATOM 433  C CB   . ARG A 1 29  ? -11.941 3.475   -7.121  1.00 0.00 ? 29  ARG A CB   1 
ATOM 434  C CG   . ARG A 1 29  ? -11.800 2.861   -5.726  1.00 0.00 ? 29  ARG A CG   1 
ATOM 435  C CD   . ARG A 1 29  ? -11.878 1.338   -5.827  1.00 0.00 ? 29  ARG A CD   1 
ATOM 436  N NE   . ARG A 1 29  ? -13.257 0.881   -5.686  1.00 0.00 ? 29  ARG A NE   1 
ATOM 437  C CZ   . ARG A 1 29  ? -13.646 0.194   -4.615  1.00 0.00 ? 29  ARG A CZ   1 
ATOM 438  N NH1  . ARG A 1 29  ? -12.937 -0.818  -4.196  1.00 0.00 ? 29  ARG A NH1  1 
ATOM 439  N NH2  . ARG A 1 29  ? -14.736 0.532   -3.982  1.00 0.00 ? 29  ARG A NH2  1 
ATOM 440  H H    . ARG A 1 29  ? -10.250 5.100   -6.134  1.00 0.00 ? 29  ARG A H    1 
ATOM 441  H HA   . ARG A 1 29  ? -9.997  2.793   -7.695  1.00 0.00 ? 29  ARG A HA   1 
ATOM 442  H HB2  . ARG A 1 29  ? -12.472 4.414   -7.051  1.00 0.00 ? 29  ARG A HB2  1 
ATOM 443  H HB3  . ARG A 1 29  ? -12.491 2.798   -7.756  1.00 0.00 ? 29  ARG A HB3  1 
ATOM 444  H HG2  . ARG A 1 29  ? -10.849 3.147   -5.301  1.00 0.00 ? 29  ARG A HG2  1 
ATOM 445  H HG3  . ARG A 1 29  ? -12.599 3.219   -5.094  1.00 0.00 ? 29  ARG A HG3  1 
ATOM 446  H HD2  . ARG A 1 29  ? -11.498 1.024   -6.787  1.00 0.00 ? 29  ARG A HD2  1 
ATOM 447  H HD3  . ARG A 1 29  ? -11.272 0.898   -5.046  1.00 0.00 ? 29  ARG A HD3  1 
ATOM 448  H HE   . ARG A 1 29  ? -13.907 1.084   -6.390  1.00 0.00 ? 29  ARG A HE   1 
ATOM 449  H HH11 . ARG A 1 29  ? -12.101 -1.077  -4.681  1.00 0.00 ? 29  ARG A HH11 1 
ATOM 450  H HH12 . ARG A 1 29  ? -13.228 -1.335  -3.391  1.00 0.00 ? 29  ARG A HH12 1 
ATOM 451  H HH21 . ARG A 1 29  ? -15.280 1.308   -4.303  1.00 0.00 ? 29  ARG A HH21 1 
ATOM 452  H HH22 . ARG A 1 29  ? -15.028 0.016   -3.177  1.00 0.00 ? 29  ARG A HH22 1 
ATOM 453  N N    . ASN A 1 30  ? -10.803 5.484   -9.358  1.00 0.00 ? 30  ASN A N    1 
ATOM 454  C CA   . ASN A 1 30  ? -10.952 6.040   -10.700 1.00 0.00 ? 30  ASN A CA   1 
ATOM 455  C C    . ASN A 1 30  ? -9.642  6.675   -11.157 1.00 0.00 ? 30  ASN A C    1 
ATOM 456  O O    . ASN A 1 30  ? -8.808  7.067   -10.340 1.00 0.00 ? 30  ASN A O    1 
ATOM 457  C CB   . ASN A 1 30  ? -12.054 7.099   -10.723 1.00 0.00 ? 30  ASN A CB   1 
ATOM 458  C CG   . ASN A 1 30  ? -13.408 6.422   -10.912 1.00 0.00 ? 30  ASN A CG   1 
ATOM 459  O OD1  . ASN A 1 30  ? -13.614 5.296   -10.459 1.00 0.00 ? 30  ASN A OD1  1 
ATOM 460  N ND2  . ASN A 1 30  ? -14.352 7.046   -11.561 1.00 0.00 ? 30  ASN A ND2  1 
ATOM 461  H H    . ASN A 1 30  ? -10.773 6.087   -8.587  1.00 0.00 ? 30  ASN A H    1 
ATOM 462  H HA   . ASN A 1 30  ? -11.214 5.246   -11.382 1.00 0.00 ? 30  ASN A HA   1 
ATOM 463  H HB2  . ASN A 1 30  ? -12.051 7.644   -9.790  1.00 0.00 ? 30  ASN A HB2  1 
ATOM 464  H HB3  . ASN A 1 30  ? -11.880 7.783   -11.540 1.00 0.00 ? 30  ASN A HB3  1 
ATOM 465  H HD21 . ASN A 1 30  ? -14.188 7.942   -11.922 1.00 0.00 ? 30  ASN A HD21 1 
ATOM 466  H HD22 . ASN A 1 30  ? -15.224 6.620   -11.687 1.00 0.00 ? 30  ASN A HD22 1 
ATOM 467  N N    . ARG A 1 31  ? -9.470  6.771   -12.472 1.00 0.00 ? 31  ARG A N    1 
ATOM 468  C CA   . ARG A 1 31  ? -8.256  7.361   -13.029 1.00 0.00 ? 31  ARG A CA   1 
ATOM 469  C C    . ARG A 1 31  ? -8.290  8.882   -12.888 1.00 0.00 ? 31  ARG A C    1 
ATOM 470  O O    . ARG A 1 31  ? -8.360  9.617   -13.875 1.00 0.00 ? 31  ARG A O    1 
ATOM 471  C CB   . ARG A 1 31  ? -8.111  6.988   -14.507 1.00 0.00 ? 31  ARG A CB   1 
ATOM 472  C CG   . ARG A 1 31  ? -7.736  5.509   -14.627 1.00 0.00 ? 31  ARG A CG   1 
ATOM 473  C CD   . ARG A 1 31  ? -7.438  5.174   -16.088 1.00 0.00 ? 31  ARG A CD   1 
ATOM 474  N NE   . ARG A 1 31  ? -8.657  4.767   -16.783 1.00 0.00 ? 31  ARG A NE   1 
ATOM 475  C CZ   . ARG A 1 31  ? -8.635  3.798   -17.694 1.00 0.00 ? 31  ARG A CZ   1 
ATOM 476  N NH1  . ARG A 1 31  ? -7.632  3.704   -18.523 1.00 0.00 ? 31  ARG A NH1  1 
ATOM 477  N NH2  . ARG A 1 31  ? -9.617  2.941   -17.757 1.00 0.00 ? 31  ARG A NH2  1 
ATOM 478  H H    . ARG A 1 31  ? -10.169 6.442   -13.075 1.00 0.00 ? 31  ARG A H    1 
ATOM 479  H HA   . ARG A 1 31  ? -7.403  6.979   -12.488 1.00 0.00 ? 31  ARG A HA   1 
ATOM 480  H HB2  . ARG A 1 31  ? -9.048  7.164   -15.017 1.00 0.00 ? 31  ARG A HB2  1 
ATOM 481  H HB3  . ARG A 1 31  ? -7.337  7.591   -14.957 1.00 0.00 ? 31  ARG A HB3  1 
ATOM 482  H HG2  . ARG A 1 31  ? -6.861  5.311   -14.025 1.00 0.00 ? 31  ARG A HG2  1 
ATOM 483  H HG3  . ARG A 1 31  ? -8.557  4.900   -14.280 1.00 0.00 ? 31  ARG A HG3  1 
ATOM 484  H HD2  . ARG A 1 31  ? -7.026  6.044   -16.577 1.00 0.00 ? 31  ARG A HD2  1 
ATOM 485  H HD3  . ARG A 1 31  ? -6.716  4.369   -16.129 1.00 0.00 ? 31  ARG A HD3  1 
ATOM 486  H HE   . ARG A 1 31  ? -9.503  5.216   -16.576 1.00 0.00 ? 31  ARG A HE   1 
ATOM 487  H HH11 . ARG A 1 31  ? -6.880  4.361   -18.475 1.00 0.00 ? 31  ARG A HH11 1 
ATOM 488  H HH12 . ARG A 1 31  ? -7.616  2.975   -19.207 1.00 0.00 ? 31  ARG A HH12 1 
ATOM 489  H HH21 . ARG A 1 31  ? -10.386 3.013   -17.121 1.00 0.00 ? 31  ARG A HH21 1 
ATOM 490  H HH22 . ARG A 1 31  ? -9.601  2.212   -18.442 1.00 0.00 ? 31  ARG A HH22 1 
ATOM 491  N N    . GLU A 1 32  ? -8.242  9.347   -11.643 1.00 0.00 ? 32  GLU A N    1 
ATOM 492  C CA   . GLU A 1 32  ? -8.268  10.782  -11.373 1.00 0.00 ? 32  GLU A CA   1 
ATOM 493  C C    . GLU A 1 32  ? -6.914  11.251  -10.847 1.00 0.00 ? 32  GLU A C    1 
ATOM 494  O O    . GLU A 1 32  ? -6.484  12.374  -11.115 1.00 0.00 ? 32  GLU A O    1 
ATOM 495  C CB   . GLU A 1 32  ? -9.346  11.112  -10.339 1.00 0.00 ? 32  GLU A CB   1 
ATOM 496  C CG   . GLU A 1 32  ? -10.693 11.285  -11.043 1.00 0.00 ? 32  GLU A CG   1 
ATOM 497  C CD   . GLU A 1 32  ? -11.602 12.166  -10.194 1.00 0.00 ? 32  GLU A CD   1 
ATOM 498  O OE1  . GLU A 1 32  ? -11.098 13.108  -9.604  1.00 0.00 ? 32  GLU A OE1  1 
ATOM 499  O OE2  . GLU A 1 32  ? -12.789 11.887  -10.145 1.00 0.00 ? 32  GLU A OE2  1 
ATOM 500  H H    . GLU A 1 32  ? -8.188  8.716   -10.895 1.00 0.00 ? 32  GLU A H    1 
ATOM 501  H HA   . GLU A 1 32  ? -8.490  11.307  -12.289 1.00 0.00 ? 32  GLU A HA   1 
ATOM 502  H HB2  . GLU A 1 32  ? -9.413  10.309  -9.620  1.00 0.00 ? 32  GLU A HB2  1 
ATOM 503  H HB3  . GLU A 1 32  ? -9.088  12.030  -9.830  1.00 0.00 ? 32  GLU A HB3  1 
ATOM 504  H HG2  . GLU A 1 32  ? -10.539 11.747  -12.006 1.00 0.00 ? 32  GLU A HG2  1 
ATOM 505  H HG3  . GLU A 1 32  ? -11.155 10.318  -11.176 1.00 0.00 ? 32  GLU A HG3  1 
ATOM 506  N N    . GLU A 1 33  ? -6.247  10.379  -10.096 1.00 0.00 ? 33  GLU A N    1 
ATOM 507  C CA   . GLU A 1 33  ? -4.939  10.710  -9.533  1.00 0.00 ? 33  GLU A CA   1 
ATOM 508  C C    . GLU A 1 33  ? -5.048  11.912  -8.600  1.00 0.00 ? 33  GLU A C    1 
ATOM 509  O O    . GLU A 1 33  ? -5.213  13.048  -9.044  1.00 0.00 ? 33  GLU A O    1 
ATOM 510  C CB   . GLU A 1 33  ? -3.938  11.030  -10.646 1.00 0.00 ? 33  GLU A CB   1 
ATOM 511  C CG   . GLU A 1 33  ? -3.243  9.744   -11.093 1.00 0.00 ? 33  GLU A CG   1 
ATOM 512  C CD   . GLU A 1 33  ? -1.866  10.079  -11.657 1.00 0.00 ? 33  GLU A CD   1 
ATOM 513  O OE1  . GLU A 1 33  ? -1.236  10.982  -11.131 1.00 0.00 ? 33  GLU A OE1  1 
ATOM 514  O OE2  . GLU A 1 33  ? -1.461  9.428   -12.606 1.00 0.00 ? 33  GLU A OE2  1 
ATOM 515  H H    . GLU A 1 33  ? -6.640  9.499   -9.916  1.00 0.00 ? 33  GLU A H    1 
ATOM 516  H HA   . GLU A 1 33  ? -4.576  9.863   -8.970  1.00 0.00 ? 33  GLU A HA   1 
ATOM 517  H HB2  . GLU A 1 33  ? -4.462  11.468  -11.484 1.00 0.00 ? 33  GLU A HB2  1 
ATOM 518  H HB3  . GLU A 1 33  ? -3.200  11.727  -10.277 1.00 0.00 ? 33  GLU A HB3  1 
ATOM 519  H HG2  . GLU A 1 33  ? -3.135  9.080   -10.248 1.00 0.00 ? 33  GLU A HG2  1 
ATOM 520  H HG3  . GLU A 1 33  ? -3.834  9.260   -11.856 1.00 0.00 ? 33  GLU A HG3  1 
ATOM 521  N N    . VAL A 1 34  ? -4.952  11.647  -7.299  1.00 0.00 ? 34  VAL A N    1 
ATOM 522  C CA   . VAL A 1 34  ? -5.039  12.714  -6.305  1.00 0.00 ? 34  VAL A CA   1 
ATOM 523  C C    . VAL A 1 34  ? -3.779  12.731  -5.437  1.00 0.00 ? 34  VAL A C    1 
ATOM 524  O O    . VAL A 1 34  ? -3.403  11.720  -4.842  1.00 0.00 ? 34  VAL A O    1 
ATOM 525  C CB   . VAL A 1 34  ? -6.286  12.522  -5.425  1.00 0.00 ? 34  VAL A CB   1 
ATOM 526  C CG1  . VAL A 1 34  ? -6.184  11.208  -4.641  1.00 0.00 ? 34  VAL A CG1  1 
ATOM 527  C CG2  . VAL A 1 34  ? -6.419  13.698  -4.447  1.00 0.00 ? 34  VAL A CG2  1 
ATOM 528  H H    . VAL A 1 34  ? -4.819  10.722  -7.005  1.00 0.00 ? 34  VAL A H    1 
ATOM 529  H HA   . VAL A 1 34  ? -5.118  13.661  -6.818  1.00 0.00 ? 34  VAL A HA   1 
ATOM 530  H HB   . VAL A 1 34  ? -7.160  12.486  -6.059  1.00 0.00 ? 34  VAL A HB   1 
ATOM 531  H HG11 . VAL A 1 34  ? -5.484  10.548  -5.132  1.00 0.00 ? 34  VAL A HG11 1 
ATOM 532  H HG12 . VAL A 1 34  ? -7.154  10.737  -4.600  1.00 0.00 ? 34  VAL A HG12 1 
ATOM 533  H HG13 . VAL A 1 34  ? -5.840  11.412  -3.636  1.00 0.00 ? 34  VAL A HG13 1 
ATOM 534  H HG21 . VAL A 1 34  ? -6.764  13.335  -3.490  1.00 0.00 ? 34  VAL A HG21 1 
ATOM 535  H HG22 . VAL A 1 34  ? -7.131  14.411  -4.838  1.00 0.00 ? 34  VAL A HG22 1 
ATOM 536  H HG23 . VAL A 1 34  ? -5.461  14.179  -4.325  1.00 0.00 ? 34  VAL A HG23 1 
ATOM 537  N N    . ASP A 1 35  ? -3.134  13.892  -5.374  1.00 0.00 ? 35  ASP A N    1 
ATOM 538  C CA   . ASP A 1 35  ? -1.917  14.035  -4.578  1.00 0.00 ? 35  ASP A CA   1 
ATOM 539  C C    . ASP A 1 35  ? -2.258  14.460  -3.153  1.00 0.00 ? 35  ASP A C    1 
ATOM 540  O O    . ASP A 1 35  ? -2.882  15.498  -2.932  1.00 0.00 ? 35  ASP A O    1 
ATOM 541  C CB   . ASP A 1 35  ? -0.990  15.079  -5.201  1.00 0.00 ? 35  ASP A CB   1 
ATOM 542  C CG   . ASP A 1 35  ? -0.175  14.435  -6.318  1.00 0.00 ? 35  ASP A CG   1 
ATOM 543  O OD1  . ASP A 1 35  ? -0.720  13.595  -7.014  1.00 0.00 ? 35  ASP A OD1  1 
ATOM 544  O OD2  . ASP A 1 35  ? 0.983   14.793  -6.461  1.00 0.00 ? 35  ASP A OD2  1 
ATOM 545  H H    . ASP A 1 35  ? -3.479  14.664  -5.869  1.00 0.00 ? 35  ASP A H    1 
ATOM 546  H HA   . ASP A 1 35  ? -1.404  13.085  -4.548  1.00 0.00 ? 35  ASP A HA   1 
ATOM 547  H HB2  . ASP A 1 35  ? -1.580  15.889  -5.606  1.00 0.00 ? 35  ASP A HB2  1 
ATOM 548  H HB3  . ASP A 1 35  ? -0.321  15.464  -4.446  1.00 0.00 ? 35  ASP A HB3  1 
ATOM 549  N N    . ASP A 1 36  ? -1.838  13.645  -2.189  1.00 0.00 ? 36  ASP A N    1 
ATOM 550  C CA   . ASP A 1 36  ? -2.103  13.944  -0.783  1.00 0.00 ? 36  ASP A CA   1 
ATOM 551  C C    . ASP A 1 36  ? -1.071  13.251  0.112   1.00 0.00 ? 36  ASP A C    1 
ATOM 552  O O    . ASP A 1 36  ? -0.623  12.146  -0.190  1.00 0.00 ? 36  ASP A O    1 
ATOM 553  C CB   . ASP A 1 36  ? -3.503  13.472  -0.389  1.00 0.00 ? 36  ASP A CB   1 
ATOM 554  C CG   . ASP A 1 36  ? -4.531  14.512  -0.823  1.00 0.00 ? 36  ASP A CG   1 
ATOM 555  O OD1  . ASP A 1 36  ? -4.988  14.430  -1.951  1.00 0.00 ? 36  ASP A OD1  1 
ATOM 556  O OD2  . ASP A 1 36  ? -4.847  15.375  -0.020  1.00 0.00 ? 36  ASP A OD2  1 
ATOM 557  H H    . ASP A 1 36  ? -1.345  12.833  -2.424  1.00 0.00 ? 36  ASP A H    1 
ATOM 558  H HA   . ASP A 1 36  ? -2.039  15.011  -0.635  1.00 0.00 ? 36  ASP A HA   1 
ATOM 559  H HB2  . ASP A 1 36  ? -3.716  12.530  -0.875  1.00 0.00 ? 36  ASP A HB2  1 
ATOM 560  H HB3  . ASP A 1 36  ? -3.553  13.344  0.681   1.00 0.00 ? 36  ASP A HB3  1 
ATOM 561  N N    . PRO A 1 37  ? -0.679  13.892  1.223   1.00 0.00 ? 37  PRO A N    1 
ATOM 562  C CA   . PRO A 1 37  ? 0.307   13.320  2.152   1.00 0.00 ? 37  PRO A CA   1 
ATOM 563  C C    . PRO A 1 37  ? -0.255  12.151  2.959   1.00 0.00 ? 37  PRO A C    1 
ATOM 564  O O    . PRO A 1 37  ? 0.331   11.069  2.999   1.00 0.00 ? 37  PRO A O    1 
ATOM 565  C CB   . PRO A 1 37  ? 0.667   14.484  3.072   1.00 0.00 ? 37  PRO A CB   1 
ATOM 566  C CG   . PRO A 1 37  ? -0.510  15.396  3.028   1.00 0.00 ? 37  PRO A CG   1 
ATOM 567  C CD   . PRO A 1 37  ? -1.148  15.214  1.679   1.00 0.00 ? 37  PRO A CD   1 
ATOM 568  H HA   . PRO A 1 37  ? 1.185   13.011  1.612   1.00 0.00 ? 37  PRO A HA   1 
ATOM 569  H HB2  . PRO A 1 37  ? 0.832   14.127  4.079   1.00 0.00 ? 37  PRO A HB2  1 
ATOM 570  H HB3  . PRO A 1 37  ? 1.544   14.996  2.706   1.00 0.00 ? 37  PRO A HB3  1 
ATOM 571  H HG2  . PRO A 1 37  ? -1.210  15.135  3.809   1.00 0.00 ? 37  PRO A HG2  1 
ATOM 572  H HG3  . PRO A 1 37  ? -0.191  16.420  3.143   1.00 0.00 ? 37  PRO A HG3  1 
ATOM 573  H HD2  . PRO A 1 37  ? -2.225  15.227  1.768   1.00 0.00 ? 37  PRO A HD2  1 
ATOM 574  H HD3  . PRO A 1 37  ? -0.813  15.979  0.997   1.00 0.00 ? 37  PRO A HD3  1 
ATOM 575  N N    . LYS A 1 38  ? -1.398  12.382  3.604   1.00 0.00 ? 38  LYS A N    1 
ATOM 576  C CA   . LYS A 1 38  ? -2.035  11.342  4.413   1.00 0.00 ? 38  LYS A CA   1 
ATOM 577  C C    . LYS A 1 38  ? -2.314  10.095  3.575   1.00 0.00 ? 38  LYS A C    1 
ATOM 578  O O    . LYS A 1 38  ? -2.292  8.973   4.080   1.00 0.00 ? 38  LYS A O    1 
ATOM 579  C CB   . LYS A 1 38  ? -3.355  11.851  4.995   1.00 0.00 ? 38  LYS A CB   1 
ATOM 580  C CG   . LYS A 1 38  ? -3.085  13.055  5.901   1.00 0.00 ? 38  LYS A CG   1 
ATOM 581  C CD   . LYS A 1 38  ? -4.377  13.456  6.615   1.00 0.00 ? 38  LYS A CD   1 
ATOM 582  C CE   . LYS A 1 38  ? -4.219  14.857  7.210   1.00 0.00 ? 38  LYS A CE   1 
ATOM 583  N NZ   . LYS A 1 38  ? -5.516  15.592  7.219   1.00 0.00 ? 38  LYS A NZ   1 
ATOM 584  H H    . LYS A 1 38  ? -1.818  13.263  3.538   1.00 0.00 ? 38  LYS A H    1 
ATOM 585  H HA   . LYS A 1 38  ? -1.376  11.077  5.225   1.00 0.00 ? 38  LYS A HA   1 
ATOM 586  H HB2  . LYS A 1 38  ? -4.013  12.147  4.190   1.00 0.00 ? 38  LYS A HB2  1 
ATOM 587  H HB3  . LYS A 1 38  ? -3.821  11.067  5.572   1.00 0.00 ? 38  LYS A HB3  1 
ATOM 588  H HG2  . LYS A 1 38  ? -2.333  12.794  6.631   1.00 0.00 ? 38  LYS A HG2  1 
ATOM 589  H HG3  . LYS A 1 38  ? -2.734  13.884  5.303   1.00 0.00 ? 38  LYS A HG3  1 
ATOM 590  H HD2  . LYS A 1 38  ? -5.194  13.453  5.909   1.00 0.00 ? 38  LYS A HD2  1 
ATOM 591  H HD3  . LYS A 1 38  ? -4.583  12.752  7.408   1.00 0.00 ? 38  LYS A HD3  1 
ATOM 592  H HE2  . LYS A 1 38  ? -3.857  14.772  8.223   1.00 0.00 ? 38  LYS A HE2  1 
ATOM 593  H HE3  . LYS A 1 38  ? -3.500  15.410  6.623   1.00 0.00 ? 38  LYS A HE3  1 
ATOM 594  H HZ1  . LYS A 1 38  ? -5.693  15.995  6.278   1.00 0.00 ? 38  LYS A HZ1  1 
ATOM 595  H HZ2  . LYS A 1 38  ? -5.474  16.358  7.923   1.00 0.00 ? 38  LYS A HZ2  1 
ATOM 596  H HZ3  . LYS A 1 38  ? -6.285  14.936  7.464   1.00 0.00 ? 38  LYS A HZ3  1 
ATOM 597  N N    . LEU A 1 39  ? -2.578  10.305  2.289   1.00 0.00 ? 39  LEU A N    1 
ATOM 598  C CA   . LEU A 1 39  ? -2.863  9.192   1.388   1.00 0.00 ? 39  LEU A CA   1 
ATOM 599  C C    . LEU A 1 39  ? -1.638  8.288   1.252   1.00 0.00 ? 39  LEU A C    1 
ATOM 600  O O    . LEU A 1 39  ? -1.682  7.105   1.586   1.00 0.00 ? 39  LEU A O    1 
ATOM 601  C CB   . LEU A 1 39  ? -3.266  9.714   0.005   1.00 0.00 ? 39  LEU A CB   1 
ATOM 602  C CG   . LEU A 1 39  ? -4.440  8.985   -0.653  1.00 0.00 ? 39  LEU A CG   1 
ATOM 603  C CD1  . LEU A 1 39  ? -4.662  9.539   -2.062  1.00 0.00 ? 39  LEU A CD1  1 
ATOM 604  C CD2  . LEU A 1 39  ? -4.127  7.490   -0.738  1.00 0.00 ? 39  LEU A CD2  1 
ATOM 605  H H    . LEU A 1 39  ? -2.584  11.222  1.940   1.00 0.00 ? 39  LEU A H    1 
ATOM 606  H HA   . LEU A 1 39  ? -3.679  8.614   1.794   1.00 0.00 ? 39  LEU A HA   1 
ATOM 607  H HB2  . LEU A 1 39  ? -3.534  10.754  0.102   1.00 0.00 ? 39  LEU A HB2  1 
ATOM 608  H HB3  . LEU A 1 39  ? -2.408  9.648   -0.652  1.00 0.00 ? 39  LEU A HB3  1 
ATOM 609  H HG   . LEU A 1 39  ? -5.332  9.136   -0.063  1.00 0.00 ? 39  LEU A HG   1 
ATOM 610  H HD11 . LEU A 1 39  ? -5.388  8.930   -2.578  1.00 0.00 ? 39  LEU A HD11 1 
ATOM 611  H HD12 . LEU A 1 39  ? -3.729  9.524   -2.606  1.00 0.00 ? 39  LEU A HD12 1 
ATOM 612  H HD13 . LEU A 1 39  ? -5.024  10.554  -1.996  1.00 0.00 ? 39  LEU A HD13 1 
ATOM 613  H HD21 . LEU A 1 39  ? -4.375  7.016   0.200   1.00 0.00 ? 39  LEU A HD21 1 
ATOM 614  H HD22 . LEU A 1 39  ? -3.076  7.352   -0.944  1.00 0.00 ? 39  LEU A HD22 1 
ATOM 615  H HD23 . LEU A 1 39  ? -4.710  7.044   -1.531  1.00 0.00 ? 39  LEU A HD23 1 
ATOM 616  N N    . LYS A 1 40  ? -0.546  8.863   0.756   1.00 0.00 ? 40  LYS A N    1 
ATOM 617  C CA   . LYS A 1 40  ? 0.688   8.103   0.576   1.00 0.00 ? 40  LYS A CA   1 
ATOM 618  C C    . LYS A 1 40  ? 1.234   7.640   1.924   1.00 0.00 ? 40  LYS A C    1 
ATOM 619  O O    . LYS A 1 40  ? 1.767   6.537   2.048   1.00 0.00 ? 40  LYS A O    1 
ATOM 620  C CB   . LYS A 1 40  ? 1.748   8.962   -0.119  1.00 0.00 ? 40  LYS A CB   1 
ATOM 621  C CG   . LYS A 1 40  ? 1.179   9.527   -1.422  1.00 0.00 ? 40  LYS A CG   1 
ATOM 622  C CD   . LYS A 1 40  ? 2.288   10.252  -2.191  1.00 0.00 ? 40  LYS A CD   1 
ATOM 623  C CE   . LYS A 1 40  ? 1.681   11.393  -3.009  1.00 0.00 ? 40  LYS A CE   1 
ATOM 624  N NZ   . LYS A 1 40  ? 2.736   12.185  -3.703  1.00 0.00 ? 40  LYS A NZ   1 
ATOM 625  H H    . LYS A 1 40  ? -0.571  9.810   0.506   1.00 0.00 ? 40  LYS A H    1 
ATOM 626  H HA   . LYS A 1 40  ? 0.483   7.239   -0.037  1.00 0.00 ? 40  LYS A HA   1 
ATOM 627  H HB2  . LYS A 1 40  ? 2.034   9.775   0.532   1.00 0.00 ? 40  LYS A HB2  1 
ATOM 628  H HB3  . LYS A 1 40  ? 2.614   8.355   -0.340  1.00 0.00 ? 40  LYS A HB3  1 
ATOM 629  H HG2  . LYS A 1 40  ? 0.791   8.720   -2.025  1.00 0.00 ? 40  LYS A HG2  1 
ATOM 630  H HG3  . LYS A 1 40  ? 0.386   10.224  -1.197  1.00 0.00 ? 40  LYS A HG3  1 
ATOM 631  H HD2  . LYS A 1 40  ? 3.007   10.652  -1.491  1.00 0.00 ? 40  LYS A HD2  1 
ATOM 632  H HD3  . LYS A 1 40  ? 2.779   9.556   -2.855  1.00 0.00 ? 40  LYS A HD3  1 
ATOM 633  H HE2  . LYS A 1 40  ? 1.008   10.981  -3.745  1.00 0.00 ? 40  LYS A HE2  1 
ATOM 634  H HE3  . LYS A 1 40  ? 1.126   12.043  -2.348  1.00 0.00 ? 40  LYS A HE3  1 
ATOM 635  H HZ1  . LYS A 1 40  ? 2.350   13.109  -3.979  1.00 0.00 ? 40  LYS A HZ1  1 
ATOM 636  H HZ2  . LYS A 1 40  ? 3.052   11.671  -4.551  1.00 0.00 ? 40  LYS A HZ2  1 
ATOM 637  H HZ3  . LYS A 1 40  ? 3.543   12.325  -3.062  1.00 0.00 ? 40  LYS A HZ3  1 
ATOM 638  N N    . GLU A 1 41  ? 1.099   8.499   2.929   1.00 0.00 ? 41  GLU A N    1 
ATOM 639  C CA   . GLU A 1 41  ? 1.586   8.176   4.269   1.00 0.00 ? 41  GLU A CA   1 
ATOM 640  C C    . GLU A 1 41  ? 0.815   6.999   4.858   1.00 0.00 ? 41  GLU A C    1 
ATOM 641  O O    . GLU A 1 41  ? 1.404   6.036   5.349   1.00 0.00 ? 41  GLU A O    1 
ATOM 642  C CB   . GLU A 1 41  ? 1.433   9.381   5.198   1.00 0.00 ? 41  GLU A CB   1 
ATOM 643  C CG   . GLU A 1 41  ? 2.633   10.314  5.030   1.00 0.00 ? 41  GLU A CG   1 
ATOM 644  C CD   . GLU A 1 41  ? 3.850   9.705   5.715   1.00 0.00 ? 41  GLU A CD   1 
ATOM 645  O OE1  . GLU A 1 41  ? 4.565   8.964   5.059   1.00 0.00 ? 41  GLU A OE1  1 
ATOM 646  O OE2  . GLU A 1 41  ? 4.051   9.987   6.885   1.00 0.00 ? 41  GLU A OE2  1 
ATOM 647  H H    . GLU A 1 41  ? 0.669   9.364   2.770   1.00 0.00 ? 41  GLU A H    1 
ATOM 648  H HA   . GLU A 1 41  ? 2.633   7.914   4.208   1.00 0.00 ? 41  GLU A HA   1 
ATOM 649  H HB2  . GLU A 1 41  ? 0.524   9.912   4.950   1.00 0.00 ? 41  GLU A HB2  1 
ATOM 650  H HB3  . GLU A 1 41  ? 1.383   9.041   6.222   1.00 0.00 ? 41  GLU A HB3  1 
ATOM 651  H HG2  . GLU A 1 41  ? 2.839   10.448  3.978   1.00 0.00 ? 41  GLU A HG2  1 
ATOM 652  H HG3  . GLU A 1 41  ? 2.410   11.270  5.479   1.00 0.00 ? 41  GLU A HG3  1 
ATOM 653  N N    . HIS A 1 42  ? -0.512  7.091   4.810   1.00 0.00 ? 42  HIS A N    1 
ATOM 654  C CA   . HIS A 1 42  ? -1.369  6.033   5.350   1.00 0.00 ? 42  HIS A CA   1 
ATOM 655  C C    . HIS A 1 42  ? -1.041  4.681   4.715   1.00 0.00 ? 42  HIS A C    1 
ATOM 656  O O    . HIS A 1 42  ? -1.034  3.653   5.388   1.00 0.00 ? 42  HIS A O    1 
ATOM 657  C CB   . HIS A 1 42  ? -2.843  6.358   5.095   1.00 0.00 ? 42  HIS A CB   1 
ATOM 658  C CG   . HIS A 1 42  ? -3.715  5.382   5.841   1.00 0.00 ? 42  HIS A CG   1 
ATOM 659  N ND1  . HIS A 1 42  ? -4.660  4.597   5.199   1.00 0.00 ? 42  HIS A ND1  1 
ATOM 660  C CD2  . HIS A 1 42  ? -3.794  5.053   7.171   1.00 0.00 ? 42  HIS A CD2  1 
ATOM 661  C CE1  . HIS A 1 42  ? -5.261  3.842   6.136   1.00 0.00 ? 42  HIS A CE1  1 
ATOM 662  N NE2  . HIS A 1 42  ? -4.771  4.080   7.354   1.00 0.00 ? 42  HIS A NE2  1 
ATOM 663  H H    . HIS A 1 42  ? -0.924  7.886   4.411   1.00 0.00 ? 42  HIS A H    1 
ATOM 664  H HA   . HIS A 1 42  ? -1.208  5.964   6.416   1.00 0.00 ? 42  HIS A HA   1 
ATOM 665  H HB2  . HIS A 1 42  ? -3.054  7.360   5.436   1.00 0.00 ? 42  HIS A HB2  1 
ATOM 666  H HB3  . HIS A 1 42  ? -3.049  6.288   4.037   1.00 0.00 ? 42  HIS A HB3  1 
ATOM 667  H HD1  . HIS A 1 42  ? -4.854  4.593   4.239   1.00 0.00 ? 42  HIS A HD1  1 
ATOM 668  H HD2  . HIS A 1 42  ? -3.189  5.484   7.955   1.00 0.00 ? 42  HIS A HD2  1 
ATOM 669  H HE1  . HIS A 1 42  ? -6.046  3.128   5.926   1.00 0.00 ? 42  HIS A HE1  1 
ATOM 670  N N    . ALA A 1 43  ? -0.776  4.697   3.410   1.00 0.00 ? 43  ALA A N    1 
ATOM 671  C CA   . ALA A 1 43  ? -0.456  3.463   2.685   1.00 0.00 ? 43  ALA A CA   1 
ATOM 672  C C    . ALA A 1 43  ? 0.729   2.740   3.324   1.00 0.00 ? 43  ALA A C    1 
ATOM 673  O O    . ALA A 1 43  ? 0.663   1.544   3.606   1.00 0.00 ? 43  ALA A O    1 
ATOM 674  C CB   . ALA A 1 43  ? -0.122  3.773   1.225   1.00 0.00 ? 43  ALA A CB   1 
ATOM 675  H H    . ALA A 1 43  ? -0.799  5.547   2.923   1.00 0.00 ? 43  ALA A H    1 
ATOM 676  H HA   . ALA A 1 43  ? -1.317  2.811   2.714   1.00 0.00 ? 43  ALA A HA   1 
ATOM 677  H HB1  . ALA A 1 43  ? -0.865  4.446   0.821   1.00 0.00 ? 43  ALA A HB1  1 
ATOM 678  H HB2  . ALA A 1 43  ? -0.119  2.856   0.655   1.00 0.00 ? 43  ALA A HB2  1 
ATOM 679  H HB3  . ALA A 1 43  ? 0.851   4.236   1.169   1.00 0.00 ? 43  ALA A HB3  1 
ATOM 680  N N    . PHE A 1 44  ? 1.815   3.478   3.551   1.00 0.00 ? 44  PHE A N    1 
ATOM 681  C CA   . PHE A 1 44  ? 3.010   2.893   4.162   1.00 0.00 ? 44  PHE A CA   1 
ATOM 682  C C    . PHE A 1 44  ? 2.674   2.304   5.532   1.00 0.00 ? 44  PHE A C    1 
ATOM 683  O O    . PHE A 1 44  ? 3.282   1.327   5.970   1.00 0.00 ? 44  PHE A O    1 
ATOM 684  C CB   . PHE A 1 44  ? 4.107   3.954   4.318   1.00 0.00 ? 44  PHE A CB   1 
ATOM 685  C CG   . PHE A 1 44  ? 5.378   3.312   4.833   1.00 0.00 ? 44  PHE A CG   1 
ATOM 686  C CD1  . PHE A 1 44  ? 5.921   2.201   4.176   1.00 0.00 ? 44  PHE A CD1  1 
ATOM 687  C CD2  . PHE A 1 44  ? 6.013   3.832   5.967   1.00 0.00 ? 44  PHE A CD2  1 
ATOM 688  C CE1  . PHE A 1 44  ? 7.097   1.611   4.654   1.00 0.00 ? 44  PHE A CE1  1 
ATOM 689  C CE2  . PHE A 1 44  ? 7.189   3.242   6.444   1.00 0.00 ? 44  PHE A CE2  1 
ATOM 690  C CZ   . PHE A 1 44  ? 7.731   2.132   5.788   1.00 0.00 ? 44  PHE A CZ   1 
ATOM 691  H H    . PHE A 1 44  ? 1.812   4.428   3.308   1.00 0.00 ? 44  PHE A H    1 
ATOM 692  H HA   . PHE A 1 44  ? 3.377   2.103   3.522   1.00 0.00 ? 44  PHE A HA   1 
ATOM 693  H HB2  . PHE A 1 44  ? 4.300   4.410   3.359   1.00 0.00 ? 44  PHE A HB2  1 
ATOM 694  H HB3  . PHE A 1 44  ? 3.781   4.711   5.014   1.00 0.00 ? 44  PHE A HB3  1 
ATOM 695  H HD1  . PHE A 1 44  ? 5.432   1.797   3.300   1.00 0.00 ? 44  PHE A HD1  1 
ATOM 696  H HD2  . PHE A 1 44  ? 5.595   4.690   6.474   1.00 0.00 ? 44  PHE A HD2  1 
ATOM 697  H HE1  . PHE A 1 44  ? 7.516   0.754   4.148   1.00 0.00 ? 44  PHE A HE1  1 
ATOM 698  H HE2  . PHE A 1 44  ? 7.678   3.645   7.319   1.00 0.00 ? 44  PHE A HE2  1 
ATOM 699  H HZ   . PHE A 1 44  ? 8.639   1.676   6.156   1.00 0.00 ? 44  PHE A HZ   1 
ATOM 700  N N    . CYS A 1 45  ? 1.696   2.908   6.198   1.00 0.00 ? 45  CYS A N    1 
ATOM 701  C CA   . CYS A 1 45  ? 1.279   2.436   7.516   1.00 0.00 ? 45  CYS A CA   1 
ATOM 702  C C    . CYS A 1 45  ? 0.676   1.036   7.411   1.00 0.00 ? 45  CYS A C    1 
ATOM 703  O O    . CYS A 1 45  ? 0.732   0.250   8.358   1.00 0.00 ? 45  CYS A O    1 
ATOM 704  C CB   . CYS A 1 45  ? 0.240   3.384   8.130   1.00 0.00 ? 45  CYS A CB   1 
ATOM 705  S SG   . CYS A 1 45  ? 0.850   5.088   8.069   1.00 0.00 ? 45  CYS A SG   1 
ATOM 706  H H    . CYS A 1 45  ? 1.245   3.680   5.799   1.00 0.00 ? 45  CYS A H    1 
ATOM 707  H HA   . CYS A 1 45  ? 2.142   2.398   8.164   1.00 0.00 ? 45  CYS A HA   1 
ATOM 708  H HB2  . CYS A 1 45  ? -0.683  3.316   7.577   1.00 0.00 ? 45  CYS A HB2  1 
ATOM 709  H HB3  . CYS A 1 45  ? 0.064   3.108   9.160   1.00 0.00 ? 45  CYS A HB3  1 
ATOM 710  N N    . ILE A 1 46  ? 0.097   0.730   6.249   1.00 0.00 ? 46  ILE A N    1 
ATOM 711  C CA   . ILE A 1 46  ? -0.515  -0.583  6.034   1.00 0.00 ? 46  ILE A CA   1 
ATOM 712  C C    . ILE A 1 46  ? 0.523   -1.566  5.500   1.00 0.00 ? 46  ILE A C    1 
ATOM 713  O O    . ILE A 1 46  ? 0.489   -2.755  5.807   1.00 0.00 ? 46  ILE A O    1 
ATOM 714  C CB   . ILE A 1 46  ? -1.680  -0.511  5.028   1.00 0.00 ? 46  ILE A CB   1 
ATOM 715  C CG1  . ILE A 1 46  ? -2.462  0.807   5.174   1.00 0.00 ? 46  ILE A CG1  1 
ATOM 716  C CG2  . ILE A 1 46  ? -2.629  -1.684  5.271   1.00 0.00 ? 46  ILE A CG2  1 
ATOM 717  C CD1  . ILE A 1 46  ? -2.965  0.976   6.613   1.00 0.00 ? 46  ILE A CD1  1 
ATOM 718  H H    . ILE A 1 46  ? 0.078   1.392   5.527   1.00 0.00 ? 46  ILE A H    1 
ATOM 719  H HA   . ILE A 1 46  ? -0.891  -0.951  6.976   1.00 0.00 ? 46  ILE A HA   1 
ATOM 720  H HB   . ILE A 1 46  ? -1.283  -0.582  4.024   1.00 0.00 ? 46  ILE A HB   1 
ATOM 721  H HG12 . ILE A 1 46  ? -1.817  1.633   4.921   1.00 0.00 ? 46  ILE A HG12 1 
ATOM 722  H HG13 . ILE A 1 46  ? -3.307  0.795   4.501   1.00 0.00 ? 46  ILE A HG13 1 
ATOM 723  H HG21 . ILE A 1 46  ? -2.264  -2.557  4.751   1.00 0.00 ? 46  ILE A HG21 1 
ATOM 724  H HG22 . ILE A 1 46  ? -3.614  -1.433  4.904   1.00 0.00 ? 46  ILE A HG22 1 
ATOM 725  H HG23 . ILE A 1 46  ? -2.682  -1.892  6.330   1.00 0.00 ? 46  ILE A HG23 1 
ATOM 726  H HD11 . ILE A 1 46  ? -2.850  0.044   7.149   1.00 0.00 ? 46  ILE A HD11 1 
ATOM 727  H HD12 . ILE A 1 46  ? -4.006  1.257   6.600   1.00 0.00 ? 46  ILE A HD12 1 
ATOM 728  H HD13 . ILE A 1 46  ? -2.390  1.747   7.106   1.00 0.00 ? 46  ILE A HD13 1 
ATOM 729  N N    . LEU A 1 47  ? 1.444   -1.050  4.690   1.00 0.00 ? 47  LEU A N    1 
ATOM 730  C CA   . LEU A 1 47  ? 2.492   -1.887  4.107   1.00 0.00 ? 47  LEU A CA   1 
ATOM 731  C C    . LEU A 1 47  ? 3.351   -2.515  5.205   1.00 0.00 ? 47  LEU A C    1 
ATOM 732  O O    . LEU A 1 47  ? 3.659   -3.707  5.168   1.00 0.00 ? 47  LEU A O    1 
ATOM 733  C CB   . LEU A 1 47  ? 3.380   -1.047  3.176   1.00 0.00 ? 47  LEU A CB   1 
ATOM 734  C CG   . LEU A 1 47  ? 3.168   -1.270  1.674   1.00 0.00 ? 47  LEU A CG   1 
ATOM 735  C CD1  . LEU A 1 47  ? 3.656   -2.668  1.292   1.00 0.00 ? 47  LEU A CD1  1 
ATOM 736  C CD2  . LEU A 1 47  ? 1.680   -1.139  1.337   1.00 0.00 ? 47  LEU A CD2  1 
ATOM 737  H H    . LEU A 1 47  ? 1.419   -0.094  4.478   1.00 0.00 ? 47  LEU A H    1 
ATOM 738  H HA   . LEU A 1 47  ? 2.030   -2.674  3.530   1.00 0.00 ? 47  LEU A HA   1 
ATOM 739  H HB2  . LEU A 1 47  ? 3.196   -0.006  3.384   1.00 0.00 ? 47  LEU A HB2  1 
ATOM 740  H HB3  . LEU A 1 47  ? 4.416   -1.257  3.406   1.00 0.00 ? 47  LEU A HB3  1 
ATOM 741  H HG   . LEU A 1 47  ? 3.730   -0.532  1.119   1.00 0.00 ? 47  LEU A HG   1 
ATOM 742  H HD11 . LEU A 1 47  ? 3.481   -2.835  0.239   1.00 0.00 ? 47  LEU A HD11 1 
ATOM 743  H HD12 . LEU A 1 47  ? 3.119   -3.406  1.869   1.00 0.00 ? 47  LEU A HD12 1 
ATOM 744  H HD13 . LEU A 1 47  ? 4.714   -2.748  1.498   1.00 0.00 ? 47  LEU A HD13 1 
ATOM 745  H HD21 . LEU A 1 47  ? 1.306   -0.199  1.715   1.00 0.00 ? 47  LEU A HD21 1 
ATOM 746  H HD22 . LEU A 1 47  ? 1.134   -1.952  1.792   1.00 0.00 ? 47  LEU A HD22 1 
ATOM 747  H HD23 . LEU A 1 47  ? 1.549   -1.173  0.265   1.00 0.00 ? 47  LEU A HD23 1 
ATOM 748  N N    . LYS A 1 48  ? 3.739   -1.695  6.176   1.00 0.00 ? 48  LYS A N    1 
ATOM 749  C CA   . LYS A 1 48  ? 4.570   -2.171  7.280   1.00 0.00 ? 48  LYS A CA   1 
ATOM 750  C C    . LYS A 1 48  ? 3.821   -3.197  8.128   1.00 0.00 ? 48  LYS A C    1 
ATOM 751  O O    . LYS A 1 48  ? 4.428   -4.077  8.739   1.00 0.00 ? 48  LYS A O    1 
ATOM 752  C CB   . LYS A 1 48  ? 4.989   -0.999  8.171   1.00 0.00 ? 48  LYS A CB   1 
ATOM 753  C CG   . LYS A 1 48  ? 6.266   -1.361  8.933   1.00 0.00 ? 48  LYS A CG   1 
ATOM 754  C CD   . LYS A 1 48  ? 6.599   -0.249  9.930   1.00 0.00 ? 48  LYS A CD   1 
ATOM 755  C CE   . LYS A 1 48  ? 5.509   -0.176  11.001  1.00 0.00 ? 48  LYS A CE   1 
ATOM 756  N NZ   . LYS A 1 48  ? 6.030   0.409   12.269  1.00 0.00 ? 48  LYS A NZ   1 
ATOM 757  H H    . LYS A 1 48  ? 3.468   -0.754  6.149   1.00 0.00 ? 48  LYS A H    1 
ATOM 758  H HA   . LYS A 1 48  ? 5.458   -2.633  6.875   1.00 0.00 ? 48  LYS A HA   1 
ATOM 759  H HB2  . LYS A 1 48  ? 5.171   -0.128  7.557   1.00 0.00 ? 48  LYS A HB2  1 
ATOM 760  H HB3  . LYS A 1 48  ? 4.201   -0.783  8.876   1.00 0.00 ? 48  LYS A HB3  1 
ATOM 761  H HG2  . LYS A 1 48  ? 6.117   -2.290  9.465   1.00 0.00 ? 48  LYS A HG2  1 
ATOM 762  H HG3  . LYS A 1 48  ? 7.084   -1.472  8.237   1.00 0.00 ? 48  LYS A HG3  1 
ATOM 763  H HD2  . LYS A 1 48  ? 7.551   -0.459  10.398  1.00 0.00 ? 48  LYS A HD2  1 
ATOM 764  H HD3  . LYS A 1 48  ? 6.654   0.695   9.410   1.00 0.00 ? 48  LYS A HD3  1 
ATOM 765  H HE2  . LYS A 1 48  ? 4.698   0.439   10.638  1.00 0.00 ? 48  LYS A HE2  1 
ATOM 766  H HE3  . LYS A 1 48  ? 5.137   -1.172  11.194  1.00 0.00 ? 48  LYS A HE3  1 
ATOM 767  H HZ1  . LYS A 1 48  ? 6.281   1.406   12.115  1.00 0.00 ? 48  LYS A HZ1  1 
ATOM 768  H HZ2  . LYS A 1 48  ? 6.875   -0.120  12.572  1.00 0.00 ? 48  LYS A HZ2  1 
ATOM 769  H HZ3  . LYS A 1 48  ? 5.299   0.347   13.006  1.00 0.00 ? 48  LYS A HZ3  1 
ATOM 770  N N    . ARG A 1 49  ? 2.495   -3.073  8.167   1.00 0.00 ? 49  ARG A N    1 
ATOM 771  C CA   . ARG A 1 49  ? 1.679   -3.996  8.954   1.00 0.00 ? 49  ARG A CA   1 
ATOM 772  C C    . ARG A 1 49  ? 1.316   -5.234  8.137   1.00 0.00 ? 49  ARG A C    1 
ATOM 773  O O    . ARG A 1 49  ? 1.204   -6.337  8.672   1.00 0.00 ? 49  ARG A O    1 
ATOM 774  C CB   . ARG A 1 49  ? 0.391   -3.310  9.414   1.00 0.00 ? 49  ARG A CB   1 
ATOM 775  C CG   . ARG A 1 49  ? 0.715   -2.306  10.522  1.00 0.00 ? 49  ARG A CG   1 
ATOM 776  C CD   . ARG A 1 49  ? 0.992   -3.054  11.826  1.00 0.00 ? 49  ARG A CD   1 
ATOM 777  N NE   . ARG A 1 49  ? -0.223  -3.159  12.630  1.00 0.00 ? 49  ARG A NE   1 
ATOM 778  C CZ   . ARG A 1 49  ? -0.316  -4.041  13.620  1.00 0.00 ? 49  ARG A CZ   1 
ATOM 779  N NH1  . ARG A 1 49  ? -0.019  -5.294  13.409  1.00 0.00 ? 49  ARG A NH1  1 
ATOM 780  N NH2  . ARG A 1 49  ? -0.706  -3.652  14.804  1.00 0.00 ? 49  ARG A NH2  1 
ATOM 781  H H    . ARG A 1 49  ? 2.061   -2.351  7.667   1.00 0.00 ? 49  ARG A H    1 
ATOM 782  H HA   . ARG A 1 49  ? 2.238   -4.304  9.825   1.00 0.00 ? 49  ARG A HA   1 
ATOM 783  H HB2  . ARG A 1 49  ? -0.059  -2.794  8.579   1.00 0.00 ? 49  ARG A HB2  1 
ATOM 784  H HB3  . ARG A 1 49  ? -0.297  -4.051  9.793   1.00 0.00 ? 49  ARG A HB3  1 
ATOM 785  H HG2  . ARG A 1 49  ? 1.587   -1.732  10.243  1.00 0.00 ? 49  ARG A HG2  1 
ATOM 786  H HG3  . ARG A 1 49  ? -0.124  -1.641  10.662  1.00 0.00 ? 49  ARG A HG3  1 
ATOM 787  H HD2  . ARG A 1 49  ? 1.352   -4.046  11.599  1.00 0.00 ? 49  ARG A HD2  1 
ATOM 788  H HD3  . ARG A 1 49  ? 1.749   -2.523  12.387  1.00 0.00 ? 49  ARG A HD3  1 
ATOM 789  H HE   . ARG A 1 49  ? -0.981  -2.569  12.435  1.00 0.00 ? 49  ARG A HE   1 
ATOM 790  H HH11 . ARG A 1 49  ? 0.279   -5.590  12.501  1.00 0.00 ? 49  ARG A HH11 1 
ATOM 791  H HH12 . ARG A 1 49  ? -0.089  -5.956  14.154  1.00 0.00 ? 49  ARG A HH12 1 
ATOM 792  H HH21 . ARG A 1 49  ? -0.934  -2.693  14.967  1.00 0.00 ? 49  ARG A HH21 1 
ATOM 793  H HH22 . ARG A 1 49  ? -0.776  -4.316  15.549  1.00 0.00 ? 49  ARG A HH22 1 
ATOM 794  N N    . ALA A 1 50  ? 1.129   -5.037  6.834   1.00 0.00 ? 50  ALA A N    1 
ATOM 795  C CA   . ALA A 1 50  ? 0.771   -6.144  5.947   1.00 0.00 ? 50  ALA A CA   1 
ATOM 796  C C    . ALA A 1 50  ? 1.849   -7.225  5.966   1.00 0.00 ? 50  ALA A C    1 
ATOM 797  O O    . ALA A 1 50  ? 1.564   -8.406  5.773   1.00 0.00 ? 50  ALA A O    1 
ATOM 798  C CB   . ALA A 1 50  ? 0.596   -5.642  4.513   1.00 0.00 ? 50  ALA A CB   1 
ATOM 799  H H    . ALA A 1 50  ? 1.228   -4.136  6.465   1.00 0.00 ? 50  ALA A H    1 
ATOM 800  H HA   . ALA A 1 50  ? -0.161  -6.573  6.282   1.00 0.00 ? 50  ALA A HA   1 
ATOM 801  H HB1  . ALA A 1 50  ? -0.011  -6.343  3.958   1.00 0.00 ? 50  ALA A HB1  1 
ATOM 802  H HB2  . ALA A 1 50  ? 1.564   -5.552  4.042   1.00 0.00 ? 50  ALA A HB2  1 
ATOM 803  H HB3  . ALA A 1 50  ? 0.111   -4.677  4.526   1.00 0.00 ? 50  ALA A HB3  1 
ATOM 804  N N    . GLY A 1 51  ? 3.090   -6.807  6.200   1.00 0.00 ? 51  GLY A N    1 
ATOM 805  C CA   . GLY A 1 51  ? 4.204   -7.746  6.239   1.00 0.00 ? 51  GLY A CA   1 
ATOM 806  C C    . GLY A 1 51  ? 4.931   -7.782  4.899   1.00 0.00 ? 51  GLY A C    1 
ATOM 807  O O    . GLY A 1 51  ? 5.490   -8.806  4.506   1.00 0.00 ? 51  GLY A O    1 
ATOM 808  H H    . GLY A 1 51  ? 3.261   -5.855  6.346   1.00 0.00 ? 51  GLY A H    1 
ATOM 809  H HA2  . GLY A 1 51  ? 4.894   -7.440  7.011   1.00 0.00 ? 51  GLY A HA2  1 
ATOM 810  H HA3  . GLY A 1 51  ? 3.831   -8.733  6.465   1.00 0.00 ? 51  GLY A HA3  1 
ATOM 811  N N    . PHE A 1 52  ? 4.921   -6.648  4.203   1.00 0.00 ? 52  PHE A N    1 
ATOM 812  C CA   . PHE A 1 52  ? 5.585   -6.554  2.905   1.00 0.00 ? 52  PHE A CA   1 
ATOM 813  C C    . PHE A 1 52  ? 6.922   -5.837  3.053   1.00 0.00 ? 52  PHE A C    1 
ATOM 814  O O    . PHE A 1 52  ? 7.987   -6.432  2.890   1.00 0.00 ? 52  PHE A O    1 
ATOM 815  C CB   . PHE A 1 52  ? 4.714   -5.779  1.915   1.00 0.00 ? 52  PHE A CB   1 
ATOM 816  C CG   . PHE A 1 52  ? 3.707   -6.714  1.288   1.00 0.00 ? 52  PHE A CG   1 
ATOM 817  C CD1  . PHE A 1 52  ? 4.143   -7.845  0.585   1.00 0.00 ? 52  PHE A CD1  1 
ATOM 818  C CD2  . PHE A 1 52  ? 2.338   -6.449  1.408   1.00 0.00 ? 52  PHE A CD2  1 
ATOM 819  C CE1  . PHE A 1 52  ? 3.208   -8.710  0.005   1.00 0.00 ? 52  PHE A CE1  1 
ATOM 820  C CE2  . PHE A 1 52  ? 1.403   -7.314  0.826   1.00 0.00 ? 52  PHE A CE2  1 
ATOM 821  C CZ   . PHE A 1 52  ? 1.838   -8.444  0.125   1.00 0.00 ? 52  PHE A CZ   1 
ATOM 822  H H    . PHE A 1 52  ? 4.463   -5.863  4.566   1.00 0.00 ? 52  PHE A H    1 
ATOM 823  H HA   . PHE A 1 52  ? 5.758   -7.548  2.522   1.00 0.00 ? 52  PHE A HA   1 
ATOM 824  H HB2  . PHE A 1 52  ? 4.195   -4.989  2.435   1.00 0.00 ? 52  PHE A HB2  1 
ATOM 825  H HB3  . PHE A 1 52  ? 5.337   -5.353  1.143   1.00 0.00 ? 52  PHE A HB3  1 
ATOM 826  H HD1  . PHE A 1 52  ? 5.199   -8.049  0.493   1.00 0.00 ? 52  PHE A HD1  1 
ATOM 827  H HD2  . PHE A 1 52  ? 2.003   -5.577  1.951   1.00 0.00 ? 52  PHE A HD2  1 
ATOM 828  H HE1  . PHE A 1 52  ? 3.543   -9.582  -0.538  1.00 0.00 ? 52  PHE A HE1  1 
ATOM 829  H HE2  . PHE A 1 52  ? 0.347   -7.110  0.920   1.00 0.00 ? 52  PHE A HE2  1 
ATOM 830  H HZ   . PHE A 1 52  ? 1.117   -9.111  -0.323  1.00 0.00 ? 52  PHE A HZ   1 
ATOM 831  N N    . ILE A 1 53  ? 6.851   -4.547  3.369   1.00 0.00 ? 53  ILE A N    1 
ATOM 832  C CA   . ILE A 1 53  ? 8.058   -3.746  3.544   1.00 0.00 ? 53  ILE A CA   1 
ATOM 833  C C    . ILE A 1 53  ? 8.530   -3.816  4.997   1.00 0.00 ? 53  ILE A C    1 
ATOM 834  O O    . ILE A 1 53  ? 7.725   -3.969  5.916   1.00 0.00 ? 53  ILE A O    1 
ATOM 835  C CB   . ILE A 1 53  ? 7.793   -2.286  3.140   1.00 0.00 ? 53  ILE A CB   1 
ATOM 836  C CG1  . ILE A 1 53  ? 9.106   -1.499  3.178   1.00 0.00 ? 53  ILE A CG1  1 
ATOM 837  C CG2  . ILE A 1 53  ? 6.783   -1.635  4.094   1.00 0.00 ? 53  ILE A CG2  1 
ATOM 838  C CD1  . ILE A 1 53  ? 9.039   -0.348  2.172   1.00 0.00 ? 53  ILE A CD1  1 
ATOM 839  H H    . ILE A 1 53  ? 5.973   -4.130  3.488   1.00 0.00 ? 53  ILE A H    1 
ATOM 840  H HA   . ILE A 1 53  ? 8.834   -4.146  2.908   1.00 0.00 ? 53  ILE A HA   1 
ATOM 841  H HB   . ILE A 1 53  ? 7.395   -2.264  2.137   1.00 0.00 ? 53  ILE A HB   1 
ATOM 842  H HG12 . ILE A 1 53  ? 9.259   -1.103  4.172   1.00 0.00 ? 53  ILE A HG12 1 
ATOM 843  H HG13 . ILE A 1 53  ? 9.925   -2.154  2.920   1.00 0.00 ? 53  ILE A HG13 1 
ATOM 844  H HG21 . ILE A 1 53  ? 6.341   -0.773  3.617   1.00 0.00 ? 53  ILE A HG21 1 
ATOM 845  H HG22 . ILE A 1 53  ? 7.288   -1.327  4.998   1.00 0.00 ? 53  ILE A HG22 1 
ATOM 846  H HG23 . ILE A 1 53  ? 6.009   -2.346  4.341   1.00 0.00 ? 53  ILE A HG23 1 
ATOM 847  H HD11 . ILE A 1 53  ? 9.531   0.520   2.584   1.00 0.00 ? 53  ILE A HD11 1 
ATOM 848  H HD12 . ILE A 1 53  ? 8.005   -0.109  1.963   1.00 0.00 ? 53  ILE A HD12 1 
ATOM 849  H HD13 . ILE A 1 53  ? 9.531   -0.640  1.257   1.00 0.00 ? 53  ILE A HD13 1 
ATOM 850  N N    . ASP A 1 54  ? 9.840   -3.711  5.195   1.00 0.00 ? 54  ASP A N    1 
ATOM 851  C CA   . ASP A 1 54  ? 10.397  -3.773  6.544   1.00 0.00 ? 54  ASP A CA   1 
ATOM 852  C C    . ASP A 1 54  ? 10.544  -2.374  7.136   1.00 0.00 ? 54  ASP A C    1 
ATOM 853  O O    . ASP A 1 54  ? 10.450  -1.367  6.435   1.00 0.00 ? 54  ASP A O    1 
ATOM 854  C CB   . ASP A 1 54  ? 11.764  -4.461  6.534   1.00 0.00 ? 54  ASP A CB   1 
ATOM 855  C CG   . ASP A 1 54  ? 12.680  -3.763  5.537   1.00 0.00 ? 54  ASP A CG   1 
ATOM 856  O OD1  . ASP A 1 54  ? 12.301  -3.667  4.381   1.00 0.00 ? 54  ASP A OD1  1 
ATOM 857  O OD2  . ASP A 1 54  ? 13.748  -3.334  5.942   1.00 0.00 ? 54  ASP A OD2  1 
ATOM 858  H H    . ASP A 1 54  ? 10.439  -3.596  4.427   1.00 0.00 ? 54  ASP A H    1 
ATOM 859  H HA   . ASP A 1 54  ? 9.728   -4.345  7.168   1.00 0.00 ? 54  ASP A HA   1 
ATOM 860  H HB2  . ASP A 1 54  ? 12.200  -4.408  7.521   1.00 0.00 ? 54  ASP A HB2  1 
ATOM 861  H HB3  . ASP A 1 54  ? 11.645  -5.494  6.248   1.00 0.00 ? 54  ASP A HB3  1 
ATOM 862  N N    . ALA A 1 55  ? 10.773  -2.335  8.447   1.00 0.00 ? 55  ALA A N    1 
ATOM 863  C CA   . ALA A 1 55  ? 10.931  -1.069  9.167   1.00 0.00 ? 55  ALA A CA   1 
ATOM 864  C C    . ALA A 1 55  ? 12.023  -0.183  8.554   1.00 0.00 ? 55  ALA A C    1 
ATOM 865  O O    . ALA A 1 55  ? 12.070  1.019   8.815   1.00 0.00 ? 55  ALA A O    1 
ATOM 866  C CB   . ALA A 1 55  ? 11.284  -1.337  10.631  1.00 0.00 ? 55  ALA A CB   1 
ATOM 867  H H    . ALA A 1 55  ? 10.833  -3.177  8.945   1.00 0.00 ? 55  ALA A H    1 
ATOM 868  H HA   . ALA A 1 55  ? 9.994   -0.536  9.134   1.00 0.00 ? 55  ALA A HA   1 
ATOM 869  H HB1  . ALA A 1 55  ? 10.403  -1.675  11.157  1.00 0.00 ? 55  ALA A HB1  1 
ATOM 870  H HB2  . ALA A 1 55  ? 11.647  -0.427  11.086  1.00 0.00 ? 55  ALA A HB2  1 
ATOM 871  H HB3  . ALA A 1 55  ? 12.050  -2.096  10.684  1.00 0.00 ? 55  ALA A HB3  1 
ATOM 872  N N    . SER A 1 56  ? 12.914  -0.776  7.756   1.00 0.00 ? 56  SER A N    1 
ATOM 873  C CA   . SER A 1 56  ? 14.000  -0.005  7.150   1.00 0.00 ? 56  SER A CA   1 
ATOM 874  C C    . SER A 1 56  ? 13.570  0.612   5.819   1.00 0.00 ? 56  SER A C    1 
ATOM 875  O O    . SER A 1 56  ? 14.121  1.626   5.391   1.00 0.00 ? 56  SER A O    1 
ATOM 876  C CB   . SER A 1 56  ? 15.216  -0.900  6.910   1.00 0.00 ? 56  SER A CB   1 
ATOM 877  O OG   . SER A 1 56  ? 16.399  -0.115  6.988   1.00 0.00 ? 56  SER A OG   1 
ATOM 878  H H    . SER A 1 56  ? 12.856  -1.738  7.589   1.00 0.00 ? 56  SER A H    1 
ATOM 879  H HA   . SER A 1 56  ? 14.283  0.787   7.827   1.00 0.00 ? 56  SER A HA   1 
ATOM 880  H HB2  . SER A 1 56  ? 15.251  -1.672  7.660   1.00 0.00 ? 56  SER A HB2  1 
ATOM 881  H HB3  . SER A 1 56  ? 15.137  -1.356  5.931   1.00 0.00 ? 56  SER A HB3  1 
ATOM 882  H HG   . SER A 1 56  ? 16.996  -0.542  7.607   1.00 0.00 ? 56  SER A HG   1 
ATOM 883  N N    . GLY A 1 57  ? 12.578  0.007   5.174   1.00 0.00 ? 57  GLY A N    1 
ATOM 884  C CA   . GLY A 1 57  ? 12.087  0.528   3.902   1.00 0.00 ? 57  GLY A CA   1 
ATOM 885  C C    . GLY A 1 57  ? 12.559  -0.318  2.720   1.00 0.00 ? 57  GLY A C    1 
ATOM 886  O O    . GLY A 1 57  ? 12.581  0.149   1.581   1.00 0.00 ? 57  GLY A O    1 
ATOM 887  H H    . GLY A 1 57  ? 12.162  -0.791  5.556   1.00 0.00 ? 57  GLY A H    1 
ATOM 888  H HA2  . GLY A 1 57  ? 11.009  0.536   3.922   1.00 0.00 ? 57  GLY A HA2  1 
ATOM 889  H HA3  . GLY A 1 57  ? 12.446  1.538   3.777   1.00 0.00 ? 57  GLY A HA3  1 
ATOM 890  N N    . GLU A 1 58  ? 12.928  -1.568  2.992   1.00 0.00 ? 58  GLU A N    1 
ATOM 891  C CA   . GLU A 1 58  ? 13.384  -2.460  1.930   1.00 0.00 ? 58  GLU A CA   1 
ATOM 892  C C    . GLU A 1 58  ? 12.187  -3.111  1.246   1.00 0.00 ? 58  GLU A C    1 
ATOM 893  O O    . GLU A 1 58  ? 11.464  -3.903  1.850   1.00 0.00 ? 58  GLU A O    1 
ATOM 894  C CB   . GLU A 1 58  ? 14.291  -3.554  2.500   1.00 0.00 ? 58  GLU A CB   1 
ATOM 895  C CG   . GLU A 1 58  ? 15.341  -3.942  1.458   1.00 0.00 ? 58  GLU A CG   1 
ATOM 896  C CD   . GLU A 1 58  ? 16.218  -5.060  2.011   1.00 0.00 ? 58  GLU A CD   1 
ATOM 897  O OE1  . GLU A 1 58  ? 15.833  -6.211  1.877   1.00 0.00 ? 58  GLU A OE1  1 
ATOM 898  O OE2  . GLU A 1 58  ? 17.261  -4.751  2.562   1.00 0.00 ? 58  GLU A OE2  1 
ATOM 899  H H    . GLU A 1 58  ? 12.886  -1.896  3.912   1.00 0.00 ? 58  GLU A H    1 
ATOM 900  H HA   . GLU A 1 58  ? 13.939  -1.888  1.203   1.00 0.00 ? 58  GLU A HA   1 
ATOM 901  H HB2  . GLU A 1 58  ? 14.782  -3.187  3.389   1.00 0.00 ? 58  GLU A HB2  1 
ATOM 902  H HB3  . GLU A 1 58  ? 13.697  -4.420  2.749   1.00 0.00 ? 58  GLU A HB3  1 
ATOM 903  H HG2  . GLU A 1 58  ? 14.848  -4.283  0.559   1.00 0.00 ? 58  GLU A HG2  1 
ATOM 904  H HG3  . GLU A 1 58  ? 15.956  -3.085  1.229   1.00 0.00 ? 58  GLU A HG3  1 
ATOM 905  N N    . PHE A 1 59  ? 11.978  -2.761  -0.021  1.00 0.00 ? 59  PHE A N    1 
ATOM 906  C CA   . PHE A 1 59  ? 10.853  -3.314  -0.773  1.00 0.00 ? 59  PHE A CA   1 
ATOM 907  C C    . PHE A 1 59  ? 11.018  -4.819  -0.971  1.00 0.00 ? 59  PHE A C    1 
ATOM 908  O O    . PHE A 1 59  ? 12.107  -5.308  -1.269  1.00 0.00 ? 59  PHE A O    1 
ATOM 909  C CB   . PHE A 1 59  ? 10.712  -2.638  -2.146  1.00 0.00 ? 59  PHE A CB   1 
ATOM 910  C CG   . PHE A 1 59  ? 12.055  -2.565  -2.841  1.00 0.00 ? 59  PHE A CG   1 
ATOM 911  C CD1  . PHE A 1 59  ? 12.598  -3.708  -3.441  1.00 0.00 ? 59  PHE A CD1  1 
ATOM 912  C CD2  . PHE A 1 59  ? 12.752  -1.352  -2.889  1.00 0.00 ? 59  PHE A CD2  1 
ATOM 913  C CE1  . PHE A 1 59  ? 13.839  -3.637  -4.086  1.00 0.00 ? 59  PHE A CE1  1 
ATOM 914  C CE2  . PHE A 1 59  ? 13.991  -1.281  -3.535  1.00 0.00 ? 59  PHE A CE2  1 
ATOM 915  C CZ   . PHE A 1 59  ? 14.535  -2.424  -4.133  1.00 0.00 ? 59  PHE A CZ   1 
ATOM 916  H H    . PHE A 1 59  ? 12.580  -2.120  -0.451  1.00 0.00 ? 59  PHE A H    1 
ATOM 917  H HA   . PHE A 1 59  ? 9.947   -3.140  -0.211  1.00 0.00 ? 59  PHE A HA   1 
ATOM 918  H HB2  . PHE A 1 59  ? 10.026  -3.207  -2.755  1.00 0.00 ? 59  PHE A HB2  1 
ATOM 919  H HB3  . PHE A 1 59  ? 10.325  -1.639  -2.012  1.00 0.00 ? 59  PHE A HB3  1 
ATOM 920  H HD1  . PHE A 1 59  ? 12.061  -4.643  -3.405  1.00 0.00 ? 59  PHE A HD1  1 
ATOM 921  H HD2  . PHE A 1 59  ? 12.334  -0.468  -2.430  1.00 0.00 ? 59  PHE A HD2  1 
ATOM 922  H HE1  . PHE A 1 59  ? 14.258  -4.519  -4.547  1.00 0.00 ? 59  PHE A HE1  1 
ATOM 923  H HE2  . PHE A 1 59  ? 14.528  -0.344  -3.571  1.00 0.00 ? 59  PHE A HE2  1 
ATOM 924  H HZ   . PHE A 1 59  ? 15.492  -2.369  -4.631  1.00 0.00 ? 59  PHE A HZ   1 
ATOM 925  N N    . GLN A 1 60  ? 9.915   -5.543  -0.801  1.00 0.00 ? 60  GLN A N    1 
ATOM 926  C CA   . GLN A 1 60  ? 9.925   -6.995  -0.964  1.00 0.00 ? 60  GLN A CA   1 
ATOM 927  C C    . GLN A 1 60  ? 8.908   -7.402  -2.027  1.00 0.00 ? 60  GLN A C    1 
ATOM 928  O O    . GLN A 1 60  ? 7.783   -7.789  -1.716  1.00 0.00 ? 60  GLN A O    1 
ATOM 929  C CB   . GLN A 1 60  ? 9.575   -7.687  0.356   1.00 0.00 ? 60  GLN A CB   1 
ATOM 930  C CG   . GLN A 1 60  ? 10.632  -7.344  1.409   1.00 0.00 ? 60  GLN A CG   1 
ATOM 931  C CD   . GLN A 1 60  ? 10.739  -8.484  2.415   1.00 0.00 ? 60  GLN A CD   1 
ATOM 932  O OE1  . GLN A 1 60  ? 9.792   -9.248  2.601   1.00 0.00 ? 60  GLN A OE1  1 
ATOM 933  N NE2  . GLN A 1 60  ? 11.848  -8.646  3.083   1.00 0.00 ? 60  GLN A NE2  1 
ATOM 934  H H    . GLN A 1 60  ? 9.077   -5.093  -0.565  1.00 0.00 ? 60  GLN A H    1 
ATOM 935  H HA   . GLN A 1 60  ? 10.909  -7.310  -1.277  1.00 0.00 ? 60  GLN A HA   1 
ATOM 936  H HB2  . GLN A 1 60  ? 8.606   -7.348  0.694   1.00 0.00 ? 60  GLN A HB2  1 
ATOM 937  H HB3  . GLN A 1 60  ? 9.552   -8.756  0.208   1.00 0.00 ? 60  GLN A HB3  1 
ATOM 938  H HG2  . GLN A 1 60  ? 11.587  -7.198  0.925   1.00 0.00 ? 60  GLN A HG2  1 
ATOM 939  H HG3  . GLN A 1 60  ? 10.346  -6.437  1.923   1.00 0.00 ? 60  GLN A HG3  1 
ATOM 940  H HE21 . GLN A 1 60  ? 12.602  -8.038  2.935   1.00 0.00 ? 60  GLN A HE21 1 
ATOM 941  H HE22 . GLN A 1 60  ? 11.927  -9.375  3.733   1.00 0.00 ? 60  GLN A HE22 1 
ATOM 942  N N    . LEU A 1 61  ? 9.318   -7.294  -3.286  1.00 0.00 ? 61  LEU A N    1 
ATOM 943  C CA   . LEU A 1 61  ? 8.439   -7.632  -4.402  1.00 0.00 ? 61  LEU A CA   1 
ATOM 944  C C    . LEU A 1 61  ? 8.245   -9.141  -4.523  1.00 0.00 ? 61  LEU A C    1 
ATOM 945  O O    . LEU A 1 61  ? 7.227   -9.606  -5.038  1.00 0.00 ? 61  LEU A O    1 
ATOM 946  C CB   . LEU A 1 61  ? 9.019   -7.095  -5.711  1.00 0.00 ? 61  LEU A CB   1 
ATOM 947  C CG   . LEU A 1 61  ? 9.652   -5.702  -5.626  1.00 0.00 ? 61  LEU A CG   1 
ATOM 948  C CD1  . LEU A 1 61  ? 10.024  -5.223  -7.030  1.00 0.00 ? 61  LEU A CD1  1 
ATOM 949  C CD2  . LEU A 1 61  ? 8.653   -4.725  -5.002  1.00 0.00 ? 61  LEU A CD2  1 
ATOM 950  H H    . LEU A 1 61  ? 10.224  -6.968  -3.470  1.00 0.00 ? 61  LEU A H    1 
ATOM 951  H HA   . LEU A 1 61  ? 7.476   -7.171  -4.238  1.00 0.00 ? 61  LEU A HA   1 
ATOM 952  H HB2  . LEU A 1 61  ? 9.774   -7.785  -6.054  1.00 0.00 ? 61  LEU A HB2  1 
ATOM 953  H HB3  . LEU A 1 61  ? 8.226   -7.069  -6.445  1.00 0.00 ? 61  LEU A HB3  1 
ATOM 954  H HG   . LEU A 1 61  ? 10.542  -5.749  -5.015  1.00 0.00 ? 61  LEU A HG   1 
ATOM 955  H HD11 . LEU A 1 61  ? 10.626  -4.329  -6.957  1.00 0.00 ? 61  LEU A HD11 1 
ATOM 956  H HD12 . LEU A 1 61  ? 9.125   -5.007  -7.587  1.00 0.00 ? 61  LEU A HD12 1 
ATOM 957  H HD13 . LEU A 1 61  ? 10.585  -5.995  -7.537  1.00 0.00 ? 61  LEU A HD13 1 
ATOM 958  H HD21 . LEU A 1 61  ? 8.377   -5.072  -4.018  1.00 0.00 ? 61  LEU A HD21 1 
ATOM 959  H HD22 . LEU A 1 61  ? 7.771   -4.666  -5.623  1.00 0.00 ? 61  LEU A HD22 1 
ATOM 960  H HD23 . LEU A 1 61  ? 9.105   -3.746  -4.927  1.00 0.00 ? 61  LEU A HD23 1 
ATOM 961  N N    . ASP A 1 62  ? 9.225   -9.905  -4.050  1.00 0.00 ? 62  ASP A N    1 
ATOM 962  C CA   . ASP A 1 62  ? 9.139   -11.363 -4.122  1.00 0.00 ? 62  ASP A CA   1 
ATOM 963  C C    . ASP A 1 62  ? 7.903   -11.870 -3.377  1.00 0.00 ? 62  ASP A C    1 
ATOM 964  O O    . ASP A 1 62  ? 7.329   -12.900 -3.730  1.00 0.00 ? 62  ASP A O    1 
ATOM 965  C CB   . ASP A 1 62  ? 10.387  -12.006 -3.514  1.00 0.00 ? 62  ASP A CB   1 
ATOM 966  C CG   . ASP A 1 62  ? 11.595  -11.704 -4.395  1.00 0.00 ? 62  ASP A CG   1 
ATOM 967  O OD1  . ASP A 1 62  ? 11.844  -10.536 -4.644  1.00 0.00 ? 62  ASP A OD1  1 
ATOM 968  O OD2  . ASP A 1 62  ? 12.253  -12.646 -4.808  1.00 0.00 ? 62  ASP A OD2  1 
ATOM 969  H H    . ASP A 1 62  ? 10.017  -9.488  -3.652  1.00 0.00 ? 62  ASP A H    1 
ATOM 970  H HA   . ASP A 1 62  ? 9.065   -11.656 -5.158  1.00 0.00 ? 62  ASP A HA   1 
ATOM 971  H HB2  . ASP A 1 62  ? 10.553  -11.605 -2.525  1.00 0.00 ? 62  ASP A HB2  1 
ATOM 972  H HB3  . ASP A 1 62  ? 10.248  -13.075 -3.451  1.00 0.00 ? 62  ASP A HB3  1 
ATOM 973  N N    . HIS A 1 63  ? 7.501   -11.132 -2.346  1.00 0.00 ? 63  HIS A N    1 
ATOM 974  C CA   . HIS A 1 63  ? 6.329   -11.512 -1.561  1.00 0.00 ? 63  HIS A CA   1 
ATOM 975  C C    . HIS A 1 63  ? 5.067   -10.890 -2.152  1.00 0.00 ? 63  HIS A C    1 
ATOM 976  O O    . HIS A 1 63  ? 3.980   -11.466 -2.078  1.00 0.00 ? 63  HIS A O    1 
ATOM 977  C CB   . HIS A 1 63  ? 6.482   -11.046 -0.111  1.00 0.00 ? 63  HIS A CB   1 
ATOM 978  C CG   . HIS A 1 63  ? 7.238   -12.080 0.676   1.00 0.00 ? 63  HIS A CG   1 
ATOM 979  N ND1  . HIS A 1 63  ? 6.978   -12.324 2.015   1.00 0.00 ? 63  HIS A ND1  1 
ATOM 980  C CD2  . HIS A 1 63  ? 8.250   -12.941 0.327   1.00 0.00 ? 63  HIS A CD2  1 
ATOM 981  C CE1  . HIS A 1 63  ? 7.818   -13.296 2.421   1.00 0.00 ? 63  HIS A CE1  1 
ATOM 982  N NE2  . HIS A 1 63  ? 8.615   -13.706 1.430   1.00 0.00 ? 63  HIS A NE2  1 
ATOM 983  H H    . HIS A 1 63  ? 7.995   -10.319 -2.111  1.00 0.00 ? 63  HIS A H    1 
ATOM 984  H HA   . HIS A 1 63  ? 6.231   -12.587 -1.573  1.00 0.00 ? 63  HIS A HA   1 
ATOM 985  H HB2  . HIS A 1 63  ? 7.024   -10.111 -0.090  1.00 0.00 ? 63  HIS A HB2  1 
ATOM 986  H HB3  . HIS A 1 63  ? 5.505   -10.905 0.326   1.00 0.00 ? 63  HIS A HB3  1 
ATOM 987  H HD1  . HIS A 1 63  ? 6.306   -11.873 2.567   1.00 0.00 ? 63  HIS A HD1  1 
ATOM 988  H HD2  . HIS A 1 63  ? 8.696   -13.011 -0.654  1.00 0.00 ? 63  HIS A HD2  1 
ATOM 989  H HE1  . HIS A 1 63  ? 7.843   -13.694 3.424   1.00 0.00 ? 63  HIS A HE1  1 
ATOM 990  N N    . ILE A 1 64  ? 5.222   -9.705  -2.737  1.00 0.00 ? 64  ILE A N    1 
ATOM 991  C CA   . ILE A 1 64  ? 4.091   -9.004  -3.340  1.00 0.00 ? 64  ILE A CA   1 
ATOM 992  C C    . ILE A 1 64  ? 3.624   -9.723  -4.605  1.00 0.00 ? 64  ILE A C    1 
ATOM 993  O O    . ILE A 1 64  ? 2.442   -10.029 -4.761  1.00 0.00 ? 64  ILE A O    1 
ATOM 994  C CB   . ILE A 1 64  ? 4.489   -7.565  -3.696  1.00 0.00 ? 64  ILE A CB   1 
ATOM 995  C CG1  . ILE A 1 64  ? 4.994   -6.852  -2.440  1.00 0.00 ? 64  ILE A CG1  1 
ATOM 996  C CG2  . ILE A 1 64  ? 3.283   -6.804  -4.255  1.00 0.00 ? 64  ILE A CG2  1 
ATOM 997  C CD1  . ILE A 1 64  ? 5.880   -5.668  -2.840  1.00 0.00 ? 64  ILE A CD1  1 
ATOM 998  H H    . ILE A 1 64  ? 6.112   -9.293  -2.764  1.00 0.00 ? 64  ILE A H    1 
ATOM 999  H HA   . ILE A 1 64  ? 3.277   -8.975  -2.631  1.00 0.00 ? 64  ILE A HA   1 
ATOM 1000 H HB   . ILE A 1 64  ? 5.275   -7.585  -4.438  1.00 0.00 ? 64  ILE A HB   1 
ATOM 1001 H HG12 . ILE A 1 64  ? 4.149   -6.493  -1.868  1.00 0.00 ? 64  ILE A HG12 1 
ATOM 1002 H HG13 . ILE A 1 64  ? 5.566   -7.542  -1.840  1.00 0.00 ? 64  ILE A HG13 1 
ATOM 1003 H HG21 . ILE A 1 64  ? 3.613   -5.863  -4.672  1.00 0.00 ? 64  ILE A HG21 1 
ATOM 1004 H HG22 . ILE A 1 64  ? 2.574   -6.617  -3.462  1.00 0.00 ? 64  ILE A HG22 1 
ATOM 1005 H HG23 . ILE A 1 64  ? 2.812   -7.393  -5.028  1.00 0.00 ? 64  ILE A HG23 1 
ATOM 1006 H HD11 . ILE A 1 64  ? 5.664   -5.384  -3.859  1.00 0.00 ? 64  ILE A HD11 1 
ATOM 1007 H HD12 . ILE A 1 64  ? 6.918   -5.953  -2.757  1.00 0.00 ? 64  ILE A HD12 1 
ATOM 1008 H HD13 . ILE A 1 64  ? 5.682   -4.833  -2.184  1.00 0.00 ? 64  ILE A HD13 1 
ATOM 1009 N N    . LYS A 1 65  ? 4.566   -9.975  -5.510  1.00 0.00 ? 65  LYS A N    1 
ATOM 1010 C CA   . LYS A 1 65  ? 4.245   -10.641 -6.772  1.00 0.00 ? 65  LYS A CA   1 
ATOM 1011 C C    . LYS A 1 65  ? 3.567   -11.994 -6.530  1.00 0.00 ? 65  LYS A C    1 
ATOM 1012 O O    . LYS A 1 65  ? 2.598   -12.347 -7.201  1.00 0.00 ? 65  LYS A O    1 
ATOM 1013 C CB   . LYS A 1 65  ? 5.516   -10.841 -7.612  1.00 0.00 ? 65  LYS A CB   1 
ATOM 1014 C CG   . LYS A 1 65  ? 6.486   -11.798 -6.905  1.00 0.00 ? 65  LYS A CG   1 
ATOM 1015 C CD   . LYS A 1 65  ? 7.898   -11.625 -7.481  1.00 0.00 ? 65  LYS A CD   1 
ATOM 1016 C CE   . LYS A 1 65  ? 7.897   -11.954 -8.978  1.00 0.00 ? 65  LYS A CE   1 
ATOM 1017 N NZ   . LYS A 1 65  ? 9.167   -12.614 -9.391  1.00 0.00 ? 65  LYS A NZ   1 
ATOM 1018 H H    . LYS A 1 65  ? 5.489   -9.697  -5.335  1.00 0.00 ? 65  LYS A H    1 
ATOM 1019 H HA   . LYS A 1 65  ? 3.564   -10.014 -7.327  1.00 0.00 ? 65  LYS A HA   1 
ATOM 1020 H HB2  . LYS A 1 65  ? 5.248   -11.250 -8.574  1.00 0.00 ? 65  LYS A HB2  1 
ATOM 1021 H HB3  . LYS A 1 65  ? 6.002   -9.886  -7.752  1.00 0.00 ? 65  LYS A HB3  1 
ATOM 1022 H HG2  . LYS A 1 65  ? 6.501   -11.578 -5.847  1.00 0.00 ? 65  LYS A HG2  1 
ATOM 1023 H HG3  . LYS A 1 65  ? 6.161   -12.816 -7.057  1.00 0.00 ? 65  LYS A HG3  1 
ATOM 1024 H HD2  . LYS A 1 65  ? 8.221   -10.604 -7.338  1.00 0.00 ? 65  LYS A HD2  1 
ATOM 1025 H HD3  . LYS A 1 65  ? 8.578   -12.291 -6.971  1.00 0.00 ? 65  LYS A HD3  1 
ATOM 1026 H HE2  . LYS A 1 65  ? 7.071   -12.615 -9.193  1.00 0.00 ? 65  LYS A HE2  1 
ATOM 1027 H HE3  . LYS A 1 65  ? 7.771   -11.038 -9.538  1.00 0.00 ? 65  LYS A HE3  1 
ATOM 1028 H HZ1  . LYS A 1 65  ? 9.168   -12.749 -10.421 1.00 0.00 ? 65  LYS A HZ1  1 
ATOM 1029 H HZ2  . LYS A 1 65  ? 9.247   -13.538 -8.918  1.00 0.00 ? 65  LYS A HZ2  1 
ATOM 1030 H HZ3  . LYS A 1 65  ? 9.973   -12.015 -9.122  1.00 0.00 ? 65  LYS A HZ3  1 
ATOM 1031 N N    . THR A 1 66  ? 4.093   -12.745 -5.567  1.00 0.00 ? 66  THR A N    1 
ATOM 1032 C CA   . THR A 1 66  ? 3.537   -14.058 -5.247  1.00 0.00 ? 66  THR A CA   1 
ATOM 1033 C C    . THR A 1 66  ? 2.090   -13.937 -4.782  1.00 0.00 ? 66  THR A C    1 
ATOM 1034 O O    . THR A 1 66  ? 1.249   -14.777 -5.100  1.00 0.00 ? 66  THR A O    1 
ATOM 1035 C CB   . THR A 1 66  ? 4.358   -14.730 -4.144  1.00 0.00 ? 66  THR A CB   1 
ATOM 1036 O OG1  . THR A 1 66  ? 5.736   -14.682 -4.485  1.00 0.00 ? 66  THR A OG1  1 
ATOM 1037 C CG2  . THR A 1 66  ? 3.918   -16.186 -3.992  1.00 0.00 ? 66  THR A CG2  1 
ATOM 1038 H H    . THR A 1 66  ? 4.868   -12.414 -5.067  1.00 0.00 ? 66  THR A H    1 
ATOM 1039 H HA   . THR A 1 66  ? 3.571   -14.677 -6.130  1.00 0.00 ? 66  THR A HA   1 
ATOM 1040 H HB   . THR A 1 66  ? 4.200   -14.210 -3.211  1.00 0.00 ? 66  THR A HB   1 
ATOM 1041 H HG1  . THR A 1 66  ? 6.213   -14.304 -3.743  1.00 0.00 ? 66  THR A HG1  1 
ATOM 1042 H HG21 . THR A 1 66  ? 3.989   -16.686 -4.948  1.00 0.00 ? 66  THR A HG21 1 
ATOM 1043 H HG22 . THR A 1 66  ? 2.896   -16.220 -3.643  1.00 0.00 ? 66  THR A HG22 1 
ATOM 1044 H HG23 . THR A 1 66  ? 4.559   -16.683 -3.278  1.00 0.00 ? 66  THR A HG23 1 
ATOM 1045 N N    . LYS A 1 67  ? 1.810   -12.886 -4.015  1.00 0.00 ? 67  LYS A N    1 
ATOM 1046 C CA   . LYS A 1 67  ? 0.462   -12.667 -3.498  1.00 0.00 ? 67  LYS A CA   1 
ATOM 1047 C C    . LYS A 1 67  ? -0.529  -12.428 -4.635  1.00 0.00 ? 67  LYS A C    1 
ATOM 1048 O O    . LYS A 1 67  ? -1.549  -13.109 -4.741  1.00 0.00 ? 67  LYS A O    1 
ATOM 1049 C CB   . LYS A 1 67  ? 0.441   -11.463 -2.556  1.00 0.00 ? 67  LYS A CB   1 
ATOM 1050 C CG   . LYS A 1 67  ? 1.155   -11.824 -1.251  1.00 0.00 ? 67  LYS A CG   1 
ATOM 1051 C CD   . LYS A 1 67  ? 0.131   -12.320 -0.228  1.00 0.00 ? 67  LYS A CD   1 
ATOM 1052 C CE   . LYS A 1 67  ? 0.800   -12.454 1.141   1.00 0.00 ? 67  LYS A CE   1 
ATOM 1053 N NZ   . LYS A 1 67  ? -0.073  -13.184 2.104   1.00 0.00 ? 67  LYS A NZ   1 
ATOM 1054 H H    . LYS A 1 67  ? 2.523   -12.254 -3.787  1.00 0.00 ? 67  LYS A H    1 
ATOM 1055 H HA   . LYS A 1 67  ? 0.155   -13.543 -2.947  1.00 0.00 ? 67  LYS A HA   1 
ATOM 1056 H HB2  . LYS A 1 67  ? 0.944   -10.630 -3.025  1.00 0.00 ? 67  LYS A HB2  1 
ATOM 1057 H HB3  . LYS A 1 67  ? -0.581  -11.191 -2.341  1.00 0.00 ? 67  LYS A HB3  1 
ATOM 1058 H HG2  . LYS A 1 67  ? 1.880   -12.602 -1.442  1.00 0.00 ? 67  LYS A HG2  1 
ATOM 1059 H HG3  . LYS A 1 67  ? 1.657   -10.952 -0.861  1.00 0.00 ? 67  LYS A HG3  1 
ATOM 1060 H HD2  . LYS A 1 67  ? -0.684  -11.613 -0.164  1.00 0.00 ? 67  LYS A HD2  1 
ATOM 1061 H HD3  . LYS A 1 67  ? -0.250  -13.282 -0.536  1.00 0.00 ? 67  LYS A HD3  1 
ATOM 1062 H HE2  . LYS A 1 67  ? 1.728   -12.994 1.029   1.00 0.00 ? 67  LYS A HE2  1 
ATOM 1063 H HE3  . LYS A 1 67  ? 1.011   -11.468 1.529   1.00 0.00 ? 67  LYS A HE3  1 
ATOM 1064 H HZ1  . LYS A 1 67  ? -0.657  -12.502 2.627   1.00 0.00 ? 67  LYS A HZ1  1 
ATOM 1065 H HZ2  . LYS A 1 67  ? 0.520   -13.719 2.771   1.00 0.00 ? 67  LYS A HZ2  1 
ATOM 1066 H HZ3  . LYS A 1 67  ? -0.690  -13.840 1.585   1.00 0.00 ? 67  LYS A HZ3  1 
ATOM 1067 N N    . PHE A 1 68  ? -0.222  -11.448 -5.481  1.00 0.00 ? 68  PHE A N    1 
ATOM 1068 C CA   . PHE A 1 68  ? -1.097  -11.123 -6.604  1.00 0.00 ? 68  PHE A CA   1 
ATOM 1069 C C    . PHE A 1 68  ? -1.162  -12.282 -7.598  1.00 0.00 ? 68  PHE A C    1 
ATOM 1070 O O    . PHE A 1 68  ? -2.155  -12.451 -8.307  1.00 0.00 ? 68  PHE A O    1 
ATOM 1071 C CB   . PHE A 1 68  ? -0.589  -9.873  -7.326  1.00 0.00 ? 68  PHE A CB   1 
ATOM 1072 C CG   . PHE A 1 68  ? -1.239  -8.644  -6.735  1.00 0.00 ? 68  PHE A CG   1 
ATOM 1073 C CD1  . PHE A 1 68  ? -2.502  -8.238  -7.180  1.00 0.00 ? 68  PHE A CD1  1 
ATOM 1074 C CD2  . PHE A 1 68  ? -0.576  -7.911  -5.742  1.00 0.00 ? 68  PHE A CD2  1 
ATOM 1075 C CE1  . PHE A 1 68  ? -3.104  -7.099  -6.632  1.00 0.00 ? 68  PHE A CE1  1 
ATOM 1076 C CE2  . PHE A 1 68  ? -1.179  -6.771  -5.195  1.00 0.00 ? 68  PHE A CE2  1 
ATOM 1077 C CZ   . PHE A 1 68  ? -2.442  -6.365  -5.640  1.00 0.00 ? 68  PHE A CZ   1 
ATOM 1078 H H    . PHE A 1 68  ? 0.601   -10.935 -5.348  1.00 0.00 ? 68  PHE A H    1 
ATOM 1079 H HA   . PHE A 1 68  ? -2.090  -10.928 -6.228  1.00 0.00 ? 68  PHE A HA   1 
ATOM 1080 H HB2  . PHE A 1 68  ? 0.483   -9.803  -7.212  1.00 0.00 ? 68  PHE A HB2  1 
ATOM 1081 H HB3  . PHE A 1 68  ? -0.834  -9.938  -8.375  1.00 0.00 ? 68  PHE A HB3  1 
ATOM 1082 H HD1  . PHE A 1 68  ? -3.012  -8.803  -7.944  1.00 0.00 ? 68  PHE A HD1  1 
ATOM 1083 H HD2  . PHE A 1 68  ? 0.399   -8.224  -5.399  1.00 0.00 ? 68  PHE A HD2  1 
ATOM 1084 H HE1  . PHE A 1 68  ? -4.079  -6.785  -6.975  1.00 0.00 ? 68  PHE A HE1  1 
ATOM 1085 H HE2  . PHE A 1 68  ? -0.668  -6.206  -4.429  1.00 0.00 ? 68  PHE A HE2  1 
ATOM 1086 H HZ   . PHE A 1 68  ? -2.907  -5.487  -5.218  1.00 0.00 ? 68  PHE A HZ   1 
ATOM 1087 N N    . LYS A 1 69  ? -0.094  -13.075 -7.650  1.00 0.00 ? 69  LYS A N    1 
ATOM 1088 C CA   . LYS A 1 69  ? -0.043  -14.209 -8.569  1.00 0.00 ? 69  LYS A CA   1 
ATOM 1089 C C    . LYS A 1 69  ? -0.971  -15.328 -8.104  1.00 0.00 ? 69  LYS A C    1 
ATOM 1090 O O    . LYS A 1 69  ? -1.961  -15.647 -8.764  1.00 0.00 ? 69  LYS A O    1 
ATOM 1091 C CB   . LYS A 1 69  ? 1.381   -14.756 -8.665  1.00 0.00 ? 69  LYS A CB   1 
ATOM 1092 C CG   . LYS A 1 69  ? 2.152   -13.994 -9.746  1.00 0.00 ? 69  LYS A CG   1 
ATOM 1093 C CD   . LYS A 1 69  ? 3.101   -14.952 -10.470 1.00 0.00 ? 69  LYS A CD   1 
ATOM 1094 C CE   . LYS A 1 69  ? 3.724   -14.241 -11.672 1.00 0.00 ? 69  LYS A CE   1 
ATOM 1095 N NZ   . LYS A 1 69  ? 4.038   -15.200 -12.768 1.00 0.00 ? 69  LYS A NZ   1 
ATOM 1096 H H    . LYS A 1 69  ? 0.673   -12.892 -7.068  1.00 0.00 ? 69  LYS A H    1 
ATOM 1097 H HA   . LYS A 1 69  ? -0.355  -13.880 -9.549  1.00 0.00 ? 69  LYS A HA   1 
ATOM 1098 H HB2  . LYS A 1 69  ? 1.879   -14.634 -7.713  1.00 0.00 ? 69  LYS A HB2  1 
ATOM 1099 H HB3  . LYS A 1 69  ? 1.347   -15.805 -8.921  1.00 0.00 ? 69  LYS A HB3  1 
ATOM 1100 H HG2  . LYS A 1 69  ? 1.454   -13.572 -10.456 1.00 0.00 ? 69  LYS A HG2  1 
ATOM 1101 H HG3  . LYS A 1 69  ? 2.724   -13.202 -9.289  1.00 0.00 ? 69  LYS A HG3  1 
ATOM 1102 H HD2  . LYS A 1 69  ? 3.882   -15.265 -9.792  1.00 0.00 ? 69  LYS A HD2  1 
ATOM 1103 H HD3  . LYS A 1 69  ? 2.550   -15.815 -10.811 1.00 0.00 ? 69  LYS A HD3  1 
ATOM 1104 H HE2  . LYS A 1 69  ? 3.032   -13.499 -12.042 1.00 0.00 ? 69  LYS A HE2  1 
ATOM 1105 H HE3  . LYS A 1 69  ? 4.633   -13.749 -11.359 1.00 0.00 ? 69  LYS A HE3  1 
ATOM 1106 H HZ1  . LYS A 1 69  ? 4.471   -14.689 -13.564 1.00 0.00 ? 69  LYS A HZ1  1 
ATOM 1107 H HZ2  . LYS A 1 69  ? 3.161   -15.660 -13.087 1.00 0.00 ? 69  LYS A HZ2  1 
ATOM 1108 H HZ3  . LYS A 1 69  ? 4.702   -15.920 -12.420 1.00 0.00 ? 69  LYS A HZ3  1 
ATOM 1109 N N    . GLU A 1 70  ? -0.637  -15.926 -6.962  1.00 0.00 ? 70  GLU A N    1 
ATOM 1110 C CA   . GLU A 1 70  ? -1.441  -17.020 -6.412  1.00 0.00 ? 70  GLU A CA   1 
ATOM 1111 C C    . GLU A 1 70  ? -2.899  -16.596 -6.237  1.00 0.00 ? 70  GLU A C    1 
ATOM 1112 O O    . GLU A 1 70  ? -3.195  -15.596 -5.582  1.00 0.00 ? 70  GLU A O    1 
ATOM 1113 C CB   . GLU A 1 70  ? -0.883  -17.465 -5.056  1.00 0.00 ? 70  GLU A CB   1 
ATOM 1114 C CG   . GLU A 1 70  ? -0.826  -16.267 -4.099  1.00 0.00 ? 70  GLU A CG   1 
ATOM 1115 C CD   . GLU A 1 70  ? -1.966  -16.354 -3.088  1.00 0.00 ? 70  GLU A CD   1 
ATOM 1116 O OE1  . GLU A 1 70  ? -3.015  -16.864 -3.447  1.00 0.00 ? 70  GLU A OE1  1 
ATOM 1117 O OE2  . GLU A 1 70  ? -1.773  -15.909 -1.968  1.00 0.00 ? 70  GLU A OE2  1 
ATOM 1118 H H    . GLU A 1 70  ? 0.166   -15.632 -6.482  1.00 0.00 ? 70  GLU A H    1 
ATOM 1119 H HA   . GLU A 1 70  ? -1.402  -17.857 -7.093  1.00 0.00 ? 70  GLU A HA   1 
ATOM 1120 H HB2  . GLU A 1 70  ? -1.521  -18.233 -4.640  1.00 0.00 ? 70  GLU A HB2  1 
ATOM 1121 H HB3  . GLU A 1 70  ? 0.112   -17.862 -5.192  1.00 0.00 ? 70  GLU A HB3  1 
ATOM 1122 H HG2  . GLU A 1 70  ? 0.119   -16.274 -3.575  1.00 0.00 ? 70  GLU A HG2  1 
ATOM 1123 H HG3  . GLU A 1 70  ? -0.916  -15.349 -4.661  1.00 0.00 ? 70  GLU A HG3  1 
ATOM 1124 N N    . ASN A 1 71  ? -3.802  -17.370 -6.834  1.00 0.00 ? 71  ASN A N    1 
ATOM 1125 C CA   . ASN A 1 71  ? -5.230  -17.073 -6.745  1.00 0.00 ? 71  ASN A CA   1 
ATOM 1126 C C    . ASN A 1 71  ? -5.528  -15.707 -7.355  1.00 0.00 ? 71  ASN A C    1 
ATOM 1127 O O    . ASN A 1 71  ? -5.472  -14.681 -6.676  1.00 0.00 ? 71  ASN A O    1 
ATOM 1128 C CB   . ASN A 1 71  ? -5.694  -17.082 -5.288  1.00 0.00 ? 71  ASN A CB   1 
ATOM 1129 C CG   . ASN A 1 71  ? -7.193  -17.357 -5.233  1.00 0.00 ? 71  ASN A CG   1 
ATOM 1130 O OD1  . ASN A 1 71  ? -7.726  -18.094 -6.063  1.00 0.00 ? 71  ASN A OD1  1 
ATOM 1131 N ND2  . ASN A 1 71  ? -7.913  -16.802 -4.297  1.00 0.00 ? 71  ASN A ND2  1 
ATOM 1132 H H    . ASN A 1 71  ? -3.503  -18.153 -7.343  1.00 0.00 ? 71  ASN A H    1 
ATOM 1133 H HA   . ASN A 1 71  ? -5.779  -17.826 -7.291  1.00 0.00 ? 71  ASN A HA   1 
ATOM 1134 H HB2  . ASN A 1 71  ? -5.166  -17.855 -4.747  1.00 0.00 ? 71  ASN A HB2  1 
ATOM 1135 H HB3  . ASN A 1 71  ? -5.490  -16.123 -4.838  1.00 0.00 ? 71  ASN A HB3  1 
ATOM 1136 H HD21 . ASN A 1 71  ? -7.489  -16.215 -3.636  1.00 0.00 ? 71  ASN A HD21 1 
ATOM 1137 H HD22 . ASN A 1 71  ? -8.876  -16.973 -4.253  1.00 0.00 ? 71  ASN A HD22 1 
ATOM 1138 N N    . SER A 1 72  ? -5.846  -15.705 -8.647  1.00 0.00 ? 72  SER A N    1 
ATOM 1139 C CA   . SER A 1 72  ? -6.151  -14.459 -9.344  1.00 0.00 ? 72  SER A CA   1 
ATOM 1140 C C    . SER A 1 72  ? -6.925  -14.742 -10.627 1.00 0.00 ? 72  SER A C    1 
ATOM 1141 O O    . SER A 1 72  ? -7.011  -15.885 -11.078 1.00 0.00 ? 72  SER A O    1 
ATOM 1142 C CB   . SER A 1 72  ? -4.864  -13.713 -9.693  1.00 0.00 ? 72  SER A CB   1 
ATOM 1143 O OG   . SER A 1 72  ? -5.181  -12.569 -10.474 1.00 0.00 ? 72  SER A OG   1 
ATOM 1144 H H    . SER A 1 72  ? -5.875  -16.553 -9.137  1.00 0.00 ? 72  SER A H    1 
ATOM 1145 H HA   . SER A 1 72  ? -6.753  -13.834 -8.701  1.00 0.00 ? 72  SER A HA   1 
ATOM 1146 H HB2  . SER A 1 72  ? -4.369  -13.400 -8.789  1.00 0.00 ? 72  SER A HB2  1 
ATOM 1147 H HB3  . SER A 1 72  ? -4.208  -14.370 -10.250 1.00 0.00 ? 72  SER A HB3  1 
ATOM 1148 H HG   . SER A 1 72  ? -4.783  -11.802 -10.053 1.00 0.00 ? 72  SER A HG   1 
ATOM 1149 N N    . GLU A 1 73  ? -7.487  -13.688 -11.210 1.00 0.00 ? 73  GLU A N    1 
ATOM 1150 C CA   . GLU A 1 73  ? -8.254  -13.831 -12.444 1.00 0.00 ? 73  GLU A CA   1 
ATOM 1151 C C    . GLU A 1 73  ? -7.317  -13.951 -13.642 1.00 0.00 ? 73  GLU A C    1 
ATOM 1152 O O    . GLU A 1 73  ? -7.578  -14.706 -14.579 1.00 0.00 ? 73  GLU A O    1 
ATOM 1153 C CB   . GLU A 1 73  ? -9.171  -12.623 -12.648 1.00 0.00 ? 73  GLU A CB   1 
ATOM 1154 C CG   . GLU A 1 73  ? -10.525 -12.893 -11.990 1.00 0.00 ? 73  GLU A CG   1 
ATOM 1155 C CD   . GLU A 1 73  ? -11.419 -11.667 -12.142 1.00 0.00 ? 73  GLU A CD   1 
ATOM 1156 O OE1  . GLU A 1 73  ? -12.075 -11.559 -13.165 1.00 0.00 ? 73  GLU A OE1  1 
ATOM 1157 O OE2  . GLU A 1 73  ? -11.435 -10.854 -11.233 1.00 0.00 ? 73  GLU A OE2  1 
ATOM 1158 H H    . GLU A 1 73  ? -7.385  -12.802 -10.805 1.00 0.00 ? 73  GLU A H    1 
ATOM 1159 H HA   . GLU A 1 73  ? -8.860  -14.723 -12.380 1.00 0.00 ? 73  GLU A HA   1 
ATOM 1160 H HB2  . GLU A 1 73  ? -8.720  -11.749 -12.200 1.00 0.00 ? 73  GLU A HB2  1 
ATOM 1161 H HB3  . GLU A 1 73  ? -9.314  -12.452 -13.704 1.00 0.00 ? 73  GLU A HB3  1 
ATOM 1162 H HG2  . GLU A 1 73  ? -10.994 -13.742 -12.468 1.00 0.00 ? 73  GLU A HG2  1 
ATOM 1163 H HG3  . GLU A 1 73  ? -10.381 -13.104 -10.942 1.00 0.00 ? 73  GLU A HG3  1 
ATOM 1164 N N    . HIS A 1 74  ? -6.221  -13.198 -13.599 1.00 0.00 ? 74  HIS A N    1 
ATOM 1165 C CA   . HIS A 1 74  ? -5.249  -13.227 -14.687 1.00 0.00 ? 74  HIS A CA   1 
ATOM 1166 C C    . HIS A 1 74  ? -3.836  -12.959 -14.149 1.00 0.00 ? 74  HIS A C    1 
ATOM 1167 O O    . HIS A 1 74  ? -3.196  -11.971 -14.513 1.00 0.00 ? 74  HIS A O    1 
ATOM 1168 C CB   . HIS A 1 74  ? -5.600  -12.177 -15.745 1.00 0.00 ? 74  HIS A CB   1 
ATOM 1169 C CG   . HIS A 1 74  ? -6.972  -12.457 -16.295 1.00 0.00 ? 74  HIS A CG   1 
ATOM 1170 N ND1  . HIS A 1 74  ? -7.184  -13.346 -17.337 1.00 0.00 ? 74  HIS A ND1  1 
ATOM 1171 C CD2  . HIS A 1 74  ? -8.212  -11.974 -15.957 1.00 0.00 ? 74  HIS A CD2  1 
ATOM 1172 C CE1  . HIS A 1 74  ? -8.505  -13.370 -17.588 1.00 0.00 ? 74  HIS A CE1  1 
ATOM 1173 N NE2  . HIS A 1 74  ? -9.179  -12.552 -16.775 1.00 0.00 ? 74  HIS A NE2  1 
ATOM 1174 H H    . HIS A 1 74  ? -6.066  -12.616 -12.827 1.00 0.00 ? 74  HIS A H    1 
ATOM 1175 H HA   . HIS A 1 74  ? -5.267  -14.204 -15.148 1.00 0.00 ? 74  HIS A HA   1 
ATOM 1176 H HB2  . HIS A 1 74  ? -5.587  -11.195 -15.296 1.00 0.00 ? 74  HIS A HB2  1 
ATOM 1177 H HB3  . HIS A 1 74  ? -4.877  -12.216 -16.547 1.00 0.00 ? 74  HIS A HB3  1 
ATOM 1178 H HD1  . HIS A 1 74  ? -6.496  -13.863 -17.806 1.00 0.00 ? 74  HIS A HD1  1 
ATOM 1179 H HD2  . HIS A 1 74  ? -8.407  -11.255 -15.176 1.00 0.00 ? 74  HIS A HD2  1 
ATOM 1180 H HE1  . HIS A 1 74  ? -8.965  -13.978 -18.353 1.00 0.00 ? 74  HIS A HE1  1 
ATOM 1181 N N    . PRO A 1 75  ? -3.331  -13.841 -13.275 1.00 0.00 ? 75  PRO A N    1 
ATOM 1182 C CA   . PRO A 1 75  ? -1.987  -13.690 -12.695 1.00 0.00 ? 75  PRO A CA   1 
ATOM 1183 C C    . PRO A 1 75  ? -0.885  -13.977 -13.711 1.00 0.00 ? 75  PRO A C    1 
ATOM 1184 O O    . PRO A 1 75  ? -0.685  -15.119 -14.126 1.00 0.00 ? 75  PRO A O    1 
ATOM 1185 C CB   . PRO A 1 75  ? -1.955  -14.717 -11.566 1.00 0.00 ? 75  PRO A CB   1 
ATOM 1186 C CG   . PRO A 1 75  ? -2.955  -15.751 -11.954 1.00 0.00 ? 75  PRO A CG   1 
ATOM 1187 C CD   . PRO A 1 75  ? -4.004  -15.053 -12.771 1.00 0.00 ? 75  PRO A CD   1 
ATOM 1188 H HA   . PRO A 1 75  ? -1.867  -12.701 -12.283 1.00 0.00 ? 75  PRO A HA   1 
ATOM 1189 H HB2  . PRO A 1 75  ? -0.969  -15.154 -11.487 1.00 0.00 ? 75  PRO A HB2  1 
ATOM 1190 H HB3  . PRO A 1 75  ? -2.241  -14.259 -10.632 1.00 0.00 ? 75  PRO A HB3  1 
ATOM 1191 H HG2  . PRO A 1 75  ? -2.477  -16.524 -12.541 1.00 0.00 ? 75  PRO A HG2  1 
ATOM 1192 H HG3  . PRO A 1 75  ? -3.406  -16.179 -11.073 1.00 0.00 ? 75  PRO A HG3  1 
ATOM 1193 H HD2  . PRO A 1 75  ? -4.321  -15.683 -13.592 1.00 0.00 ? 75  PRO A HD2  1 
ATOM 1194 H HD3  . PRO A 1 75  ? -4.846  -14.781 -12.155 1.00 0.00 ? 75  PRO A HD3  1 
ATOM 1195 N N    . GLU A 1 76  ? -0.172  -12.925 -14.109 1.00 0.00 ? 76  GLU A N    1 
ATOM 1196 C CA   . GLU A 1 76  ? 0.910   -13.071 -15.081 1.00 0.00 ? 76  GLU A CA   1 
ATOM 1197 C C    . GLU A 1 76  ? 1.565   -11.721 -15.364 1.00 0.00 ? 76  GLU A C    1 
ATOM 1198 O O    . GLU A 1 76  ? 2.780   -11.629 -15.537 1.00 0.00 ? 76  GLU A O    1 
ATOM 1199 C CB   . GLU A 1 76  ? 0.379   -13.647 -16.397 1.00 0.00 ? 76  GLU A CB   1 
ATOM 1200 C CG   . GLU A 1 76  ? -0.795  -12.798 -16.889 1.00 0.00 ? 76  GLU A CG   1 
ATOM 1201 C CD   . GLU A 1 76  ? -1.449  -13.478 -18.086 1.00 0.00 ? 76  GLU A CD   1 
ATOM 1202 O OE1  . GLU A 1 76  ? -2.239  -14.381 -17.870 1.00 0.00 ? 76  GLU A OE1  1 
ATOM 1203 O OE2  . GLU A 1 76  ? -1.151  -13.084 -19.201 1.00 0.00 ? 76  GLU A OE2  1 
ATOM 1204 H H    . GLU A 1 76  ? -0.377  -12.039 -13.744 1.00 0.00 ? 76  GLU A H    1 
ATOM 1205 H HA   . GLU A 1 76  ? 1.653   -13.745 -14.681 1.00 0.00 ? 76  GLU A HA   1 
ATOM 1206 H HB2  . GLU A 1 76  ? 1.166   -13.639 -17.137 1.00 0.00 ? 76  GLU A HB2  1 
ATOM 1207 H HB3  . GLU A 1 76  ? 0.045   -14.661 -16.237 1.00 0.00 ? 76  GLU A HB3  1 
ATOM 1208 H HG2  . GLU A 1 76  ? -1.519  -12.690 -16.094 1.00 0.00 ? 76  GLU A HG2  1 
ATOM 1209 H HG3  . GLU A 1 76  ? -0.435  -11.823 -17.183 1.00 0.00 ? 76  GLU A HG3  1 
ATOM 1210 N N    . LYS A 1 77  ? 0.746   -10.675 -15.417 1.00 0.00 ? 77  LYS A N    1 
ATOM 1211 C CA   . LYS A 1 77  ? 1.255   -9.332  -15.687 1.00 0.00 ? 77  LYS A CA   1 
ATOM 1212 C C    . LYS A 1 77  ? 1.616   -8.597  -14.392 1.00 0.00 ? 77  LYS A C    1 
ATOM 1213 O O    . LYS A 1 77  ? 2.312   -7.582  -14.423 1.00 0.00 ? 77  LYS A O    1 
ATOM 1214 C CB   . LYS A 1 77  ? 0.212   -8.512  -16.448 1.00 0.00 ? 77  LYS A CB   1 
ATOM 1215 C CG   . LYS A 1 77  ? 0.335   -8.794  -17.947 1.00 0.00 ? 77  LYS A CG   1 
ATOM 1216 C CD   . LYS A 1 77  ? -0.003  -7.527  -18.736 1.00 0.00 ? 77  LYS A CD   1 
ATOM 1217 C CE   . LYS A 1 77  ? 0.616   -7.614  -20.131 1.00 0.00 ? 77  LYS A CE   1 
ATOM 1218 N NZ   . LYS A 1 77  ? -0.287  -8.320  -21.084 1.00 0.00 ? 77  LYS A NZ   1 
ATOM 1219 H H    . LYS A 1 77  ? -0.216  -10.807 -15.279 1.00 0.00 ? 77  LYS A H    1 
ATOM 1220 H HA   . LYS A 1 77  ? 2.141   -9.414  -16.298 1.00 0.00 ? 77  LYS A HA   1 
ATOM 1221 H HB2  . LYS A 1 77  ? -0.777  -8.785  -16.110 1.00 0.00 ? 77  LYS A HB2  1 
ATOM 1222 H HB3  . LYS A 1 77  ? 0.378   -7.461  -16.267 1.00 0.00 ? 77  LYS A HB3  1 
ATOM 1223 H HG2  . LYS A 1 77  ? 1.347   -9.101  -18.173 1.00 0.00 ? 77  LYS A HG2  1 
ATOM 1224 H HG3  . LYS A 1 77  ? -0.351  -9.581  -18.223 1.00 0.00 ? 77  LYS A HG3  1 
ATOM 1225 H HD2  . LYS A 1 77  ? -1.075  -7.432  -18.821 1.00 0.00 ? 77  LYS A HD2  1 
ATOM 1226 H HD3  . LYS A 1 77  ? 0.396   -6.665  -18.221 1.00 0.00 ? 77  LYS A HD3  1 
ATOM 1227 H HE2  . LYS A 1 77  ? 0.804   -6.616  -20.498 1.00 0.00 ? 77  LYS A HE2  1 
ATOM 1228 H HE3  . LYS A 1 77  ? 1.555   -8.148  -20.069 1.00 0.00 ? 77  LYS A HE3  1 
ATOM 1229 H HZ1  . LYS A 1 77  ? -1.272  -8.044  -20.897 1.00 0.00 ? 77  LYS A HZ1  1 
ATOM 1230 H HZ2  . LYS A 1 77  ? -0.184  -9.348  -20.962 1.00 0.00 ? 77  LYS A HZ2  1 
ATOM 1231 H HZ3  . LYS A 1 77  ? -0.036  -8.059  -22.059 1.00 0.00 ? 77  LYS A HZ3  1 
ATOM 1232 N N    . VAL A 1 78  ? 1.136   -9.104  -13.254 1.00 0.00 ? 78  VAL A N    1 
ATOM 1233 C CA   . VAL A 1 78  ? 1.425   -8.465  -11.969 1.00 0.00 ? 78  VAL A CA   1 
ATOM 1234 C C    . VAL A 1 78  ? 2.933   -8.426  -11.714 1.00 0.00 ? 78  VAL A C    1 
ATOM 1235 O O    . VAL A 1 78  ? 3.494   -7.374  -11.415 1.00 0.00 ? 78  VAL A O    1 
ATOM 1236 C CB   . VAL A 1 78  ? 0.735   -9.215  -10.818 1.00 0.00 ? 78  VAL A CB   1 
ATOM 1237 C CG1  . VAL A 1 78  ? 0.999   -8.497  -9.482  1.00 0.00 ? 78  VAL A CG1  1 
ATOM 1238 C CG2  . VAL A 1 78  ? -0.775  -9.269  -11.075 1.00 0.00 ? 78  VAL A CG2  1 
ATOM 1239 H H    . VAL A 1 78  ? 0.582   -9.911  -13.275 1.00 0.00 ? 78  VAL A H    1 
ATOM 1240 H HA   . VAL A 1 78  ? 1.051   -7.452  -11.995 1.00 0.00 ? 78  VAL A HA   1 
ATOM 1241 H HB   . VAL A 1 78  ? 1.126   -10.222 -10.765 1.00 0.00 ? 78  VAL A HB   1 
ATOM 1242 H HG11 . VAL A 1 78  ? 1.501   -9.174  -8.806  1.00 0.00 ? 78  VAL A HG11 1 
ATOM 1243 H HG12 . VAL A 1 78  ? 0.063   -8.180  -9.043  1.00 0.00 ? 78  VAL A HG12 1 
ATOM 1244 H HG13 . VAL A 1 78  ? 1.625   -7.633  -9.652  1.00 0.00 ? 78  VAL A HG13 1 
ATOM 1245 H HG21 . VAL A 1 78  ? -1.245  -9.882  -10.320 1.00 0.00 ? 78  VAL A HG21 1 
ATOM 1246 H HG22 . VAL A 1 78  ? -0.961  -9.694  -12.050 1.00 0.00 ? 78  VAL A HG22 1 
ATOM 1247 H HG23 . VAL A 1 78  ? -1.183  -8.269  -11.033 1.00 0.00 ? 78  VAL A HG23 1 
ATOM 1248 N N    . ASP A 1 79  ? 3.581   -9.588  -11.828 1.00 0.00 ? 79  ASP A N    1 
ATOM 1249 C CA   . ASP A 1 79  ? 5.030   -9.687  -11.595 1.00 0.00 ? 79  ASP A CA   1 
ATOM 1250 C C    . ASP A 1 79  ? 5.798   -8.586  -12.331 1.00 0.00 ? 79  ASP A C    1 
ATOM 1251 O O    . ASP A 1 79  ? 6.663   -7.926  -11.757 1.00 0.00 ? 79  ASP A O    1 
ATOM 1252 C CB   . ASP A 1 79  ? 5.566   -11.052 -12.046 1.00 0.00 ? 79  ASP A CB   1 
ATOM 1253 C CG   . ASP A 1 79  ? 5.035   -11.392 -13.436 1.00 0.00 ? 79  ASP A CG   1 
ATOM 1254 O OD1  . ASP A 1 79  ? 5.562   -10.857 -14.397 1.00 0.00 ? 79  ASP A OD1  1 
ATOM 1255 O OD2  . ASP A 1 79  ? 4.111   -12.184 -13.518 1.00 0.00 ? 79  ASP A OD2  1 
ATOM 1256 H H    . ASP A 1 79  ? 3.078   -10.396 -12.064 1.00 0.00 ? 79  ASP A H    1 
ATOM 1257 H HA   . ASP A 1 79  ? 5.215   -9.582  -10.536 1.00 0.00 ? 79  ASP A HA   1 
ATOM 1258 H HB2  . ASP A 1 79  ? 6.645   -11.022 -12.072 1.00 0.00 ? 79  ASP A HB2  1 
ATOM 1259 H HB3  . ASP A 1 79  ? 5.245   -11.810 -11.347 1.00 0.00 ? 79  ASP A HB3  1 
ATOM 1260 N N    . ASP A 1 80  ? 5.469   -8.394  -13.604 1.00 0.00 ? 80  ASP A N    1 
ATOM 1261 C CA   . ASP A 1 80  ? 6.134   -7.366  -14.401 1.00 0.00 ? 80  ASP A CA   1 
ATOM 1262 C C    . ASP A 1 80  ? 5.699   -5.979  -13.940 1.00 0.00 ? 80  ASP A C    1 
ATOM 1263 O O    . ASP A 1 80  ? 6.489   -5.035  -13.923 1.00 0.00 ? 80  ASP A O    1 
ATOM 1264 C CB   . ASP A 1 80  ? 5.789   -7.528  -15.884 1.00 0.00 ? 80  ASP A CB   1 
ATOM 1265 C CG   . ASP A 1 80  ? 6.817   -8.438  -16.548 1.00 0.00 ? 80  ASP A CG   1 
ATOM 1266 O OD1  . ASP A 1 80  ? 7.982   -8.333  -16.203 1.00 0.00 ? 80  ASP A OD1  1 
ATOM 1267 O OD2  . ASP A 1 80  ? 6.424   -9.224  -17.393 1.00 0.00 ? 80  ASP A OD2  1 
ATOM 1268 H H    . ASP A 1 80  ? 4.769   -8.945  -14.013 1.00 0.00 ? 80  ASP A H    1 
ATOM 1269 H HA   . ASP A 1 80  ? 7.202   -7.460  -14.277 1.00 0.00 ? 80  ASP A HA   1 
ATOM 1270 H HB2  . ASP A 1 80  ? 4.806   -7.965  -15.978 1.00 0.00 ? 80  ASP A HB2  1 
ATOM 1271 H HB3  . ASP A 1 80  ? 5.802   -6.562  -16.364 1.00 0.00 ? 80  ASP A HB3  1 
ATOM 1272 N N    . LEU A 1 81  ? 4.427   -5.870  -13.567 1.00 0.00 ? 81  LEU A N    1 
ATOM 1273 C CA   . LEU A 1 81  ? 3.880   -4.596  -13.107 1.00 0.00 ? 81  LEU A CA   1 
ATOM 1274 C C    . LEU A 1 81  ? 4.477   -4.204  -11.757 1.00 0.00 ? 81  LEU A C    1 
ATOM 1275 O O    . LEU A 1 81  ? 4.610   -3.021  -11.443 1.00 0.00 ? 81  LEU A O    1 
ATOM 1276 C CB   . LEU A 1 81  ? 2.359   -4.693  -12.970 1.00 0.00 ? 81  LEU A CB   1 
ATOM 1277 C CG   . LEU A 1 81  ? 1.590   -3.397  -13.241 1.00 0.00 ? 81  LEU A CG   1 
ATOM 1278 C CD1  . LEU A 1 81  ? 1.239   -3.311  -14.727 1.00 0.00 ? 81  LEU A CD1  1 
ATOM 1279 C CD2  . LEU A 1 81  ? 0.302   -3.387  -12.413 1.00 0.00 ? 81  LEU A CD2  1 
ATOM 1280 H H    . LEU A 1 81  ? 3.846   -6.658  -13.604 1.00 0.00 ? 81  LEU A H    1 
ATOM 1281 H HA   . LEU A 1 81  ? 4.116   -3.831  -13.831 1.00 0.00 ? 81  LEU A HA   1 
ATOM 1282 H HB2  . LEU A 1 81  ? 2.005   -5.441  -13.662 1.00 0.00 ? 81  LEU A HB2  1 
ATOM 1283 H HB3  . LEU A 1 81  ? 2.131   -5.027  -11.968 1.00 0.00 ? 81  LEU A HB3  1 
ATOM 1284 H HG   . LEU A 1 81  ? 2.203   -2.552  -12.967 1.00 0.00 ? 81  LEU A HG   1 
ATOM 1285 H HD11 . LEU A 1 81  ? 2.138   -3.427  -15.317 1.00 0.00 ? 81  LEU A HD11 1 
ATOM 1286 H HD12 . LEU A 1 81  ? 0.793   -2.349  -14.936 1.00 0.00 ? 81  LEU A HD12 1 
ATOM 1287 H HD13 . LEU A 1 81  ? 0.540   -4.094  -14.979 1.00 0.00 ? 81  LEU A HD13 1 
ATOM 1288 H HD21 . LEU A 1 81  ? -0.178  -4.352  -12.485 1.00 0.00 ? 81  LEU A HD21 1 
ATOM 1289 H HD22 . LEU A 1 81  ? -0.363  -2.626  -12.792 1.00 0.00 ? 81  LEU A HD22 1 
ATOM 1290 H HD23 . LEU A 1 81  ? 0.539   -3.179  -11.381 1.00 0.00 ? 81  LEU A HD23 1 
ATOM 1291 N N    . VAL A 1 82  ? 4.834   -5.209  -10.958 1.00 0.00 ? 82  VAL A N    1 
ATOM 1292 C CA   . VAL A 1 82  ? 5.414   -4.956  -9.638  1.00 0.00 ? 82  VAL A CA   1 
ATOM 1293 C C    . VAL A 1 82  ? 6.696   -4.131  -9.762  1.00 0.00 ? 82  VAL A C    1 
ATOM 1294 O O    . VAL A 1 82  ? 6.970   -3.260  -8.940  1.00 0.00 ? 82  VAL A O    1 
ATOM 1295 C CB   . VAL A 1 82  ? 5.728   -6.281  -8.927  1.00 0.00 ? 82  VAL A CB   1 
ATOM 1296 C CG1  . VAL A 1 82  ? 6.228   -6.004  -7.505  1.00 0.00 ? 82  VAL A CG1  1 
ATOM 1297 C CG2  . VAL A 1 82  ? 4.462   -7.147  -8.862  1.00 0.00 ? 82  VAL A CG2  1 
ATOM 1298 H H    . VAL A 1 82  ? 4.703   -6.132  -11.257 1.00 0.00 ? 82  VAL A H    1 
ATOM 1299 H HA   . VAL A 1 82  ? 4.701   -4.404  -9.044  1.00 0.00 ? 82  VAL A HA   1 
ATOM 1300 H HB   . VAL A 1 82  ? 6.495   -6.807  -9.477  1.00 0.00 ? 82  VAL A HB   1 
ATOM 1301 H HG11 . VAL A 1 82  ? 6.302   -6.936  -6.962  1.00 0.00 ? 82  VAL A HG11 1 
ATOM 1302 H HG12 . VAL A 1 82  ? 5.536   -5.346  -7.001  1.00 0.00 ? 82  VAL A HG12 1 
ATOM 1303 H HG13 . VAL A 1 82  ? 7.201   -5.537  -7.549  1.00 0.00 ? 82  VAL A HG13 1 
ATOM 1304 H HG21 . VAL A 1 82  ? 4.561   -7.976  -9.547  1.00 0.00 ? 82  VAL A HG21 1 
ATOM 1305 H HG22 . VAL A 1 82  ? 3.601   -6.556  -9.136  1.00 0.00 ? 82  VAL A HG22 1 
ATOM 1306 H HG23 . VAL A 1 82  ? 4.331   -7.527  -7.858  1.00 0.00 ? 82  VAL A HG23 1 
ATOM 1307 N N    . ALA A 1 83  ? 7.480   -4.423  -10.792 1.00 0.00 ? 83  ALA A N    1 
ATOM 1308 C CA   . ALA A 1 83  ? 8.735   -3.704  -11.009 1.00 0.00 ? 83  ALA A CA   1 
ATOM 1309 C C    . ALA A 1 83  ? 8.479   -2.230  -11.318 1.00 0.00 ? 83  ALA A C    1 
ATOM 1310 O O    . ALA A 1 83  ? 9.173   -1.346  -10.816 1.00 0.00 ? 83  ALA A O    1 
ATOM 1311 C CB   . ALA A 1 83  ? 9.513   -4.328  -12.168 1.00 0.00 ? 83  ALA A CB   1 
ATOM 1312 H H    . ALA A 1 83  ? 7.215   -5.131  -11.415 1.00 0.00 ? 83  ALA A H    1 
ATOM 1313 H HA   . ALA A 1 83  ? 9.333   -3.774  -10.113 1.00 0.00 ? 83  ALA A HA   1 
ATOM 1314 H HB1  . ALA A 1 83  ? 9.400   -5.401  -12.141 1.00 0.00 ? 83  ALA A HB1  1 
ATOM 1315 H HB2  . ALA A 1 83  ? 10.558  -4.073  -12.075 1.00 0.00 ? 83  ALA A HB2  1 
ATOM 1316 H HB3  . ALA A 1 83  ? 9.131   -3.948  -13.104 1.00 0.00 ? 83  ALA A HB3  1 
ATOM 1317 N N    . LYS A 1 84  ? 7.488   -1.977  -12.170 1.00 0.00 ? 84  LYS A N    1 
ATOM 1318 C CA   . LYS A 1 84  ? 7.162   -0.605  -12.565 1.00 0.00 ? 84  LYS A CA   1 
ATOM 1319 C C    . LYS A 1 84  ? 6.390   0.127   -11.468 1.00 0.00 ? 84  LYS A C    1 
ATOM 1320 O O    . LYS A 1 84  ? 6.476   1.349   -11.344 1.00 0.00 ? 84  LYS A O    1 
ATOM 1321 C CB   . LYS A 1 84  ? 6.322   -0.607  -13.844 1.00 0.00 ? 84  LYS A CB   1 
ATOM 1322 C CG   . LYS A 1 84  ? 6.542   0.704   -14.602 1.00 0.00 ? 84  LYS A CG   1 
ATOM 1323 C CD   . LYS A 1 84  ? 6.442   0.447   -16.108 1.00 0.00 ? 84  LYS A CD   1 
ATOM 1324 C CE   . LYS A 1 84  ? 6.479   1.779   -16.859 1.00 0.00 ? 84  LYS A CE   1 
ATOM 1325 N NZ   . LYS A 1 84  ? 6.288   1.582   -18.324 1.00 0.00 ? 84  LYS A NZ   1 
ATOM 1326 H H    . LYS A 1 84  ? 6.979   -2.721  -12.552 1.00 0.00 ? 84  LYS A H    1 
ATOM 1327 H HA   . LYS A 1 84  ? 8.081   -0.072  -12.757 1.00 0.00 ? 84  LYS A HA   1 
ATOM 1328 H HB2  . LYS A 1 84  ? 6.617   -1.439  -14.466 1.00 0.00 ? 84  LYS A HB2  1 
ATOM 1329 H HB3  . LYS A 1 84  ? 5.277   -0.701  -13.588 1.00 0.00 ? 84  LYS A HB3  1 
ATOM 1330 H HG2  . LYS A 1 84  ? 5.789   1.420   -14.307 1.00 0.00 ? 84  LYS A HG2  1 
ATOM 1331 H HG3  . LYS A 1 84  ? 7.522   1.094   -14.370 1.00 0.00 ? 84  LYS A HG3  1 
ATOM 1332 H HD2  . LYS A 1 84  ? 7.273   -0.168  -16.423 1.00 0.00 ? 84  LYS A HD2  1 
ATOM 1333 H HD3  . LYS A 1 84  ? 5.515   -0.061  -16.325 1.00 0.00 ? 84  LYS A HD3  1 
ATOM 1334 H HE2  . LYS A 1 84  ? 5.693   2.417   -16.485 1.00 0.00 ? 84  LYS A HE2  1 
ATOM 1335 H HE3  . LYS A 1 84  ? 7.433   2.256   -16.685 1.00 0.00 ? 84  LYS A HE3  1 
ATOM 1336 H HZ1  . LYS A 1 84  ? 5.272   1.585   -18.546 1.00 0.00 ? 84  LYS A HZ1  1 
ATOM 1337 H HZ2  . LYS A 1 84  ? 6.703   0.671   -18.608 1.00 0.00 ? 84  LYS A HZ2  1 
ATOM 1338 H HZ3  . LYS A 1 84  ? 6.755   2.354   -18.841 1.00 0.00 ? 84  LYS A HZ3  1 
ATOM 1339 N N    . CYS A 1 85  ? 5.624   -0.623  -10.679 1.00 0.00 ? 85  CYS A N    1 
ATOM 1340 C CA   . CYS A 1 85  ? 4.835   -0.014  -9.609  1.00 0.00 ? 85  CYS A CA   1 
ATOM 1341 C C    . CYS A 1 85  ? 5.658   0.118   -8.330  1.00 0.00 ? 85  CYS A C    1 
ATOM 1342 O O    . CYS A 1 85  ? 5.532   1.095   -7.594  1.00 0.00 ? 85  CYS A O    1 
ATOM 1343 C CB   . CYS A 1 85  ? 3.588   -0.853  -9.318  1.00 0.00 ? 85  CYS A CB   1 
ATOM 1344 S SG   . CYS A 1 85  ? 2.597   -0.992  -10.827 1.00 0.00 ? 85  CYS A SG   1 
ATOM 1345 H H    . CYS A 1 85  ? 5.582   -1.592  -10.823 1.00 0.00 ? 85  CYS A H    1 
ATOM 1346 H HA   . CYS A 1 85  ? 4.523   0.970   -9.924  1.00 0.00 ? 85  CYS A HA   1 
ATOM 1347 H HB2  . CYS A 1 85  ? 3.883   -1.837  -8.990  1.00 0.00 ? 85  CYS A HB2  1 
ATOM 1348 H HB3  . CYS A 1 85  ? 3.003   -0.377  -8.544  1.00 0.00 ? 85  CYS A HB3  1 
ATOM 1349 N N    . ALA A 1 86  ? 6.501   -0.879  -8.072  1.00 0.00 ? 86  ALA A N    1 
ATOM 1350 C CA   . ALA A 1 86  ? 7.344   -0.872  -6.875  1.00 0.00 ? 86  ALA A CA   1 
ATOM 1351 C C    . ALA A 1 86  ? 8.678   -0.151  -7.115  1.00 0.00 ? 86  ALA A C    1 
ATOM 1352 O O    . ALA A 1 86  ? 9.715   -0.556  -6.585  1.00 0.00 ? 86  ALA A O    1 
ATOM 1353 C CB   . ALA A 1 86  ? 7.630   -2.306  -6.426  1.00 0.00 ? 86  ALA A CB   1 
ATOM 1354 H H    . ALA A 1 86  ? 6.557   -1.633  -8.695  1.00 0.00 ? 86  ALA A H    1 
ATOM 1355 H HA   . ALA A 1 86  ? 6.815   -0.365  -6.082  1.00 0.00 ? 86  ALA A HA   1 
ATOM 1356 H HB1  . ALA A 1 86  ? 8.551   -2.646  -6.875  1.00 0.00 ? 86  ALA A HB1  1 
ATOM 1357 H HB2  . ALA A 1 86  ? 6.821   -2.949  -6.736  1.00 0.00 ? 86  ALA A HB2  1 
ATOM 1358 H HB3  . ALA A 1 86  ? 7.721   -2.335  -5.350  1.00 0.00 ? 86  ALA A HB3  1 
ATOM 1359 N N    . VAL A 1 87  ? 8.655   0.917   -7.910  1.00 0.00 ? 87  VAL A N    1 
ATOM 1360 C CA   . VAL A 1 87  ? 9.880   1.664   -8.192  1.00 0.00 ? 87  VAL A CA   1 
ATOM 1361 C C    . VAL A 1 87  ? 10.446  2.265   -6.908  1.00 0.00 ? 87  VAL A C    1 
ATOM 1362 O O    . VAL A 1 87  ? 9.775   3.029   -6.215  1.00 0.00 ? 87  VAL A O    1 
ATOM 1363 C CB   . VAL A 1 87  ? 9.605   2.790   -9.194  1.00 0.00 ? 87  VAL A CB   1 
ATOM 1364 C CG1  . VAL A 1 87  ? 9.175   2.186   -10.533 1.00 0.00 ? 87  VAL A CG1  1 
ATOM 1365 C CG2  . VAL A 1 87  ? 8.490   3.697   -8.660  1.00 0.00 ? 87  VAL A CG2  1 
ATOM 1366 H H    . VAL A 1 87  ? 7.815   1.207   -8.310  1.00 0.00 ? 87  VAL A H    1 
ATOM 1367 H HA   . VAL A 1 87  ? 10.609  0.991   -8.616  1.00 0.00 ? 87  VAL A HA   1 
ATOM 1368 H HB   . VAL A 1 87  ? 10.506  3.370   -9.335  1.00 0.00 ? 87  VAL A HB   1 
ATOM 1369 H HG11 . VAL A 1 87  ? 8.686   2.943   -11.128 1.00 0.00 ? 87  VAL A HG11 1 
ATOM 1370 H HG12 . VAL A 1 87  ? 8.491   1.369   -10.356 1.00 0.00 ? 87  VAL A HG12 1 
ATOM 1371 H HG13 . VAL A 1 87  ? 10.044  1.819   -11.057 1.00 0.00 ? 87  VAL A HG13 1 
ATOM 1372 H HG21 . VAL A 1 87  ? 7.866   4.023   -9.479  1.00 0.00 ? 87  VAL A HG21 1 
ATOM 1373 H HG22 . VAL A 1 87  ? 8.928   4.557   -8.177  1.00 0.00 ? 87  VAL A HG22 1 
ATOM 1374 H HG23 . VAL A 1 87  ? 7.890   3.152   -7.945  1.00 0.00 ? 87  VAL A HG23 1 
ATOM 1375 N N    . LYS A 1 88  ? 11.691  1.910   -6.600  1.00 0.00 ? 88  LYS A N    1 
ATOM 1376 C CA   . LYS A 1 88  ? 12.343  2.423   -5.396  1.00 0.00 ? 88  LYS A CA   1 
ATOM 1377 C C    . LYS A 1 88  ? 12.487  3.940   -5.477  1.00 0.00 ? 88  LYS A C    1 
ATOM 1378 O O    . LYS A 1 88  ? 13.232  4.465   -6.305  1.00 0.00 ? 88  LYS A O    1 
ATOM 1379 C CB   . LYS A 1 88  ? 13.730  1.796   -5.217  1.00 0.00 ? 88  LYS A CB   1 
ATOM 1380 C CG   . LYS A 1 88  ? 14.519  1.873   -6.530  1.00 0.00 ? 88  LYS A CG   1 
ATOM 1381 C CD   . LYS A 1 88  ? 15.956  2.321   -6.245  1.00 0.00 ? 88  LYS A CD   1 
ATOM 1382 C CE   . LYS A 1 88  ? 16.469  3.170   -7.409  1.00 0.00 ? 88  LYS A CE   1 
ATOM 1383 N NZ   . LYS A 1 88  ? 17.833  3.705   -7.133  1.00 0.00 ? 88  LYS A NZ   1 
ATOM 1384 H H    . LYS A 1 88  ? 12.178  1.298   -7.191  1.00 0.00 ? 88  LYS A H    1 
ATOM 1385 H HA   . LYS A 1 88  ? 11.736  2.172   -4.538  1.00 0.00 ? 88  LYS A HA   1 
ATOM 1386 H HB2  . LYS A 1 88  ? 14.262  2.325   -4.441  1.00 0.00 ? 88  LYS A HB2  1 
ATOM 1387 H HB3  . LYS A 1 88  ? 13.617  0.761   -4.931  1.00 0.00 ? 88  LYS A HB3  1 
ATOM 1388 H HG2  . LYS A 1 88  ? 14.533  0.898   -6.994  1.00 0.00 ? 88  LYS A HG2  1 
ATOM 1389 H HG3  . LYS A 1 88  ? 14.049  2.581   -7.194  1.00 0.00 ? 88  LYS A HG3  1 
ATOM 1390 H HD2  . LYS A 1 88  ? 15.978  2.904   -5.335  1.00 0.00 ? 88  LYS A HD2  1 
ATOM 1391 H HD3  . LYS A 1 88  ? 16.588  1.452   -6.130  1.00 0.00 ? 88  LYS A HD3  1 
ATOM 1392 H HE2  . LYS A 1 88  ? 16.503  2.563   -8.300  1.00 0.00 ? 88  LYS A HE2  1 
ATOM 1393 H HE3  . LYS A 1 88  ? 15.788  3.994   -7.570  1.00 0.00 ? 88  LYS A HE3  1 
ATOM 1394 H HZ1  . LYS A 1 88  ? 18.303  3.933   -8.031  1.00 0.00 ? 88  LYS A HZ1  1 
ATOM 1395 H HZ2  . LYS A 1 88  ? 18.388  2.990   -6.621  1.00 0.00 ? 88  LYS A HZ2  1 
ATOM 1396 H HZ3  . LYS A 1 88  ? 17.756  4.566   -6.555  1.00 0.00 ? 88  LYS A HZ3  1 
ATOM 1397 N N    . LYS A 1 89  ? 11.759  4.638   -4.610  1.00 0.00 ? 89  LYS A N    1 
ATOM 1398 C CA   . LYS A 1 89  ? 11.809  6.097   -4.593  1.00 0.00 ? 89  LYS A CA   1 
ATOM 1399 C C    . LYS A 1 89  ? 12.789  6.589   -3.534  1.00 0.00 ? 89  LYS A C    1 
ATOM 1400 O O    . LYS A 1 89  ? 13.441  5.797   -2.852  1.00 0.00 ? 89  LYS A O    1 
ATOM 1401 C CB   . LYS A 1 89  ? 10.422  6.675   -4.298  1.00 0.00 ? 89  LYS A CB   1 
ATOM 1402 C CG   . LYS A 1 89  ? 9.488   6.384   -5.473  1.00 0.00 ? 89  LYS A CG   1 
ATOM 1403 C CD   . LYS A 1 89  ? 9.964   7.151   -6.708  1.00 0.00 ? 89  LYS A CD   1 
ATOM 1404 C CE   . LYS A 1 89  ? 8.840   7.200   -7.748  1.00 0.00 ? 89  LYS A CE   1 
ATOM 1405 N NZ   . LYS A 1 89  ? 8.057   8.464   -7.643  1.00 0.00 ? 89  LYS A NZ   1 
ATOM 1406 H H    . LYS A 1 89  ? 11.181  4.166   -3.975  1.00 0.00 ? 89  LYS A H    1 
ATOM 1407 H HA   . LYS A 1 89  ? 12.132  6.448   -5.560  1.00 0.00 ? 89  LYS A HA   1 
ATOM 1408 H HB2  . LYS A 1 89  ? 10.026  6.221   -3.401  1.00 0.00 ? 89  LYS A HB2  1 
ATOM 1409 H HB3  . LYS A 1 89  ? 10.500  7.743   -4.158  1.00 0.00 ? 89  LYS A HB3  1 
ATOM 1410 H HG2  . LYS A 1 89  ? 9.492   5.324   -5.682  1.00 0.00 ? 89  LYS A HG2  1 
ATOM 1411 H HG3  . LYS A 1 89  ? 8.485   6.696   -5.222  1.00 0.00 ? 89  LYS A HG3  1 
ATOM 1412 H HD2  . LYS A 1 89  ? 10.235  8.158   -6.424  1.00 0.00 ? 89  LYS A HD2  1 
ATOM 1413 H HD3  . LYS A 1 89  ? 10.821  6.653   -7.133  1.00 0.00 ? 89  LYS A HD3  1 
ATOM 1414 H HE2  . LYS A 1 89  ? 9.270   7.133   -8.736  1.00 0.00 ? 89  LYS A HE2  1 
ATOM 1415 H HE3  . LYS A 1 89  ? 8.179   6.359   -7.594  1.00 0.00 ? 89  LYS A HE3  1 
ATOM 1416 H HZ1  . LYS A 1 89  ? 7.359   8.379   -6.878  1.00 0.00 ? 89  LYS A HZ1  1 
ATOM 1417 H HZ2  . LYS A 1 89  ? 7.566   8.642   -8.544  1.00 0.00 ? 89  LYS A HZ2  1 
ATOM 1418 H HZ3  . LYS A 1 89  ? 8.700   9.254   -7.438  1.00 0.00 ? 89  LYS A HZ3  1 
ATOM 1419 N N    . ASP A 1 90  ? 12.889  7.910   -3.406  1.00 0.00 ? 90  ASP A N    1 
ATOM 1420 C CA   . ASP A 1 90  ? 13.796  8.508   -2.429  1.00 0.00 ? 90  ASP A CA   1 
ATOM 1421 C C    . ASP A 1 90  ? 13.446  8.067   -1.007  1.00 0.00 ? 90  ASP A C    1 
ATOM 1422 O O    . ASP A 1 90  ? 14.280  8.140   -0.104  1.00 0.00 ? 90  ASP A O    1 
ATOM 1423 C CB   . ASP A 1 90  ? 13.733  10.035  -2.508  1.00 0.00 ? 90  ASP A CB   1 
ATOM 1424 C CG   . ASP A 1 90  ? 12.287  10.496  -2.356  1.00 0.00 ? 90  ASP A CG   1 
ATOM 1425 O OD1  . ASP A 1 90  ? 11.820  10.555  -1.230  1.00 0.00 ? 90  ASP A OD1  1 
ATOM 1426 O OD2  . ASP A 1 90  ? 11.668  10.783  -3.367  1.00 0.00 ? 90  ASP A OD2  1 
ATOM 1427 H H    . ASP A 1 90  ? 12.345  8.490   -3.978  1.00 0.00 ? 90  ASP A H    1 
ATOM 1428 H HA   . ASP A 1 90  ? 14.803  8.193   -2.652  1.00 0.00 ? 90  ASP A HA   1 
ATOM 1429 H HB2  . ASP A 1 90  ? 14.332  10.461  -1.715  1.00 0.00 ? 90  ASP A HB2  1 
ATOM 1430 H HB3  . ASP A 1 90  ? 14.114  10.362  -3.463  1.00 0.00 ? 90  ASP A HB3  1 
ATOM 1431 N N    . THR A 1 91  ? 12.208  7.613   -0.807  1.00 0.00 ? 91  THR A N    1 
ATOM 1432 C CA   . THR A 1 91  ? 11.779  7.173   0.518   1.00 0.00 ? 91  THR A CA   1 
ATOM 1433 C C    . THR A 1 91  ? 10.889  5.933   0.414   1.00 0.00 ? 91  THR A C    1 
ATOM 1434 O O    . THR A 1 91  ? 10.246  5.707   -0.612  1.00 0.00 ? 91  THR A O    1 
ATOM 1435 C CB   . THR A 1 91  ? 11.004  8.286   1.226   1.00 0.00 ? 91  THR A CB   1 
ATOM 1436 O OG1  . THR A 1 91  ? 10.344  9.090   0.259   1.00 0.00 ? 91  THR A OG1  1 
ATOM 1437 C CG2  . THR A 1 91  ? 11.974  9.149   2.034   1.00 0.00 ? 91  THR A CG2  1 
ATOM 1438 H H    . THR A 1 91  ? 11.576  7.577   -1.554  1.00 0.00 ? 91  THR A H    1 
ATOM 1439 H HA   . THR A 1 91  ? 12.652  6.928   1.105   1.00 0.00 ? 91  THR A HA   1 
ATOM 1440 H HB   . THR A 1 91  ? 10.276  7.850   1.892   1.00 0.00 ? 91  THR A HB   1 
ATOM 1441 H HG1  . THR A 1 91  ? 9.524   9.406   0.646   1.00 0.00 ? 91  THR A HG1  1 
ATOM 1442 H HG21 . THR A 1 91  ? 12.566  8.518   2.681   1.00 0.00 ? 91  THR A HG21 1 
ATOM 1443 H HG22 . THR A 1 91  ? 11.415  9.854   2.633   1.00 0.00 ? 91  THR A HG22 1 
ATOM 1444 H HG23 . THR A 1 91  ? 12.626  9.686   1.361   1.00 0.00 ? 91  THR A HG23 1 
ATOM 1445 N N    . PRO A 1 92  ? 10.840  5.115   1.474   1.00 0.00 ? 92  PRO A N    1 
ATOM 1446 C CA   . PRO A 1 92  ? 10.019  3.893   1.490   1.00 0.00 ? 92  PRO A CA   1 
ATOM 1447 C C    . PRO A 1 92  ? 8.524   4.193   1.572   1.00 0.00 ? 92  PRO A C    1 
ATOM 1448 O O    . PRO A 1 92  ? 7.715   3.578   0.876   1.00 0.00 ? 92  PRO A O    1 
ATOM 1449 C CB   . PRO A 1 92  ? 10.479  3.156   2.745   1.00 0.00 ? 92  PRO A CB   1 
ATOM 1450 C CG   . PRO A 1 92  ? 11.022  4.216   3.639   1.00 0.00 ? 92  PRO A CG   1 
ATOM 1451 C CD   . PRO A 1 92  ? 11.567  5.293   2.746   1.00 0.00 ? 92  PRO A CD   1 
ATOM 1452 H HA   . PRO A 1 92  ? 10.232  3.287   0.625   1.00 0.00 ? 92  PRO A HA   1 
ATOM 1453 H HB2  . PRO A 1 92  ? 9.641   2.656   3.214   1.00 0.00 ? 92  PRO A HB2  1 
ATOM 1454 H HB3  . PRO A 1 92  ? 11.253  2.447   2.499   1.00 0.00 ? 92  PRO A HB3  1 
ATOM 1455 H HG2  . PRO A 1 92  ? 10.232  4.612   4.263   1.00 0.00 ? 92  PRO A HG2  1 
ATOM 1456 H HG3  . PRO A 1 92  ? 11.814  3.814   4.251   1.00 0.00 ? 92  PRO A HG3  1 
ATOM 1457 H HD2  . PRO A 1 92  ? 11.367  6.268   3.167   1.00 0.00 ? 92  PRO A HD2  1 
ATOM 1458 H HD3  . PRO A 1 92  ? 12.625  5.154   2.589   1.00 0.00 ? 92  PRO A HD3  1 
ATOM 1459 N N    . GLN A 1 93  ? 8.167   5.140   2.434   1.00 0.00 ? 93  GLN A N    1 
ATOM 1460 C CA   . GLN A 1 93  ? 6.764   5.509   2.604   1.00 0.00 ? 93  GLN A CA   1 
ATOM 1461 C C    . GLN A 1 93  ? 6.163   6.016   1.291   1.00 0.00 ? 93  GLN A C    1 
ATOM 1462 O O    . GLN A 1 93  ? 4.946   6.001   1.111   1.00 0.00 ? 93  GLN A O    1 
ATOM 1463 C CB   . GLN A 1 93  ? 6.614   6.588   3.682   1.00 0.00 ? 93  GLN A CB   1 
ATOM 1464 C CG   . GLN A 1 93  ? 7.444   7.815   3.305   1.00 0.00 ? 93  GLN A CG   1 
ATOM 1465 C CD   . GLN A 1 93  ? 8.033   8.443   4.565   1.00 0.00 ? 93  GLN A CD   1 
ATOM 1466 O OE1  . GLN A 1 93  ? 9.248   8.430   4.764   1.00 0.00 ? 93  GLN A OE1  1 
ATOM 1467 N NE2  . GLN A 1 93  ? 7.236   8.998   5.436   1.00 0.00 ? 93  GLN A NE2  1 
ATOM 1468 H H    . GLN A 1 93  ? 8.854   5.593   2.966   1.00 0.00 ? 93  GLN A H    1 
ATOM 1469 H HA   . GLN A 1 93  ? 6.218   4.634   2.915   1.00 0.00 ? 93  GLN A HA   1 
ATOM 1470 H HB2  . GLN A 1 93  ? 5.574   6.868   3.765   1.00 0.00 ? 93  GLN A HB2  1 
ATOM 1471 H HB3  . GLN A 1 93  ? 6.958   6.198   4.628   1.00 0.00 ? 93  GLN A HB3  1 
ATOM 1472 H HG2  . GLN A 1 93  ? 8.244   7.518   2.643   1.00 0.00 ? 93  GLN A HG2  1 
ATOM 1473 H HG3  . GLN A 1 93  ? 6.813   8.536   2.808   1.00 0.00 ? 93  GLN A HG3  1 
ATOM 1474 H HE21 . GLN A 1 93  ? 6.268   9.009   5.278   1.00 0.00 ? 93  GLN A HE21 1 
ATOM 1475 H HE22 . GLN A 1 93  ? 7.604   9.403   6.248   1.00 0.00 ? 93  GLN A HE22 1 
ATOM 1476 N N    . HIS A 1 94  ? 7.021   6.460   0.375   1.00 0.00 ? 94  HIS A N    1 
ATOM 1477 C CA   . HIS A 1 94  ? 6.543   6.958   -0.912  1.00 0.00 ? 94  HIS A CA   1 
ATOM 1478 C C    . HIS A 1 94  ? 6.059   5.796   -1.774  1.00 0.00 ? 94  HIS A C    1 
ATOM 1479 O O    . HIS A 1 94  ? 4.905   5.758   -2.201  1.00 0.00 ? 94  HIS A O    1 
ATOM 1480 C CB   . HIS A 1 94  ? 7.663   7.695   -1.650  1.00 0.00 ? 94  HIS A CB   1 
ATOM 1481 C CG   . HIS A 1 94  ? 7.067   8.586   -2.705  1.00 0.00 ? 94  HIS A CG   1 
ATOM 1482 N ND1  . HIS A 1 94  ? 7.532   9.871   -2.935  1.00 0.00 ? 94  HIS A ND1  1 
ATOM 1483 C CD2  . HIS A 1 94  ? 6.044   8.391   -3.600  1.00 0.00 ? 94  HIS A CD2  1 
ATOM 1484 C CE1  . HIS A 1 94  ? 6.797   10.396  -3.933  1.00 0.00 ? 94  HIS A CE1  1 
ATOM 1485 N NE2  . HIS A 1 94  ? 5.875   9.534   -4.374  1.00 0.00 ? 94  HIS A NE2  1 
ATOM 1486 H H    . HIS A 1 94  ? 7.982   6.453   0.561   1.00 0.00 ? 94  HIS A H    1 
ATOM 1487 H HA   . HIS A 1 94  ? 5.724   7.639   -0.745  1.00 0.00 ? 94  HIS A HA   1 
ATOM 1488 H HB2  . HIS A 1 94  ? 8.222   8.295   -0.946  1.00 0.00 ? 94  HIS A HB2  1 
ATOM 1489 H HB3  . HIS A 1 94  ? 8.322   6.977   -2.115  1.00 0.00 ? 94  HIS A HB3  1 
ATOM 1490 H HD1  . HIS A 1 94  ? 8.263   10.317  -2.459  1.00 0.00 ? 94  HIS A HD1  1 
ATOM 1491 H HD2  . HIS A 1 94  ? 5.460   7.487   -3.688  1.00 0.00 ? 94  HIS A HD2  1 
ATOM 1492 H HE1  . HIS A 1 94  ? 6.935   11.390  -4.328  1.00 0.00 ? 94  HIS A HE1  1 
ATOM 1493 N N    . SER A 1 95  ? 6.961   4.845   -2.022  1.00 0.00 ? 95  SER A N    1 
ATOM 1494 C CA   . SER A 1 95  ? 6.640   3.664   -2.833  1.00 0.00 ? 95  SER A CA   1 
ATOM 1495 C C    . SER A 1 95  ? 5.325   3.012   -2.393  1.00 0.00 ? 95  SER A C    1 
ATOM 1496 O O    . SER A 1 95  ? 4.645   2.361   -3.185  1.00 0.00 ? 95  SER A O    1 
ATOM 1497 C CB   . SER A 1 95  ? 7.760   2.630   -2.726  1.00 0.00 ? 95  SER A CB   1 
ATOM 1498 O OG   . SER A 1 95  ? 7.925   2.256   -1.364  1.00 0.00 ? 95  SER A OG   1 
ATOM 1499 H H    . SER A 1 95  ? 7.863   4.936   -1.650  1.00 0.00 ? 95  SER A H    1 
ATOM 1500 H HA   . SER A 1 95  ? 6.549   3.967   -3.866  1.00 0.00 ? 95  SER A HA   1 
ATOM 1501 H HB2  . SER A 1 95  ? 7.505   1.757   -3.305  1.00 0.00 ? 95  SER A HB2  1 
ATOM 1502 H HB3  . SER A 1 95  ? 8.680   3.055   -3.107  1.00 0.00 ? 95  SER A HB3  1 
ATOM 1503 H HG   . SER A 1 95  ? 8.756   1.780   -1.286  1.00 0.00 ? 95  SER A HG   1 
ATOM 1504 N N    . SER A 1 96  ? 4.984   3.185   -1.114  1.00 0.00 ? 96  SER A N    1 
ATOM 1505 C CA   . SER A 1 96  ? 3.756   2.600   -0.567  1.00 0.00 ? 96  SER A CA   1 
ATOM 1506 C C    . SER A 1 96  ? 2.530   2.996   -1.391  1.00 0.00 ? 96  SER A C    1 
ATOM 1507 O O    . SER A 1 96  ? 1.739   2.146   -1.798  1.00 0.00 ? 96  SER A O    1 
ATOM 1508 C CB   . SER A 1 96  ? 3.550   3.057   0.879   1.00 0.00 ? 96  SER A CB   1 
ATOM 1509 O OG   . SER A 1 96  ? 3.069   4.395   0.888   1.00 0.00 ? 96  SER A OG   1 
ATOM 1510 H H    . SER A 1 96  ? 5.571   3.704   -0.526  1.00 0.00 ? 96  SER A H    1 
ATOM 1511 H HA   . SER A 1 96  ? 3.850   1.526   -0.577  1.00 0.00 ? 96  SER A HA   1 
ATOM 1512 H HB2  . SER A 1 96  ? 2.829   2.418   1.360   1.00 0.00 ? 96  SER A HB2  1 
ATOM 1513 H HB3  . SER A 1 96  ? 4.490   2.998   1.411   1.00 0.00 ? 96  SER A HB3  1 
ATOM 1514 H HG   . SER A 1 96  ? 3.101   4.716   1.793   1.00 0.00 ? 96  SER A HG   1 
ATOM 1515 N N    . ALA A 1 97  ? 2.380   4.298   -1.623  1.00 0.00 ? 97  ALA A N    1 
ATOM 1516 C CA   . ALA A 1 97  ? 1.240   4.800   -2.390  1.00 0.00 ? 97  ALA A CA   1 
ATOM 1517 C C    . ALA A 1 97  ? 1.214   4.196   -3.793  1.00 0.00 ? 97  ALA A C    1 
ATOM 1518 O O    . ALA A 1 97  ? 0.148   3.957   -4.360  1.00 0.00 ? 97  ALA A O    1 
ATOM 1519 C CB   . ALA A 1 97  ? 1.307   6.324   -2.508  1.00 0.00 ? 97  ALA A CB   1 
ATOM 1520 H H    . ALA A 1 97  ? 3.039   4.931   -1.267  1.00 0.00 ? 97  ALA A H    1 
ATOM 1521 H HA   . ALA A 1 97  ? 0.328   4.532   -1.877  1.00 0.00 ? 97  ALA A HA   1 
ATOM 1522 H HB1  . ALA A 1 97  ? 1.859   6.726   -1.671  1.00 0.00 ? 97  ALA A HB1  1 
ATOM 1523 H HB2  . ALA A 1 97  ? 0.307   6.730   -2.507  1.00 0.00 ? 97  ALA A HB2  1 
ATOM 1524 H HB3  . ALA A 1 97  ? 1.804   6.593   -3.428  1.00 0.00 ? 97  ALA A HB3  1 
ATOM 1525 N N    . ASP A 1 98  ? 2.399   3.957   -4.345  1.00 0.00 ? 98  ASP A N    1 
ATOM 1526 C CA   . ASP A 1 98  ? 2.501   3.386   -5.687  1.00 0.00 ? 98  ASP A CA   1 
ATOM 1527 C C    . ASP A 1 98  ? 1.859   2.001   -5.741  1.00 0.00 ? 98  ASP A C    1 
ATOM 1528 O O    . ASP A 1 98  ? 1.361   1.575   -6.783  1.00 0.00 ? 98  ASP A O    1 
ATOM 1529 C CB   . ASP A 1 98  ? 3.967   3.272   -6.111  1.00 0.00 ? 98  ASP A CB   1 
ATOM 1530 C CG   . ASP A 1 98  ? 4.595   4.661   -6.146  1.00 0.00 ? 98  ASP A CG   1 
ATOM 1531 O OD1  . ASP A 1 98  ? 4.611   5.309   -5.113  1.00 0.00 ? 98  ASP A OD1  1 
ATOM 1532 O OD2  . ASP A 1 98  ? 5.052   5.056   -7.206  1.00 0.00 ? 98  ASP A OD2  1 
ATOM 1533 H H    . ASP A 1 98  ? 3.216   4.172   -3.849  1.00 0.00 ? 98  ASP A H    1 
ATOM 1534 H HA   . ASP A 1 98  ? 1.989   4.034   -6.382  1.00 0.00 ? 98  ASP A HA   1 
ATOM 1535 H HB2  . ASP A 1 98  ? 4.498   2.653   -5.403  1.00 0.00 ? 98  ASP A HB2  1 
ATOM 1536 H HB3  . ASP A 1 98  ? 4.024   2.828   -7.092  1.00 0.00 ? 98  ASP A HB3  1 
ATOM 1537 N N    . PHE A 1 99  ? 1.880   1.298   -4.610  1.00 0.00 ? 99  PHE A N    1 
ATOM 1538 C CA   . PHE A 1 99  ? 1.300   -0.042  -4.552  1.00 0.00 ? 99  PHE A CA   1 
ATOM 1539 C C    . PHE A 1 99  ? -0.225  0.022   -4.595  1.00 0.00 ? 99  PHE A C    1 
ATOM 1540 O O    . PHE A 1 99  ? -0.871  -0.753  -5.297  1.00 0.00 ? 99  PHE A O    1 
ATOM 1541 C CB   . PHE A 1 99  ? 1.724   -0.761  -3.269  1.00 0.00 ? 99  PHE A CB   1 
ATOM 1542 C CG   . PHE A 1 99  ? 3.185   -1.137  -3.346  1.00 0.00 ? 99  PHE A CG   1 
ATOM 1543 C CD1  . PHE A 1 99  ? 3.674   -1.845  -4.452  1.00 0.00 ? 99  PHE A CD1  1 
ATOM 1544 C CD2  . PHE A 1 99  ? 4.051   -0.783  -2.306  1.00 0.00 ? 99  PHE A CD2  1 
ATOM 1545 C CE1  . PHE A 1 99  ? 5.027   -2.195  -4.516  1.00 0.00 ? 99  PHE A CE1  1 
ATOM 1546 C CE2  . PHE A 1 99  ? 5.405   -1.132  -2.370  1.00 0.00 ? 99  PHE A CE2  1 
ATOM 1547 C CZ   . PHE A 1 99  ? 5.894   -1.839  -3.476  1.00 0.00 ? 99  PHE A CZ   1 
ATOM 1548 H H    . PHE A 1 99  ? 2.293   1.682   -3.809  1.00 0.00 ? 99  PHE A H    1 
ATOM 1549 H HA   . PHE A 1 99  ? 1.649   -0.612  -5.400  1.00 0.00 ? 99  PHE A HA   1 
ATOM 1550 H HB2  . PHE A 1 99  ? 1.565   -0.108  -2.424  1.00 0.00 ? 99  PHE A HB2  1 
ATOM 1551 H HB3  . PHE A 1 99  ? 1.130   -1.654  -3.149  1.00 0.00 ? 99  PHE A HB3  1 
ATOM 1552 H HD1  . PHE A 1 99  ? 3.006   -2.119  -5.255  1.00 0.00 ? 99  PHE A HD1  1 
ATOM 1553 H HD2  . PHE A 1 99  ? 3.674   -0.240  -1.453  1.00 0.00 ? 99  PHE A HD2  1 
ATOM 1554 H HE1  . PHE A 1 99  ? 5.403   -2.741  -5.367  1.00 0.00 ? 99  PHE A HE1  1 
ATOM 1555 H HE2  . PHE A 1 99  ? 6.072   -0.857  -1.566  1.00 0.00 ? 99  PHE A HE2  1 
ATOM 1556 H HZ   . PHE A 1 99  ? 6.938   -2.109  -3.525  1.00 0.00 ? 99  PHE A HZ   1 
ATOM 1557 N N    . PHE A 1 100 ? -0.793  0.954   -3.832  1.00 0.00 ? 100 PHE A N    1 
ATOM 1558 C CA   . PHE A 1 100 ? -2.247  1.105   -3.789  1.00 0.00 ? 100 PHE A CA   1 
ATOM 1559 C C    . PHE A 1 100 ? -2.703  2.203   -4.752  1.00 0.00 ? 100 PHE A C    1 
ATOM 1560 O O    . PHE A 1 100 ? -3.568  3.019   -4.431  1.00 0.00 ? 100 PHE A O    1 
ATOM 1561 C CB   . PHE A 1 100 ? -2.706  1.447   -2.367  1.00 0.00 ? 100 PHE A CB   1 
ATOM 1562 C CG   . PHE A 1 100 ? -3.061  0.178   -1.628  1.00 0.00 ? 100 PHE A CG   1 
ATOM 1563 C CD1  . PHE A 1 100 ? -4.145  -0.599  -2.055  1.00 0.00 ? 100 PHE A CD1  1 
ATOM 1564 C CD2  . PHE A 1 100 ? -2.308  -0.220  -0.517  1.00 0.00 ? 100 PHE A CD2  1 
ATOM 1565 C CE1  . PHE A 1 100 ? -4.475  -1.775  -1.371  1.00 0.00 ? 100 PHE A CE1  1 
ATOM 1566 C CE2  . PHE A 1 100 ? -2.640  -1.396  0.167   1.00 0.00 ? 100 PHE A CE2  1 
ATOM 1567 C CZ   . PHE A 1 100 ? -3.723  -2.173  -0.260  1.00 0.00 ? 100 PHE A CZ   1 
ATOM 1568 H H    . PHE A 1 100 ? -0.229  1.543   -3.288  1.00 0.00 ? 100 PHE A H    1 
ATOM 1569 H HA   . PHE A 1 100 ? -2.702  0.171   -4.088  1.00 0.00 ? 100 PHE A HA   1 
ATOM 1570 H HB2  . PHE A 1 100 ? -1.908  1.956   -1.845  1.00 0.00 ? 100 PHE A HB2  1 
ATOM 1571 H HB3  . PHE A 1 100 ? -3.573  2.089   -2.411  1.00 0.00 ? 100 PHE A HB3  1 
ATOM 1572 H HD1  . PHE A 1 100 ? -4.725  -0.292  -2.912  1.00 0.00 ? 100 PHE A HD1  1 
ATOM 1573 H HD2  . PHE A 1 100 ? -1.473  0.380   -0.187  1.00 0.00 ? 100 PHE A HD2  1 
ATOM 1574 H HE1  . PHE A 1 100 ? -5.311  -2.375  -1.700  1.00 0.00 ? 100 PHE A HE1  1 
ATOM 1575 H HE2  . PHE A 1 100 ? -2.058  -1.704  1.024   1.00 0.00 ? 100 PHE A HE2  1 
ATOM 1576 H HZ   . PHE A 1 100 ? -3.978  -3.080  0.268   1.00 0.00 ? 100 PHE A HZ   1 
ATOM 1577 N N    . LYS A 1 101 ? -2.111  2.205   -5.942  1.00 0.00 ? 101 LYS A N    1 
ATOM 1578 C CA   . LYS A 1 101 ? -2.455  3.191   -6.959  1.00 0.00 ? 101 LYS A CA   1 
ATOM 1579 C C    . LYS A 1 101 ? -2.060  2.667   -8.334  1.00 0.00 ? 101 LYS A C    1 
ATOM 1580 O O    . LYS A 1 101 ? -2.884  2.575   -9.244  1.00 0.00 ? 101 LYS A O    1 
ATOM 1581 C CB   . LYS A 1 101 ? -1.726  4.513   -6.699  1.00 0.00 ? 101 LYS A CB   1 
ATOM 1582 C CG   . LYS A 1 101 ? -2.384  5.237   -5.523  1.00 0.00 ? 101 LYS A CG   1 
ATOM 1583 C CD   . LYS A 1 101 ? -2.205  6.747   -5.688  1.00 0.00 ? 101 LYS A CD   1 
ATOM 1584 C CE   . LYS A 1 101 ? -2.784  7.467   -4.468  1.00 0.00 ? 101 LYS A CE   1 
ATOM 1585 N NZ   . LYS A 1 101 ? -1.746  7.686   -3.422  1.00 0.00 ? 101 LYS A NZ   1 
ATOM 1586 H H    . LYS A 1 101 ? -1.435  1.527   -6.144  1.00 0.00 ? 101 LYS A H    1 
ATOM 1587 H HA   . LYS A 1 101 ? -3.521  3.366   -6.939  1.00 0.00 ? 101 LYS A HA   1 
ATOM 1588 H HB2  . LYS A 1 101 ? -0.691  4.312   -6.466  1.00 0.00 ? 101 LYS A HB2  1 
ATOM 1589 H HB3  . LYS A 1 101 ? -1.784  5.135   -7.580  1.00 0.00 ? 101 LYS A HB3  1 
ATOM 1590 H HG2  . LYS A 1 101 ? -3.438  4.999   -5.497  1.00 0.00 ? 101 LYS A HG2  1 
ATOM 1591 H HG3  . LYS A 1 101 ? -1.921  4.920   -4.600  1.00 0.00 ? 101 LYS A HG3  1 
ATOM 1592 H HD2  . LYS A 1 101 ? -1.152  6.977   -5.777  1.00 0.00 ? 101 LYS A HD2  1 
ATOM 1593 H HD3  . LYS A 1 101 ? -2.722  7.077   -6.577  1.00 0.00 ? 101 LYS A HD3  1 
ATOM 1594 H HE2  . LYS A 1 101 ? -3.180  8.423   -4.776  1.00 0.00 ? 101 LYS A HE2  1 
ATOM 1595 H HE3  . LYS A 1 101 ? -3.585  6.870   -4.054  1.00 0.00 ? 101 LYS A HE3  1 
ATOM 1596 H HZ1  . LYS A 1 101 ? -0.822  7.838   -3.876  1.00 0.00 ? 101 LYS A HZ1  1 
ATOM 1597 H HZ2  . LYS A 1 101 ? -1.696  6.852   -2.803  1.00 0.00 ? 101 LYS A HZ2  1 
ATOM 1598 H HZ3  . LYS A 1 101 ? -1.992  8.523   -2.857  1.00 0.00 ? 101 LYS A HZ3  1 
ATOM 1599 N N    . CYS A 1 102 ? -0.783  2.314   -8.466  1.00 0.00 ? 102 CYS A N    1 
ATOM 1600 C CA   . CYS A 1 102 ? -0.257  1.782   -9.724  1.00 0.00 ? 102 CYS A CA   1 
ATOM 1601 C C    . CYS A 1 102 ? -1.089  0.589   -10.201 1.00 0.00 ? 102 CYS A C    1 
ATOM 1602 O O    . CYS A 1 102 ? -1.644  0.597   -11.301 1.00 0.00 ? 102 CYS A O    1 
ATOM 1603 C CB   . CYS A 1 102 ? 1.199   1.342   -9.540  1.00 0.00 ? 102 CYS A CB   1 
ATOM 1604 S SG   . CYS A 1 102 ? 1.913   0.882   -11.137 1.00 0.00 ? 102 CYS A SG   1 
ATOM 1605 H H    . CYS A 1 102 ? -0.181  2.406   -7.699  1.00 0.00 ? 102 CYS A H    1 
ATOM 1606 H HA   . CYS A 1 102 ? -0.294  2.557   -10.476 1.00 0.00 ? 102 CYS A HA   1 
ATOM 1607 H HB2  . CYS A 1 102 ? 1.769   2.155   -9.114  1.00 0.00 ? 102 CYS A HB2  1 
ATOM 1608 H HB3  . CYS A 1 102 ? 1.237   0.492   -8.872  1.00 0.00 ? 102 CYS A HB3  1 
ATOM 1609 N N    . VAL A 1 103 ? -1.161  -0.438  -9.359  1.00 0.00 ? 103 VAL A N    1 
ATOM 1610 C CA   . VAL A 1 103 ? -1.919  -1.642  -9.695  1.00 0.00 ? 103 VAL A CA   1 
ATOM 1611 C C    . VAL A 1 103 ? -3.399  -1.317  -9.905  1.00 0.00 ? 103 VAL A C    1 
ATOM 1612 O O    . VAL A 1 103 ? -4.101  -2.016  -10.637 1.00 0.00 ? 103 VAL A O    1 
ATOM 1613 C CB   . VAL A 1 103 ? -1.787  -2.685  -8.580  1.00 0.00 ? 103 VAL A CB   1 
ATOM 1614 C CG1  . VAL A 1 103 ? -0.323  -3.106  -8.448  1.00 0.00 ? 103 VAL A CG1  1 
ATOM 1615 C CG2  . VAL A 1 103 ? -2.264  -2.086  -7.253  1.00 0.00 ? 103 VAL A CG2  1 
ATOM 1616 H H    . VAL A 1 103 ? -0.694  -0.387  -8.499  1.00 0.00 ? 103 VAL A H    1 
ATOM 1617 H HA   . VAL A 1 103 ? -1.521  -2.059  -10.607 1.00 0.00 ? 103 VAL A HA   1 
ATOM 1618 H HB   . VAL A 1 103 ? -2.388  -3.550  -8.824  1.00 0.00 ? 103 VAL A HB   1 
ATOM 1619 H HG11 . VAL A 1 103 ? -0.189  -3.663  -7.532  1.00 0.00 ? 103 VAL A HG11 1 
ATOM 1620 H HG12 . VAL A 1 103 ? 0.305   -2.226  -8.429  1.00 0.00 ? 103 VAL A HG12 1 
ATOM 1621 H HG13 . VAL A 1 103 ? -0.048  -3.725  -9.290  1.00 0.00 ? 103 VAL A HG13 1 
ATOM 1622 H HG21 . VAL A 1 103 ? -3.307  -2.322  -7.106  1.00 0.00 ? 103 VAL A HG21 1 
ATOM 1623 H HG22 . VAL A 1 103 ? -2.136  -1.015  -7.275  1.00 0.00 ? 103 VAL A HG22 1 
ATOM 1624 H HG23 . VAL A 1 103 ? -1.683  -2.502  -6.442  1.00 0.00 ? 103 VAL A HG23 1 
ATOM 1625 N N    . HIS A 1 104 ? -3.868  -0.255  -9.254  1.00 0.00 ? 104 HIS A N    1 
ATOM 1626 C CA   . HIS A 1 104 ? -5.269  0.144   -9.378  1.00 0.00 ? 104 HIS A CA   1 
ATOM 1627 C C    . HIS A 1 104 ? -5.495  0.944   -10.659 1.00 0.00 ? 104 HIS A C    1 
ATOM 1628 O O    . HIS A 1 104 ? -6.578  0.908   -11.244 1.00 0.00 ? 104 HIS A O    1 
ATOM 1629 C CB   . HIS A 1 104 ? -5.691  0.995   -8.180  1.00 0.00 ? 104 HIS A CB   1 
ATOM 1630 C CG   . HIS A 1 104 ? -5.946  0.102   -6.997  1.00 0.00 ? 104 HIS A CG   1 
ATOM 1631 N ND1  . HIS A 1 104 ? -4.923  -0.358  -6.183  1.00 0.00 ? 104 HIS A ND1  1 
ATOM 1632 C CD2  . HIS A 1 104 ? -7.103  -0.427  -6.480  1.00 0.00 ? 104 HIS A CD2  1 
ATOM 1633 C CE1  . HIS A 1 104 ? -5.478  -1.127  -5.229  1.00 0.00 ? 104 HIS A CE1  1 
ATOM 1634 N NE2  . HIS A 1 104 ? -6.806  -1.202  -5.363  1.00 0.00 ? 104 HIS A NE2  1 
ATOM 1635 H H    . HIS A 1 104 ? -3.269  0.266   -8.680  1.00 0.00 ? 104 HIS A H    1 
ATOM 1636 H HA   . HIS A 1 104 ? -5.883  -0.744  -9.407  1.00 0.00 ? 104 HIS A HA   1 
ATOM 1637 H HB2  . HIS A 1 104 ? -4.903  1.694   -7.939  1.00 0.00 ? 104 HIS A HB2  1 
ATOM 1638 H HB3  . HIS A 1 104 ? -6.593  1.536   -8.421  1.00 0.00 ? 104 HIS A HB3  1 
ATOM 1639 H HD1  . HIS A 1 104 ? -3.969  -0.160  -6.285  1.00 0.00 ? 104 HIS A HD1  1 
ATOM 1640 H HD2  . HIS A 1 104 ? -8.093  -0.266  -6.879  1.00 0.00 ? 104 HIS A HD2  1 
ATOM 1641 H HE1  . HIS A 1 104 ? -4.920  -1.623  -4.449  1.00 0.00 ? 104 HIS A HE1  1 
ATOM 1642 N N    . ASP A 1 105 ? -4.464  1.667   -11.088 1.00 0.00 ? 105 ASP A N    1 
ATOM 1643 C CA   . ASP A 1 105 ? -4.567  2.474   -12.301 1.00 0.00 ? 105 ASP A CA   1 
ATOM 1644 C C    . ASP A 1 105 ? -3.940  1.744   -13.487 1.00 0.00 ? 105 ASP A C    1 
ATOM 1645 O O    . ASP A 1 105 ? -3.347  2.360   -14.372 1.00 0.00 ? 105 ASP A O    1 
ATOM 1646 C CB   . ASP A 1 105 ? -3.859  3.818   -12.112 1.00 0.00 ? 105 ASP A CB   1 
ATOM 1647 C CG   . ASP A 1 105 ? -4.709  4.720   -11.223 1.00 0.00 ? 105 ASP A CG   1 
ATOM 1648 O OD1  . ASP A 1 105 ? -5.788  5.095   -11.652 1.00 0.00 ? 105 ASP A OD1  1 
ATOM 1649 O OD2  . ASP A 1 105 ? -4.268  5.023   -10.126 1.00 0.00 ? 105 ASP A OD2  1 
ATOM 1650 H H    . ASP A 1 105 ? -3.625  1.660   -10.582 1.00 0.00 ? 105 ASP A H    1 
ATOM 1651 H HA   . ASP A 1 105 ? -5.610  2.657   -12.513 1.00 0.00 ? 105 ASP A HA   1 
ATOM 1652 H HB2  . ASP A 1 105 ? -2.897  3.656   -11.647 1.00 0.00 ? 105 ASP A HB2  1 
ATOM 1653 H HB3  . ASP A 1 105 ? -3.720  4.291   -13.072 1.00 0.00 ? 105 ASP A HB3  1 
ATOM 1654 N N    . ASN A 1 106 ? -4.081  0.421   -13.494 1.00 0.00 ? 106 ASN A N    1 
ATOM 1655 C CA   . ASN A 1 106 ? -3.526  -0.388  -14.576 1.00 0.00 ? 106 ASN A CA   1 
ATOM 1656 C C    . ASN A 1 106 ? -4.560  -0.580  -15.681 1.00 0.00 ? 106 ASN A C    1 
ATOM 1657 O O    . ASN A 1 106 ? -5.662  -1.072  -15.439 1.00 0.00 ? 106 ASN A O    1 
ATOM 1658 C CB   . ASN A 1 106 ? -3.093  -1.758  -14.053 1.00 0.00 ? 106 ASN A CB   1 
ATOM 1659 C CG   . ASN A 1 106 ? -2.223  -2.450  -15.097 1.00 0.00 ? 106 ASN A CG   1 
ATOM 1660 O OD1  . ASN A 1 106 ? -1.515  -1.792  -15.859 1.00 0.00 ? 106 ASN A OD1  1 
ATOM 1661 N ND2  . ASN A 1 106 ? -2.234  -3.753  -15.178 1.00 0.00 ? 106 ASN A ND2  1 
ATOM 1662 H H    . ASN A 1 106 ? -4.563  -0.017  -12.764 1.00 0.00 ? 106 ASN A H    1 
ATOM 1663 H HA   . ASN A 1 106 ? -2.664  0.119   -14.987 1.00 0.00 ? 106 ASN A HA   1 
ATOM 1664 H HB2  . ASN A 1 106 ? -2.530  -1.633  -13.140 1.00 0.00 ? 106 ASN A HB2  1 
ATOM 1665 H HB3  . ASN A 1 106 ? -3.967  -2.361  -13.858 1.00 0.00 ? 106 ASN A HB3  1 
ATOM 1666 H HD21 . ASN A 1 106 ? -2.798  -4.276  -14.571 1.00 0.00 ? 106 ASN A HD21 1 
ATOM 1667 H HD22 . ASN A 1 106 ? -1.679  -4.206  -15.846 1.00 0.00 ? 106 ASN A HD22 1 
ATOM 1668 N N    . ARG A 1 107 ? -4.192  -0.185  -16.895 1.00 0.00 ? 107 ARG A N    1 
ATOM 1669 C CA   . ARG A 1 107 ? -5.095  -0.318  -18.035 1.00 0.00 ? 107 ARG A CA   1 
ATOM 1670 C C    . ARG A 1 107 ? -5.394  -1.788  -18.309 1.00 0.00 ? 107 ARG A C    1 
ATOM 1671 O O    . ARG A 1 107 ? -4.536  -2.654  -18.136 1.00 0.00 ? 107 ARG A O    1 
ATOM 1672 C CB   . ARG A 1 107 ? -4.475  0.306   -19.287 1.00 0.00 ? 107 ARG A CB   1 
ATOM 1673 C CG   . ARG A 1 107 ? -4.822  1.795   -19.342 1.00 0.00 ? 107 ARG A CG   1 
ATOM 1674 C CD   . ARG A 1 107 ? -4.381  2.373   -20.688 1.00 0.00 ? 107 ARG A CD   1 
ATOM 1675 N NE   . ARG A 1 107 ? -5.467  2.301   -21.662 1.00 0.00 ? 107 ARG A NE   1 
ATOM 1676 C CZ   . ARG A 1 107 ? -5.215  2.173   -22.961 1.00 0.00 ? 107 ARG A CZ   1 
ATOM 1677 N NH1  . ARG A 1 107 ? -4.581  1.120   -23.402 1.00 0.00 ? 107 ARG A NH1  1 
ATOM 1678 N NH2  . ARG A 1 107 ? -5.603  3.097   -23.796 1.00 0.00 ? 107 ARG A NH2  1 
ATOM 1679 H H    . ARG A 1 107 ? -3.300  0.200   -17.029 1.00 0.00 ? 107 ARG A H    1 
ATOM 1680 H HA   . ARG A 1 107 ? -6.020  0.193   -17.812 1.00 0.00 ? 107 ARG A HA   1 
ATOM 1681 H HB2  . ARG A 1 107 ? -3.402  0.187   -19.254 1.00 0.00 ? 107 ARG A HB2  1 
ATOM 1682 H HB3  . ARG A 1 107 ? -4.865  -0.185  -20.166 1.00 0.00 ? 107 ARG A HB3  1 
ATOM 1683 H HG2  . ARG A 1 107 ? -5.889  1.920   -19.228 1.00 0.00 ? 107 ARG A HG2  1 
ATOM 1684 H HG3  . ARG A 1 107 ? -4.311  2.314   -18.545 1.00 0.00 ? 107 ARG A HG3  1 
ATOM 1685 H HD2  . ARG A 1 107 ? -4.093  3.405   -20.555 1.00 0.00 ? 107 ARG A HD2  1 
ATOM 1686 H HD3  . ARG A 1 107 ? -3.532  1.812   -21.055 1.00 0.00 ? 107 ARG A HD3  1 
ATOM 1687 H HE   . ARG A 1 107 ? -6.396  2.348   -21.352 1.00 0.00 ? 107 ARG A HE   1 
ATOM 1688 H HH11 . ARG A 1 107 ? -4.284  0.411   -22.761 1.00 0.00 ? 107 ARG A HH11 1 
ATOM 1689 H HH12 . ARG A 1 107 ? -4.392  1.023   -24.378 1.00 0.00 ? 107 ARG A HH12 1 
ATOM 1690 H HH21 . ARG A 1 107 ? -6.090  3.903   -23.458 1.00 0.00 ? 107 ARG A HH21 1 
ATOM 1691 H HH22 . ARG A 1 107 ? -5.413  3.000   -24.773 1.00 0.00 ? 107 ARG A HH22 1 
ATOM 1692 N N    . SER A 1 108 ? -6.623  -2.059  -18.739 1.00 0.00 ? 108 SER A N    1 
ATOM 1693 C CA   . SER A 1 108 ? -7.031  -3.431  -19.035 1.00 0.00 ? 108 SER A CA   1 
ATOM 1694 C C    . SER A 1 108 ? -6.601  -3.820  -20.447 1.00 0.00 ? 108 SER A C    1 
ATOM 1695 O O    . SER A 1 108 ? -6.823  -3.030  -21.351 1.00 0.00 ? 108 SER A O    1 
ATOM 1696 C CB   . SER A 1 108 ? -8.548  -3.575  -18.919 1.00 0.00 ? 108 SER A CB   1 
ATOM 1697 O OG   . SER A 1 108 ? -8.930  -4.872  -19.358 1.00 0.00 ? 108 SER A OG   1 
ATOM 1698 O OXT  . SER A 1 108 ? -6.057  -4.900  -20.603 1.00 0.00 ? 108 SER A OXT  1 
ATOM 1699 H H    . SER A 1 108 ? -7.265  -1.329  -18.857 1.00 0.00 ? 108 SER A H    1 
ATOM 1700 H HA   . SER A 1 108 ? -6.560  -4.097  -18.328 1.00 0.00 ? 108 SER A HA   1 
ATOM 1701 H HB2  . SER A 1 108 ? -8.846  -3.447  -17.891 1.00 0.00 ? 108 SER A HB2  1 
ATOM 1702 H HB3  . SER A 1 108 ? -9.029  -2.822  -19.528 1.00 0.00 ? 108 SER A HB3  1 
ATOM 1703 H HG   . SER A 1 108 ? -9.021  -5.433  -18.584 1.00 0.00 ? 108 SER A HG   1 
# 
